data_3ZVQ
# 
_entry.id   3ZVQ 
# 
_audit_conform.dict_name       mmcif_pdbx.dic 
_audit_conform.dict_version    5.398 
_audit_conform.dict_location   http://mmcif.pdb.org/dictionaries/ascii/mmcif_pdbx.dic 
# 
loop_
_database_2.database_id 
_database_2.database_code 
_database_2.pdbx_database_accession 
_database_2.pdbx_DOI 
PDB   3ZVQ         pdb_00003zvq 10.2210/pdb3zvq/pdb 
PDBE  EBI-49171    ?            ?                   
WWPDB D_1290049171 ?            ?                   
# 
loop_
_pdbx_audit_revision_history.ordinal 
_pdbx_audit_revision_history.data_content_type 
_pdbx_audit_revision_history.major_revision 
_pdbx_audit_revision_history.minor_revision 
_pdbx_audit_revision_history.revision_date 
1 'Structure model' 1 0 2011-10-19 
2 'Structure model' 1 1 2014-02-05 
3 'Structure model' 1 2 2019-05-15 
4 'Structure model' 1 3 2019-10-09 
5 'Structure model' 1 4 2023-12-20 
6 'Structure model' 1 5 2024-11-06 
# 
_pdbx_audit_revision_details.ordinal             1 
_pdbx_audit_revision_details.revision_ordinal    1 
_pdbx_audit_revision_details.data_content_type   'Structure model' 
_pdbx_audit_revision_details.provider            repository 
_pdbx_audit_revision_details.type                'Initial release' 
_pdbx_audit_revision_details.description         ? 
_pdbx_audit_revision_details.details             ? 
# 
loop_
_pdbx_audit_revision_group.ordinal 
_pdbx_audit_revision_group.revision_ordinal 
_pdbx_audit_revision_group.data_content_type 
_pdbx_audit_revision_group.group 
1  2 'Structure model' 'Database references'      
2  3 'Structure model' 'Data collection'          
3  3 'Structure model' 'Experimental preparation' 
4  3 'Structure model' Other                      
5  4 'Structure model' 'Data collection'          
6  4 'Structure model' 'Database references'      
7  4 'Structure model' Other                      
8  5 'Structure model' 'Data collection'          
9  5 'Structure model' 'Database references'      
10 5 'Structure model' 'Refinement description'   
11 6 'Structure model' 'Structure summary'        
# 
loop_
_pdbx_audit_revision_category.ordinal 
_pdbx_audit_revision_category.revision_ordinal 
_pdbx_audit_revision_category.data_content_type 
_pdbx_audit_revision_category.category 
1  3 'Structure model' exptl_crystal_grow            
2  3 'Structure model' pdbx_database_proc            
3  3 'Structure model' pdbx_database_status          
4  3 'Structure model' struct_biol                   
5  4 'Structure model' citation                      
6  4 'Structure model' citation_author               
7  4 'Structure model' pdbx_database_status          
8  5 'Structure model' chem_comp_atom                
9  5 'Structure model' chem_comp_bond                
10 5 'Structure model' database_2                    
11 5 'Structure model' pdbx_initial_refinement_model 
12 6 'Structure model' pdbx_entry_details            
13 6 'Structure model' pdbx_modification_feature     
# 
loop_
_pdbx_audit_revision_item.ordinal 
_pdbx_audit_revision_item.revision_ordinal 
_pdbx_audit_revision_item.data_content_type 
_pdbx_audit_revision_item.item 
1  3 'Structure model' '_exptl_crystal_grow.temp'                     
2  3 'Structure model' '_pdbx_database_status.recvd_author_approval'  
3  4 'Structure model' '_citation.page_last'                          
4  4 'Structure model' '_citation.pdbx_database_id_DOI'               
5  4 'Structure model' '_citation.title'                              
6  4 'Structure model' '_citation_author.name'                        
7  4 'Structure model' '_pdbx_database_status.status_code_sf'         
8  5 'Structure model' '_database_2.pdbx_DOI'                         
9  5 'Structure model' '_database_2.pdbx_database_accession'          
10 6 'Structure model' '_pdbx_entry_details.has_protein_modification' 
# 
_pdbx_database_status.status_code                     REL 
_pdbx_database_status.entry_id                        3ZVQ 
_pdbx_database_status.deposit_site                    PDBE 
_pdbx_database_status.process_site                    PDBE 
_pdbx_database_status.SG_entry                        . 
_pdbx_database_status.recvd_initial_deposition_date   2011-07-26 
_pdbx_database_status.pdb_format_compatible           Y 
_pdbx_database_status.status_code_sf                  REL 
_pdbx_database_status.status_code_mr                  ? 
_pdbx_database_status.status_code_cs                  ? 
_pdbx_database_status.methods_development_category    ? 
_pdbx_database_status.status_code_nmr_data            ? 
# 
loop_
_pdbx_database_related.db_name 
_pdbx_database_related.db_id 
_pdbx_database_related.content_type 
_pdbx_database_related.details 
PDB 1W6Z unspecified 'HIGH ENERGY TATRAGONAL LYSOZYME X-RAY STRUCTURE' 
PDB 1KXX unspecified 'ANALYSIS OF THE STABILIZATION OF HEN LYSOZYME WITH THE HELIX DIPOLE AND CHARGED SIDE CHAINS' 
PDB 2YBI unspecified 'NITRATE X-RAY INDUCED REDUCTION ON HEWL CRYSTALS (6. 62 MGY)' 
PDB 2YBN unspecified 'NITRATE X-RAY INDUCED REDUCTION ON HEWL CRYSTALS (28. 6 MGY)' 
PDB 3LYO unspecified 'CROSS-LINKED CHICKEN LYSOZYME CRYSTAL IN 95% ACETONITRILE-WATER' 
PDB 4LYO unspecified 'CROSS-LINKED CHICKEN LYSOZYME CRYSTAL IN NEAT ACETONITRILE, THEN BACK-SOAKED IN WATER' 
PDB 1T6V unspecified 
'CRYSTAL STRUCTURE ANALYSIS OF THE NURSE SHARK NEW ANTIGENRECEPTOR (NAR) VARIABLE DOMAIN IN COMPLEX WITH LYSOZYME' 
PDB 1KIP unspecified 'FV MUTANT Y(B 32)A (VH DOMAIN) OF MOUSE MONOCLONAL ANTIBODY D1.3 COMPLEXED WITH HEN EGG WHITE LYSOZYME' 
PDB 1VDS unspecified 'THE CRYSTAL STRUCTURE OF THE TETRAGONAL FORM OF HEN EGGWHITE LYSOZYME AT 1.6 ANGSTROMS RESOLUTION IN SPACE' 
PDB 1IC7 unspecified 'CRYSTAL STRUCTURE OF HYHEL-10 FV MUTANT(HD32A99A)- HENLYSOZYME COMPLEX' 
PDB 1LZT unspecified 'LYSOZYME , TRICLINIC CRYSTAL FORM' 
PDB 2XBR unspecified 'RAMAN CRYSTALLOGRAPHY OF HEN WHITE EGG LYSOZYME - LOW X-RAY DOSE (0.2 MGY)' 
PDB 1KIR unspecified 'FV MUTANT Y(A 50)S (VL DOMAIN) OF MOUSE MONOCLONAL ANTIBODY D1.3 COMPLEXED WITH HEN EGG WHITE LYSOZYME' 
PDB 1LYS unspecified LYSOZYME 
PDB 1E8L unspecified 'NMR SOLUTION STRUCTURE OF HEN LYSOZYME' 
PDB 1BWJ unspecified 'THE 1.8 A STRUCTURE OF MICROGRAVITY GROWN TETRAGONAL HEN EGG WHITE LYSOZYME' 
PDB 132L unspecified LYSOZYME 
PDB 1YIL unspecified 'STRUCTURE OF HEN EGG WHITE LYSOZYME SOAKED WITH CU2- XYLYLBICYCLAM' 
PDB 1HEO unspecified 'LYSOZYME MUTANT WITH ILE 55 REPLACED BY VAL (I55V)' 
PDB 1SFG unspecified 'BINDING OF HEXA-N-ACETYLCHITOHEXAOSE: A POWDER DIFFRACTIONSTUDY' 
PDB 1KXW unspecified 'ANALYSIS OF THE STABILIZATION OF HEN LYSOZYME WITH THE HELIX DIPOLE AND CHARGED SIDE CHAINS' 
PDB 2C8O unspecified 'LYSOZYME (1SEC) AND UV LASR EXCITED FLUORESCENCE' 
PDB 2X0A unspecified 
'MPD-LYSOZYME STRUCTURE AT 55.5 KEV USING A TRIXXEL CSI-ASI BASED DIGITAL IMAGER AND THE NEW ESRF U22 UNDULATOR SOURCE AT ID15' 
PDB 1SF4 unspecified 
;BINDING OF N,N'-DIACETYLCHITOBIOSE TO HEW LYSOZYME: APOWDER DIFFRACTION STUDY
;
PDB 1G7L unspecified 
'CRYSTAL STRUCTURE OF HEN EGG WHITE LYSOZYME (HEL) COMPLEXEDWITH THE MUTANT ANTI-HEL MONOCLONAL ANTIBODY D1 .3 (VLW92S)' 
PDB 1YL1 unspecified 'EFFECT OF ALCOHOLS ON PROTEIN HYDRATION' 
PDB 1IOR unspecified 'STABILIZATION OF HEN EGG WHITE LYSOZYME BY A CAVITY- FILLINGMUTATION' 
PDB 1H87 unspecified 'GADOLINIUM DERIVATIVE OF TETRAGONAL HEN EGG-WHITE LYSOZYME AT 1.7 A RESOLUTION' 
PDB 3LYT unspecified 'LYSOZYME (100 KELVIN)' 
PDB 1LJG unspecified 'CRYSTAL STRUCTURE OF MONOCLINIC LYSOZYME GROWN IN PRESENCEOF 5% GLYCEROL' 
PDB 1IOT unspecified 'STABILIZATION OF HEN EGG WHITE LYSOZYME BY A CAVITY- FILLINGMUTATION' 
PDB 1DPX unspecified 'STRUCTURE OF HEN EGG-WHITE LYSOZYME' 
PDB 1V7S unspecified 'TRICLINIC HEN LYSOZYME CRYSTALLIZED AT 313K FROM A D2OSOLUTION' 
PDB 1JA6 unspecified 'BINDING OF N-ACETYLGLUCOSAMINE TO CHICKEN EGG LYSOZYME : APOWDER DIFFRACTION STUDY' 
PDB 1JIS unspecified 'CRYSTAL STRUCTURE OF TETRAGONAL LYSOZYME GROWN AT PH 4 .6' 
PDB 1IR8 unspecified 'IM MUTANT OF LYSOZYME' 
PDB 2W1M unspecified 
'THE INTERDEPENDENCE OF WAVELENGTH, REDUNDANCY AND DOSE IN SULFUR SAD EXPERIMENTS: 2.070 A WAVELENGTH WITH 2THETA 30 DEGREES DATA' 
PDB 1UIC unspecified 'ANALYSIS OF THE STABILIZATION OF HEN LYSOZYME WITH THE HELIX DIPOLE AND CHARGED SIDE CHAINS' 
PDB 1YKZ unspecified 'EFFECT OF ALCOHOLS ON PROTEIN HYDRATION' 
PDB 1XGQ unspecified 'STRUCTURE FOR ANTIBODY HYHEL-63 Y33V MUTANT COMPLEXED WITHHEN EGG LYSOZYME' 
PDB 1UIE unspecified 'ANALYSIS OF THE STABILIZATION OF HEN LYSOZYME WITH THE HELIX DIPOLE AND CHARGED SIDE CHAINS' 
PDB 2WAR unspecified 'HEN EGG WHITE LYSOZYME E35Q CHITOPENTAOSE COMPLEX' 
PDB 1LJI unspecified 'CRYSTAL STRUCTURE OF MONOCLINIC LYSOZYME GROWN IN PRESENCE10% SORBITOL' 
PDB 1DPW unspecified 'STRUCTURE OF HEN EGG-WHITE LYSOZYME IN COMPLEX WITH MPD' 
PDB 8LYZ unspecified 'LYSOZYME IODINE-INACTIVATED' 
PDB 1LJ3 unspecified 'CRYSTAL STRUCTURE OF MONOCLINIC LYSOZYME GROWN AT PH 4 .6' 
PDB 2IFF unspecified 'IGG1 FAB FRAGMENT (HYHEL-5) COMPLEXED WITH LYSOZYME MUTANT WITH ARG 68 REPLACED BY LYS (R68K)' 
PDB 2LYO unspecified 'CROSS-LINKED CHICKEN LYSOZYME CRYSTAL IN 90% ACETONITRILE-WATER' 
PDB 1BWI unspecified 'THE 1.8 A STRUCTURE OF MICROBATCH OIL DROP GROWN TETRAGONAL HEN EGG WHITE LYSOZYME' 
PDB 1G7H unspecified 
'CRYSTAL STRUCTURE OF HEN EGG WHITE LYSOZYME (HEL) COMPLEXEDWITH THE MUTANT ANTI-HEL MONOCLONAL ANTIBODY D1 .3(VLW92A)' 
PDB 1LKS unspecified 'HEN EGG WHITE LYSOZYME NITRATE' 
PDB 1JJ0 unspecified 'CRYSTAL STRUCTURE OF TETRAGONAL LYSOZYME GROWN IN PRESENCEOF 30% SUCROSE' 
PDB 1RFP unspecified 'ANALYSIS OF THE STABILIZATION OF HEN LYSOZYME WITH THE HELIX DIPOLE AND CHARGED SIDE CHAINS' 
PDB 5LYT unspecified 'LYSOZYME (100 KELVIN)' 
PDB 1JIY unspecified 'CRYSTAL STRUCTURE OF TETRAGONAL LYSOZYME GROWN IN PRESENCE20% SORBITOL' 
PDB 1SFB unspecified 'BINDING OF PENTA-N-ACETYLCHITOPENTAOSE TO HEW LYSOZYME : APOWDER DIFFRACTION STUDY' 
PDB 1IR7 unspecified 'IM MUTANT OF LYSOZYME' 
PDB 1IEE unspecified 
'STRUCTURE OF TETRAGONAL HEN EGG WHITE LYSOZYME AT 0. 94 AFROM CRYSTALS GROWN BY THE COUNTER-DIFFUSION METHOD' 
PDB 1XEI unspecified 'THE CRYSTAL STRUCTURES OF LYSOZYME AT VERY LOW LEVELS OF HYDRATION' 
PDB 1HEL unspecified 'HEN EGG-WHITE LYSOZYME WILD TYPE' 
PDB 1XEK unspecified 'THE CRYSTAL STRUCTURES OF LYSOZYME AT VERY LOW LEVELS OF HYDRATION' 
PDB 1AT6 unspecified 'HEN EGG WHITE LYSOZYME WITH A ISOASPARTATE RESIDUE' 
PDB 1LJF unspecified 'CRYSTAL STRUCTURE OF MONOCLINIC LYSOZYME GROWN IN PRESENCEOF 10% SUCROSE' 
PDB 2YDG unspecified 'ASCORBATE CO-CRYSTALLIZED HEWL.' 
PDB 1MLC unspecified 'MONOCLONAL ANTIBODY FAB D44.1 RAISED AGAINST CHICKEN EGG-WHITE LYSOZYME COMPLEXED WITH LYSOZYME' 
PDB 1F10 unspecified 'CRYSTAL STRUCTURE OF ORTHORHOMBIC LYSOZYME GROWN AT PH 6.5 AT 88% RELATIVE HUMIDITY' 
PDB 2B5Z unspecified 'HEN LYSOZYME CHEMICALLY GLYCOSYLATED' 
PDB 193L unspecified 'THE 1.33 A STRUCTURE OF TETRAGONAL HEN EGG WHITE LYSOZYME' 
PDB 1LSZ unspecified 'LYSOZYME MUTANT WITH ASP 52 REPLACED BY SER (D52S) COMPLEXED WITH GLCNAC4 (TETRA-N-ACETYL CHITOTETRAOSE)' 
PDB 2YBM unspecified 'NITRATE X-RAY INDUCED REDUCTION ON HEWL CRYSTALS (23. 3 MGY)' 
PDB 1LJK unspecified 'CRYSTAL STRUCTURE OF MONOCLINIC LYSOZYME GROWN IN PRESENCEOF 15% TREHALOSE' 
PDB 6LYT unspecified 'LYSOZYME (298 KELVIN)' 
PDB 1SQ2 unspecified 
'CRYSTAL STRUCTURE ANALYSIS OF THE NURSE SHARK NEW ANTIGENRECEPTOR (NAR) VARIABLE DOMAIN IN COMPLEX WITH LYXOZYME' 
PDB 1VDQ unspecified 'THE CRYSTAL STRUCTURE OF THE ORTHORHOMBIC FORM OF HEN EGGWHITE LYSOZYME AT 1.5 ANGSTROMS RESOLUTION' 
PDB 1ZMY unspecified 'CABBCII-10 VHH FRAMEWORK WITH CDR LOOPS OF CABLYS3 GRAFTEDON IT AND IN COMPLEX WITH HEN EGG WHITE LYSOZYME' 
PDB 2YBH unspecified 'NITRATE X-RAY INDUCED REDUCTION ON HEWL CRYSTALS (2. 31 MGY).' 
PDB 2D91 unspecified 'STRUCTURE OF HYPER-VIL-LYSOZYME' 
PDB 2XTH unspecified 'K2PTBR6 BINDING TO LYSOZYME' 
PDB 1LJE unspecified 'CRYSTAL STRUCTURE OF MONOCLINIC LYSOZYME GROWN IN PRESENCEOF 10% SUCROSE' 
PDB 1LZE unspecified 'LYSOZYME MUTANT WITH TRP 62 REPLACED BY TYR (W62Y) CO-CRYSTALLIZED WITH TRI-N-ACETYL-CHITOTRIOSE (PH 4. 7)' 
PDB 1B2K unspecified 'STRUCTURAL EFFECTS OF MONOVALENT ANIONS ON POLYMORPHIC LYSOZYME CRYSTALS' 
PDB 2YBJ unspecified 'NITRATE X-RAY INDUCED REDUCTION ON HEWL CRYSTALS (12. 31 MGY).' 
PDB 1AKI unspecified 'THE STRUCTURE OF THE ORTHORHOMBIC FORM OF HEN EGG- WHITE LYSOZYME AT 1.5 ANGSTROMS RESOLUTION' 
PDB 1UIA unspecified 'ANALYSIS OF THE STABILIZATION OF HEN LYSOZYME WITH THE HELIX DIPOLE AND CHARGED SIDE CHAINS' 
PDB 1HEN unspecified 'LYSOZYME MUTANT WITH ILE 55 REPLACED BY VAL AND SER 91 REPLACED BY THR (I55V,S91T)' 
PDB 1YIK unspecified 'STRUCTURE OF HEN EGG WHITE LYSOZYME SOAKED WITH CU- CYCLAM' 
PDB 1XFP unspecified 'CRYSTAL STRUCTURE OF THE CDR2 GERMLINE REVERSION MUTANT OFCAB-LYS3 IN COMPLEX WITH HEN EGG WHITE LYSOZYME' 
PDB 2D6B unspecified 'NOVEL BROMATE SPECIES TRAPPED WITHIN A PROTEIN CRYSTAL' 
PDB 1NDG unspecified 'CRYSTAL STRUCTURE OF FAB FRAGMENT OF ANTIBODY HYHEL- 8COMPLEXED WITH ITS ANTIGEN LYSOZYME' 
PDB 1LPI unspecified 'HEW LYSOZYME: TRP...NA CATION-PI INTERACTION' 
PDB 1LSD unspecified 'LYSOZYME (280 K)' 
PDB 1FLW unspecified 'HEN EGG WHITE LYSOZYME MUTANT WITH ALANINE SUBSTITUTED FORGLYCINE' 
PDB 2BLX unspecified 
;HEWL BEFORE A HIGH DOSE X-RAY "BURN"
;
PDB 6LYZ unspecified LYSOZYME 
PDB 1LSG unspecified 
;MOL_ID: 1; MOLECULE: LYSOZYME MODIFIED WITH HUMAN FIBRINOGEN GAMMA; CHAIN: NULL; ENGINEERED; THE 14- RESIDUE C-TERMINUS (RESIDUES 398 - 411) OF THE HUMAN FIBRINOGEN GAMMA CHAIN FUSED TO THE C-TERMINUS OF CHICKEN EGG WHITE LYSOZYME; MUTATION: N-TERM MET
;
PDB 1NBZ unspecified 'CRYSTAL STRUCTURE OF HYHEL-63 COMPLEXED WITH HEL MUTANT K96A' 
PDB 4LYT unspecified 'LYSOZYME (298 KELVIN)' 
PDB 3HFM unspecified 'IGG1 FAB FRAGMENT (HYHEL-10) AND LYSOZYME COMPLEX' 
PDB 1VED unspecified 
'THE CRYSTAL STRUCTURE OF THE ORTHORHOMBIC FORM OF HEN EGGWHITE LYSOZYME AT 1.9 ANGSTROMS RESOLUTION IN SPACE' 
PDB 1JIT unspecified 'CRYSTAL STRUCTURE OF TETRAGONAL LYSOZYME GROWN IN PRESENCE30% TREHALOSE' 
PDB 1LZN unspecified 'NEUTRON STRUCTURE OF HEN EGG-WHITE LYSOZYME' 
PDB 1WTN unspecified 'THE STRUCTURE OF HEW LYSOZYME ORTHORHOMBIC CRYSTAL GROWTHUNDER A HIGH MAGNETIC FIELD' 
PDB 1LYZ unspecified LYSOZYME 
PDB 1UUZ unspecified 'IVY:A NEW FAMILY OF PROTEIN' 
PDB 1JA2 unspecified 'BINDING OF N-ACETYLGLUCOSAMINE TO CHICKEN EGG LYSOZYME : APOWDER DIFFRACTION STUDY' 
PDB 2D4I unspecified 'MONOCLINIC HEN EGG-WHITE LYSOZYME CRYSTALLIZED AT PH4. 5FORM HEAVY WATER SOLUTION' 
PDB 2XBS unspecified 'RAMAN CRYSTALLOGRAPHY OF HEN WHITE EGG LYSOZYME - HIGH X-RAY DOSE (16 MGY)' 
PDB 2FBB unspecified 'CRYSTAL STRUCTURE ANALYSIS OF HEXAGONAL LYSOZYME' 
PDB 1FDL unspecified 'IGG1 FAB FRAGMENT (ANTI-LYSOZYME ANTIBODY D1.3, KAPPA ) - LYSOZYME COMPLEX' 
PDB 2LYM unspecified 'LYSOZYME (1 ATMOSPHERE, 1.4 M NACL)' 
PDB 1LZ9 unspecified 'ANOMALOUS SIGNAL OF SOLVENT BROMINES USED FOR PHASING OF LYSOZYME' 
PDB 1LZH unspecified 'LYSOZYME (MONOCLINIC)' 
PDB 1LSE unspecified 'LYSOZYME (295 K)' 
PDB 1GXX unspecified 'SOLUTION STRUCTURE OF LYSOZYME AT LOW AND HIGH PRESSURE' 
PDB 1LSM unspecified 
'LYSOZYME MUTANT WITH ILE 55 REPLACED BY LEU, SER 91 REPLACED BY THR, AND ASP 101 REPLACED BY SER (I55L ,S91T,D101S)' 
PDB 7LYZ unspecified 'LYSOZYME TRICLINIC CRYSTAL FORM' 
PDB 3LYM unspecified 'LYSOZYME (1000 ATMOSPHERES, 1.4 M NACL)' 
PDB 1JJ3 unspecified 'CRYSTAL STRUCTURE OF MONOCLINIC LYSOZYME GROWN AT PH 4 .6' 
PDB 1YKY unspecified 'EFFECT OF ALCOHOLS ON PROTEIN HYDRATION' 
PDB 1HEQ unspecified 'LYSOZYME MUTANT WITH THR 40 REPLACED BY SER AND SER 91 REPLACED BY THR (T40S,S91T)' 
PDB 1KIQ unspecified 'FV MUTANT Y(B 101)F (VH DOMAIN) OF MOUSE MONOCLONAL ANTIBODY D1.3 COMPLEXED WITH HEN EGG WHITE LYSOZYME' 
PDB 1T3P unspecified 'HALF-SANDWICH ARENE RUTHENIUM(II)-ENZYME COMPLEX' 
PDB 1UIH unspecified 'ANALYSIS OF THE STABILIZATION OF HEN LYSOZYME WITH THE HELIX DIPOLE AND CHARGED SIDE CHAINS' 
PDB 2LZH unspecified 'LYSOZYME (ORTHORHOMBIC)' 
PDB 1KXY unspecified 'ANALYSIS OF THE STABILIZATION OF HEN LYSOZYME WITH THE HELIX DIPOLE AND CHARGED SIDE CHAINS' 
PDB 2W1L unspecified 
'THE INTERDEPENDENCE OF WAVELENGTH, REDUNDANCY AND DOSE IN SULFUR SAD EXPERIMENTS: 0.979 A WAVELENGTH 991 IMAGES DATA' 
PDB 1B0D unspecified 'STRUCTURAL EFFECTS OF MONOVALENT ANIONS ON POLYMORPHIC LYSOZYME CRYSTALS' 
PDB 2BLY unspecified 
;HEWL AFTER A HIGH DOSE X-RAY "BURN"
;
PDB 1G7J unspecified 
'CRYSTAL STRUCTURE OF HEN EGG WHITE LYSOZYME (HEL) COMPLEXEDWITH THE MUTANT ANTI-HEL MONOCLONAL ANTIBODY D1 .3 (VLW92H)' 
PDB 1HER unspecified 'LYSOZYME MUTANT WITH THR 40 REPLACED BY SER (T40S)' 
PDB 1BHZ unspecified 'LOW TEMPERATURE MIDDLE RESOLUTION STRUCTURE OF HEN EGG WHITE LYSOZYME FROM MASC DATA' 
PDB 1WTM unspecified 
;X-RAY STRUCTURE OF HEW LYSOZYME ORTHORHOMBIC CRYSTAL FORMEDIN THE EARTH'S MAGNETIC FIELD
;
PDB 1HEP unspecified 
'LYSOZYME MUTANT WITH THR 40 REPLACED BY SER, ILE 55 REPLACED BY VAL, AND SER 91 REPLACED BY THR (T40S ,I55V,S91T)' 
PDB 1IOQ unspecified 'STABILIZATION OF HEN EGG WHITE LYSOZYME BY A CAVITY- FILLINGMUTATION' 
PDB 1NBY unspecified 'CRYSTAL STRUCTURE OF HYHEL-63 COMPLEXED WITH HEL MUTANT K96A' 
PDB 1JTT unspecified 'DEGENERATE INTERFACES IN ANTIGEN-ANTIBODY COMPLEXES' 
PDB 1QIO unspecified 'SPECIFIC CHEMICAL AND STRUCTURAL DAMAGE CAUSED BY INTENSE SYNCHROTRON RADIATION TO HEN EGG WHITE LYSOZYME' 
PDB 1LZA unspecified LYSOZYME 
PDB 1PS5 unspecified 'STRUCTURE OF THE MONOCLINIC C2 FORM OF HEN EGG- WHITELYSOZYME AT 2.0 ANGSTROMS RESOLUTION' 
PDB 1XGP unspecified 'STRUCTURE FOR ANTIBODY HYHEL-63 Y33A MUTANT COMPLEXED WITHHEN EGG LYSOZYME' 
PDB 1GWD unspecified 'TRI-IODIDE DERIVATIVE OF HEN EGG-WHITE LYSOZYME' 
PDB 1V7T unspecified 'TRICLINIC LYSOZYME WITH LOW SOLVENT CONTENT OBTAINED BYPHASE TRANSITION' 
PDB 1JPO unspecified 'LOW TEMPERATURE ORTHORHOMBIC LYSOZYME' 
PDB 1H6M unspecified 'COVALENT GLYCOSYL-ENZYME INTERMEDIATE OF HEN EGG WHITE LYSOZYME' 
PDB 1J1P unspecified 'CRYSTAL STRUCTURE OF HYHEL-10 FV MUTANT LS91A COMPLEXEDWITH HEN EGG WHITE LYSOZYME' 
PDB 1DQJ unspecified 'CRYSTAL STRUCTURE OF THE ANTI-LYSOZYME ANTIBODY HYHEL- 63 COMPLEXED WITH HEN EGG WHITE LYSOZYME' 
PDB 2A7D unspecified 
'ON THE ROUTINE USE OF SOFT X-RAYS IN MACROMOLECULARCRYSTALLOGRAPHY, PART III- THE OPTIMAL DATA COLLECTIONWAVELENGTH' 
PDB 1LJJ unspecified 'CRYSTAL STRUCTURE OF MONOCLINIC LYSOZYME GROWN IN PRESENCEOF 10% TREHALOSE' 
PDB 2C8P unspecified 'LYSOZYME (60SEC) AND UV LASER EXCITED FLUORESCENCE' 
PDB 1Z55 unspecified 'EFFECT OF ALCOHOLS ON PROTEIN HYDRATION' 
PDB 1LSB unspecified 'LYSOZYME (180 K)' 
PDB 1F0W unspecified 'CRYSTAL STRUCTURE OF ORTHORHOMBIC LYSOZYME GROWN AT PH 6.5' 
PDB 2W1X unspecified 
'THE INTERDEPENDENCE OF WAVELENGTH, REDUNDANCY AND DOSE IN SULFUR SAD EXPERIMENTS: 1.284 A WAVELENGTH 360 IMAGES DATA' 
PDB 1LZG unspecified 'LYSOZYME MUTANT WITH TRP 62 REPLACED BY PHE (W62F) CO-CRYSTALLIZED WITH TRI-N-ACETYL-CHITOTRIOSE (PH 4. 7)' 
PDB 1FLQ unspecified 'HEN EGG WHITE LYSOZYME MUTANT WITH ALANINE SUBSTITUTED FORGLYCINE' 
PDB 1LZC unspecified 'LYSOZYME CO-CRYSTALLIZED WITH TETRA-N-ACETYL- CHITOTETRAOSE (PH 4.7)' 
PDB 1JJ1 unspecified 'CRYSTAL STRUCTURE OF ORTHORHOMBIC LYSOZYME GROWN AT PH 4.6IN PRESENCE OF 5% SORBITOL' 
PDB 1RCM unspecified 'LYSOZYME (PARTIALLY REDUCED, CARBOXYMETHYLATED (6,127-RCM ))' 
PDB 2YBL unspecified 'NITRATE X-RAY INDUCED REDUCTION ON HEWL CRYSTALS (17. 9 MGY)' 
PDB 1YQV unspecified 'THE CRYSTAL STRUCTURE OF THE ANTIBODY FAB HYHEL5 COMPLEXWITH LYSOZYME AT 1.7A RESOLUTION' 
PDB 1UID unspecified 'ANALYSIS OF THE STABILIZATION OF HEN LYSOZYME WITH THE HELIX DIPOLE AND CHARGED SIDE CHAINS' 
PDB 1BGI unspecified 'ORTHORHOMBIC LYSOZYME CRYSTALLIZED AT HIGH TEMPERATURE (310K)' 
PDB 1HSX unspecified 'LYSOZYME GROWN AT BASIC PH AND ITS LOW HUMIDITY VARIANT' 
PDB 1LCN unspecified 'MONOCLINIC HEN EGG WHITE LYSOZYME, THIOCYANATE COMPLEX' 
PDB 1LZD unspecified 'LYSOZYME MUTANT WITH TRP 62 REPLACED BY TYR (W62Y)' 
PDB 1HEW unspecified 'LYSOZYME COMPLEXED WITH THE INHIBITOR TRI-N- ACETYLCHITOTRIOSE' 
PDB 2CDS unspecified LYSOZYME 
PDB 2VB1 unspecified 'HEWL AT 0.65 ANGSTROM RESOLUTION' 
PDB 2AUB unspecified 'LYSOZYME STRUCTURE DERIVED FROM THIN-FILM-BASED CRYSTALS' 
PDB 1UIB unspecified 'ANALYSIS OF THE STABILIZATION OF HEN LYSOZYME WITH THE HELIX DIPOLE AND CHARGED SIDE CHAINS' 
PDB 1HF4 unspecified 'STRUCTURAL EFFECTS OF MONOVALENT ANIONS ON POLYMORPHIC LYSOZYME CRYSTALS' 
PDB 1J1X unspecified 'CRYSTAL STRUCTURE OF HYHEL-10 FV MUTANT LS93A COMPLEXEDWITH HEN EGG WHITE LYSOZYME' 
PDB 1IR9 unspecified 'IM MUTANT OF LYSOZYME' 
PDB 1IOS unspecified 'STABILIZATION OF HEN EGG WHITE LYSOZYME BY A CAVITY- FILLINGMUTATION' 
PDB 2CGI unspecified 
'SIRAS STRUCTURE OF TETRAGONAL LYSOSYME USING DERIVATIVE DATA COLLECTED AT THE HIGH ENERGY REMOTE HOLMIUM KEDGE' 
PDB 1RJC unspecified 'CRYSTAL STRUCTURE OF THE CAMELID SINGLE DOMAIN ANTIBODY CAB-LYS2 IN COMPLEX WITH HEN EGG WHITE LYSOZYME' 
PDB 1UC0 unspecified 
;CRYSTAL STRUCTURE OF WILD-TYPE HEN-EGG WHITE LYSOZYMESINGLY LABELED WITH 2',3'-EPOXYPROPYL BETA- GLYCOSIDE OF N-ACETYLLACTOSAMINE
;
PDB 1AZF unspecified 'CHICKEN EGG WHITE LYSOZYME CRYSTAL GROWN IN BROMIDE SOLUTION' 
PDB 1IC4 unspecified 'CRYSTAL STRUCTURE OF HYHEL-10 FV MUTANT(HD32A)-HEN LYSOZYMECOMPLEX' 
PDB 1LJH unspecified 'CRYSTAL STRUCTURE OF MONOCLINIC LYSOZYME GROWN IN PRESENCEOF 5% GLYCEROL' 
PDB 4LYZ unspecified LYSOZYME 
PDB 1GPQ unspecified 'STRUCTURE OF IVY COMPLEXED WITH ITS TARGET, HEWL' 
PDB 2A6U unspecified 'PH EVOLUTION OF TETRAGONAL HEWL AT 4 DEGREES CELCIUS.' 
PDB 2D4K unspecified 'MONOCLINIC HEN EGG-WHITE LYSOZYME CRYSTALLIZED AT 313K' 
PDB 1XEJ unspecified 'THE CRYSTAL STRUCTURES OF LYSOZYME AT VERY LOW LEVELS OF HYDRATION' 
PDB 1JA7 unspecified 'BINDING OF N-ACETYLGLUCOSAMINE TO CHICKEN EGG LYSOZYME : APOWDER DIFFRACTION STUDY' 
PDB 1MEL unspecified 'CRYSTAL STRUCTURE OF A CAMEL SINGLE-DOMAIN VH ANTIBODY FRAGMENT IN COMPLEX WITH LYSOZYME' 
PDB 1RI8 unspecified 'CRYSTAL STRUCTURE OF THE CAMELID SINGLE DOMAIN ANTIBODY1D2L19 IN COMPLEX WITH HEN EGG WHITE LYSOZYME' 
PDB 1UIG unspecified 'ANALYSIS OF THE STABILIZATION OF HEN LYSOZYME WITH THE HELIX DIPOLE AND CHARGED SIDE CHAINS' 
PDB 1BVX unspecified 'THE 1.8 A STRUCTURE OF GEL GROWN TETRAGONAL HEN EGG WHITE LYSOZYME' 
PDB 1C10 unspecified 'CRYSTAL STRUCTURE OF HEW LYSOZYME UNDER PRESSURE OF XENON (8 BAR)' 
PDB 1QTK unspecified 'CRYSTAL STRUCTURE OF HEW LYSOZYME UNDER PRESSURE OF KRYPTON (55 BAR)' 
PDB 1LKR unspecified 'MONOCLINIC HEN EGG WHITE LYSOZYME IODIDE' 
PDB 2XJW unspecified 'LYSOZYME-CO RELEASING MOLECULE ADDUCT' 
PDB 1LYO unspecified 'CROSS-LINKED LYSOZYME CRYSTAL IN NEAT WATER' 
PDB 1N4F unspecified 'PARA-ARSANILATE DERIVATIVE OF HEN EGG-WHITE LYSOZYME' 
PDB 1HSW unspecified 'LYSOZYME (MUCOPEPTIDE N-ACETYLMURAMYL HYDROLASE)' 
PDB 1G7M unspecified 
'CRYSTAL STRUCTURE OF HEN EGG WHITE LYSOZYME (HEL) COMPLEXEDWITH THE MUTANT ANTI-HEL MONOCLONAL ANTIBODY D1 .3 (VLW92V)' 
PDB 1JTO unspecified 'DEGENERATE INTERFACES IN ANTIGEN-ANTIBODY COMPLEXES' 
PDB 2W1Y unspecified 
'THE INTERDEPENDENCE OF WAVELENGTH, REDUNDANCY AND DOSE IN SULFUR SAD EXPERIMENTS: 1.540 A WAVELENGTH 180 IMAGES DATA' 
PDB 1SF7 unspecified 'BINDING OF TETRA-N-ACETYLCHITOTETRAOSE TO HEW LYSOZYME : APOWDER DIFFRACTION STUDY' 
PDB 1LSF unspecified 'LYSOZYME (95 K)' 
PDB 1FN5 unspecified 'HEN EGG WHITE LYSOZYME MUTANT WITH ALANINE SUBSTITUTED FORGLYCINE' 
PDB 2D4J unspecified 'TRANSFORMED MONOCLINIC CRYSTAL OF HEN EGG-WHITE LYSOZYMEFROM A HEAVY WATER SOLUTION' 
PDB 5LYZ unspecified LYSOZYME 
PDB 3LZT unspecified 'REFINEMENT OF TRICLINIC LYSOZYME AT ATOMIC RESOLUTION' 
PDB 1C08 unspecified 'CRYSTAL STRUCTURE OF HYHEL-10 FV-HEN LYSOZYME COMPLEX' 
PDB 1NDM unspecified 'CRYSTAL STRUCTURE OF FAB FRAGMENT OF ANTIBODY HYHEL- 26COMPLEXED WITH LYSOZYME' 
PDB 1SF6 unspecified 
;BINDING OF N,N',N"-TRIACETYLCHITOTRIOSE TO HEW LYSOZYME: APOWDER DIFFRACTION STUDY
;
PDB 3LYZ unspecified LYSOZYME 
PDB 1BVK unspecified 'HUMANIZED ANTI-LYSOZYME FV COMPLEXED WITH LYSOZYME' 
PDB 1UIF unspecified 'ANALYSIS OF THE STABILIZATION OF HEN LYSOZYME WITH THE HELIX DIPOLE AND CHARGED SIDE CHAINS' 
PDB 2LYZ unspecified LYSOZYME 
PDB 1VAU unspecified 'XENON DERIVATIVE OF HEN EGG-WHITE LYSOZYME' 
PDB 1LMA unspecified 'LYSOZYME (88 PERCENT HUMIDITY)' 
PDB 1FLY unspecified 'HEN EGG WHITE LYSOZYME MUTANT WITH ALANINE SUBSTITUTED FORGLYCINE' 
PDB 1YL0 unspecified 'EFFECT OF ALCOHOLS ON PROTEIN HYDRATION' 
PDB 1HC0 unspecified 'STRUCTURE OF LYSOZYME WITH PERIODATE' 
PDB 1J1O unspecified 'CRYSTAL STRUCTURE OF HYHEL-10 FV MUTANT LY50F COMPLEXEDWITH HEN EGG WHITE LYSOZYME' 
PDB 2LZT unspecified 'LYSOZYME , TRICLINIC CRYSTAL FORM' 
PDB 4LZT unspecified 'ATOMIC RESOLUTION REFINEMENT OF TRICLINIC HEW LYSOZYME AT 295K' 
PDB 1A2Y unspecified 'HEN EGG WHITE LYSOZYME, D18A MUTANT, IN COMPLEX WITH MOUSE MONOCLONAL ANTIBODY D1.3' 
PDB 1UCO unspecified 'HEN EGG-WHITE LYSOZYME, LOW HUMIDITY FORM' 
PDB 1LSY unspecified 'LYSOZYME MUTANT WITH ASP 52 REPLACED BY SER (D52S)' 
PDB 1P2C unspecified 'CRYSTAL STRUCTURE ANALYSIS OF AN ANTI-LYSOZYME ANTIBODY' 
PDB 1LSA unspecified 'LYSOZYME (120 K)' 
PDB 5LYM unspecified 'MOL_ID: 1; MOLECULE: LYSOZYME; CHAIN: A, B; EC: 3.2 .1.17' 
PDB 1IC5 unspecified 'CRYSTAL STRUCTURE OF HYHEL-10 FV MUTANT(HD99A)-HEN LYSOZYMECOMPLEX' 
PDB 1GXV unspecified 'SOLUTION STRUCTURE OF LYSOZYME AT LOW AND HIGH PRESSURE' 
PDB 1UA6 unspecified 'CRYSTAL STRUCTURE OF HYHEL-10 FV MUTANT SFSF COMPLEXED WITHHEN EGG WHITE LYSOZYME COMPLEX' 
PDB 1AT5 unspecified 'HEN EGG WHITE LYSOZYME WITH A SUCCINIMIDE RESIDUE' 
PDB 1LJ4 unspecified 'CRYSTAL STRUCTURE OF MONOCLINIC LYSOZYME GROWN AT PH 4.6' 
PDB 1VAT unspecified 'IODINE DERIVATIVE OF HEN EGG-WHITE LYSOZYME' 
PDB 1VFB unspecified 'FV FRAGMENT OF MOUSE MONOCLONAL ANTIBODY D1.3 COMPLEXED WITH HEN EGG LYSOZYME' 
PDB 1F3J unspecified 'HISTOCOMPATIBILITY ANTIGEN I-AG7' 
PDB 1HEM unspecified 'LYSOZYME MUTANT WITH SER 91 REPLACED BY THR (S91T)' 
PDB 1JA4 unspecified 'BINDING OF N-ACETYLGLUCOSAMINE TO CHICKEN EGG LYSOZYME : APOWDER DIFFRACTION STUDY' 
PDB 4LYM unspecified 'LYSOZYME (MUCOPEPTIDE N-ACETYLMURAMYL HYDROLASE)' 
PDB 2A7F unspecified 
'ON THE ROUTINE USE OF SOFT X-RAYS IN MACROMOLECULARCRYSTALLOGRAPHY, PART III- THE OPTIMAL DATA COLLECTIONWAVELENGTH' 
PDB 1FLU unspecified 'HEN EGG WHITE LYSOZYME MUTANT WITH ALANINE SUBSTITUTED FORGLYCINE' 
PDB 194L unspecified 'THE 1.40 A STRUCTURE OF SPACEHAB-01 HEN EGG WHITE LYSOZYME' 
PDB 1LZ8 unspecified 'LYSOZYME PHASED ON ANOMALOUS SIGNAL OF SULFURS AND CHLORINES' 
PDB 1YKX unspecified 'EFFECT OF ALCOHOLS ON PROTEIN HYDRATION' 
PDB 2HFM unspecified 'IGG1 FV FRAGMENT (HYHEL-10) AND LYSOZYME COMPLEX ( THEORETICAL MODEL)' 
PDB 1BWH unspecified 'THE 1.8 A STRUCTURE OF GROUND CONTROL GROWN TETRAGONAL HEN EGG WHITE LYSOZYME' 
PDB 1VDT unspecified 
'THE CRYSTAL STRUCTURE OF THE TETRAGONAL FORM OF HEN EGGWHITE LYSOZYME AT 1.7 ANGSTROMS RESOLUTION UNDER BASICCONDITIONS IN SPACE' 
PDB 1IO5 unspecified 'HYDROGEN AND HYDRATION OF HEN EGG-WHITE LYSOZYME DETERMINEDBY NEUTRON DIFFRACTION' 
PDB 1LSN unspecified 'LYSOZYME MUTANT WITH SER 91 REPLACED BY ALA (S91A)' 
PDB 2BPU unspecified 
'THE KEDGE HOLMIUM DERIVATIVE OF HEN EGG-WHITE LYSOZYME AT HIGH RESOLUTION FROM SINGLE WAVELENGTH ANOMALOUS DIFFRACTION' 
PDB 1LZB unspecified 'LYSOZYME CO-CRYSTALLIZED WITH TRI-N-ACETYL-CHITOTRIOSE (PH 4.7)' 
PDB 1G7I unspecified 
'CRYSTAL STRUCTURE OF HEN EGG WHITE LYSOZYME (HEL) COMPLEXEDWITH THE MUTANT ANTI-HEL MONOCLONAL ANTIBODY D1.3 (VLW92F)' 
PDB 1LSC unspecified 'LYSOZYME (250 K)' 
PDB 1VDP unspecified 'THE CRYSTAL STRUCTURE OF THE MONOCLINIC FORM OF HEN EGG WHITE LYSOZYME AT 1.7 ANGSTROMS RESOLUTION IN SPACE' 
# 
loop_
_audit_author.name 
_audit_author.pdbx_ordinal 
_audit_author.identifier_ORCID 
'Kishan, K.V.' 1 ? 
'Sharma, A.'   2 ? 
# 
_citation.id                        primary 
_citation.title                     'Salt-assisted religation of proteolyzed Glutathione-S-transferase follows Hofmeister series.' 
_citation.journal_abbrev            'Protein Pept.Lett.' 
_citation.journal_volume            17 
_citation.page_first                54 
_citation.page_last                 63 
_citation.year                      2010 
_citation.journal_id_ASTM           PPELEN 
_citation.country                   NE 
_citation.journal_id_ISSN           0929-8665 
_citation.journal_id_CSD            2077 
_citation.book_publisher            ? 
_citation.pdbx_database_id_PubMed   19508200 
_citation.pdbx_database_id_DOI      10.2174/092986610789909395 
# 
loop_
_citation_author.citation_id 
_citation_author.name 
_citation_author.ordinal 
_citation_author.identifier_ORCID 
primary 'Kishan, K.V.' 1 ? 
primary 'Sharma, A.'   2 ? 
# 
loop_
_entity.id 
_entity.type 
_entity.src_method 
_entity.pdbx_description 
_entity.formula_weight 
_entity.pdbx_number_of_molecules 
_entity.pdbx_ec 
_entity.pdbx_mutation 
_entity.pdbx_fragment 
_entity.details 
1 polymer nat 'LYSOZYME C' 7958.802 1  3.2.1.17 ? 'RESIDUES 19-88'  ? 
2 polymer nat 'LYSOZYME C' 6333.320 1  3.2.1.17 ? 'RESIDUES 90-147' ? 
3 water   nat water        18.015   65 ?        ? ?                 ? 
# 
loop_
_entity_name_com.entity_id 
_entity_name_com.name 
1 '1,4-BETA-N-ACETYLMURAMIDASE C, ALLERGEN GAL D IV, ALLERGEN=GAL D 4, HEWL' 
2 '1,4-BETA-N-ACETYLMURAMIDASE C, ALLERGEN GAL D IV, ALLERGEN=GAL D 4, HEWL' 
# 
loop_
_entity_poly.entity_id 
_entity_poly.type 
_entity_poly.nstd_linkage 
_entity_poly.nstd_monomer 
_entity_poly.pdbx_seq_one_letter_code 
_entity_poly.pdbx_seq_one_letter_code_can 
_entity_poly.pdbx_strand_id 
_entity_poly.pdbx_target_identifier 
1 'polypeptide(L)' no no KVFGRCELAAAMKRHGLDNYRGYSLGNWVCAAKFESNFNTQATNRNTDGSTDYGILQINSRWWCNDGRTP 
KVFGRCELAAAMKRHGLDNYRGYSLGNWVCAAKFESNFNTQATNRNTDGSTDYGILQINSRWWCNDGRTP A ? 
2 'polypeptide(L)' no no SRNLCNIPCSALLSSDITASVNCAKKIVSDGNGMNAWVAWRNRCKGTDVQAWIRGCRL             
SRNLCNIPCSALLSSDITASVNCAKKIVSDGNGMNAWVAWRNRCKGTDVQAWIRGCRL             B ? 
# 
_pdbx_entity_nonpoly.entity_id   3 
_pdbx_entity_nonpoly.name        water 
_pdbx_entity_nonpoly.comp_id     HOH 
# 
loop_
_entity_poly_seq.entity_id 
_entity_poly_seq.num 
_entity_poly_seq.mon_id 
_entity_poly_seq.hetero 
1 1  LYS n 
1 2  VAL n 
1 3  PHE n 
1 4  GLY n 
1 5  ARG n 
1 6  CYS n 
1 7  GLU n 
1 8  LEU n 
1 9  ALA n 
1 10 ALA n 
1 11 ALA n 
1 12 MET n 
1 13 LYS n 
1 14 ARG n 
1 15 HIS n 
1 16 GLY n 
1 17 LEU n 
1 18 ASP n 
1 19 ASN n 
1 20 TYR n 
1 21 ARG n 
1 22 GLY n 
1 23 TYR n 
1 24 SER n 
1 25 LEU n 
1 26 GLY n 
1 27 ASN n 
1 28 TRP n 
1 29 VAL n 
1 30 CYS n 
1 31 ALA n 
1 32 ALA n 
1 33 LYS n 
1 34 PHE n 
1 35 GLU n 
1 36 SER n 
1 37 ASN n 
1 38 PHE n 
1 39 ASN n 
1 40 THR n 
1 41 GLN n 
1 42 ALA n 
1 43 THR n 
1 44 ASN n 
1 45 ARG n 
1 46 ASN n 
1 47 THR n 
1 48 ASP n 
1 49 GLY n 
1 50 SER n 
1 51 THR n 
1 52 ASP n 
1 53 TYR n 
1 54 GLY n 
1 55 ILE n 
1 56 LEU n 
1 57 GLN n 
1 58 ILE n 
1 59 ASN n 
1 60 SER n 
1 61 ARG n 
1 62 TRP n 
1 63 TRP n 
1 64 CYS n 
1 65 ASN n 
1 66 ASP n 
1 67 GLY n 
1 68 ARG n 
1 69 THR n 
1 70 PRO n 
2 1  SER n 
2 2  ARG n 
2 3  ASN n 
2 4  LEU n 
2 5  CYS n 
2 6  ASN n 
2 7  ILE n 
2 8  PRO n 
2 9  CYS n 
2 10 SER n 
2 11 ALA n 
2 12 LEU n 
2 13 LEU n 
2 14 SER n 
2 15 SER n 
2 16 ASP n 
2 17 ILE n 
2 18 THR n 
2 19 ALA n 
2 20 SER n 
2 21 VAL n 
2 22 ASN n 
2 23 CYS n 
2 24 ALA n 
2 25 LYS n 
2 26 LYS n 
2 27 ILE n 
2 28 VAL n 
2 29 SER n 
2 30 ASP n 
2 31 GLY n 
2 32 ASN n 
2 33 GLY n 
2 34 MET n 
2 35 ASN n 
2 36 ALA n 
2 37 TRP n 
2 38 VAL n 
2 39 ALA n 
2 40 TRP n 
2 41 ARG n 
2 42 ASN n 
2 43 ARG n 
2 44 CYS n 
2 45 LYS n 
2 46 GLY n 
2 47 THR n 
2 48 ASP n 
2 49 VAL n 
2 50 GLN n 
2 51 ALA n 
2 52 TRP n 
2 53 ILE n 
2 54 ARG n 
2 55 GLY n 
2 56 CYS n 
2 57 ARG n 
2 58 LEU n 
# 
loop_
_entity_src_nat.entity_id 
_entity_src_nat.pdbx_src_id 
_entity_src_nat.pdbx_alt_source_flag 
_entity_src_nat.pdbx_beg_seq_num 
_entity_src_nat.pdbx_end_seq_num 
_entity_src_nat.common_name 
_entity_src_nat.pdbx_organism_scientific 
_entity_src_nat.pdbx_ncbi_taxonomy_id 
_entity_src_nat.genus 
_entity_src_nat.species 
_entity_src_nat.strain 
_entity_src_nat.tissue 
_entity_src_nat.tissue_fraction 
_entity_src_nat.pdbx_secretion 
_entity_src_nat.pdbx_fragment 
_entity_src_nat.pdbx_variant 
_entity_src_nat.pdbx_cell_line 
_entity_src_nat.pdbx_atcc 
_entity_src_nat.pdbx_cellular_location 
_entity_src_nat.pdbx_organ 
_entity_src_nat.pdbx_organelle 
_entity_src_nat.pdbx_cell 
_entity_src_nat.pdbx_plasmid_name 
_entity_src_nat.pdbx_plasmid_details 
_entity_src_nat.details 
1 1 sample ? ? CHICKEN 'GALLUS GALLUS' 9031 ? ? ? ? ? ? ? ? ? ? ? ? ? ? ? ? ? 
2 1 sample ? ? CHICKEN 'GALLUS GALLUS' 9031 ? ? ? ? ? ? ? ? ? ? ? ? ? ? ? ? ? 
# 
loop_
_chem_comp.id 
_chem_comp.type 
_chem_comp.mon_nstd_flag 
_chem_comp.name 
_chem_comp.pdbx_synonyms 
_chem_comp.formula 
_chem_comp.formula_weight 
ALA 'L-peptide linking' y ALANINE         ? 'C3 H7 N O2'     89.093  
ARG 'L-peptide linking' y ARGININE        ? 'C6 H15 N4 O2 1' 175.209 
ASN 'L-peptide linking' y ASPARAGINE      ? 'C4 H8 N2 O3'    132.118 
ASP 'L-peptide linking' y 'ASPARTIC ACID' ? 'C4 H7 N O4'     133.103 
CYS 'L-peptide linking' y CYSTEINE        ? 'C3 H7 N O2 S'   121.158 
GLN 'L-peptide linking' y GLUTAMINE       ? 'C5 H10 N2 O3'   146.144 
GLU 'L-peptide linking' y 'GLUTAMIC ACID' ? 'C5 H9 N O4'     147.129 
GLY 'peptide linking'   y GLYCINE         ? 'C2 H5 N O2'     75.067  
HIS 'L-peptide linking' y HISTIDINE       ? 'C6 H10 N3 O2 1' 156.162 
HOH non-polymer         . WATER           ? 'H2 O'           18.015  
ILE 'L-peptide linking' y ISOLEUCINE      ? 'C6 H13 N O2'    131.173 
LEU 'L-peptide linking' y LEUCINE         ? 'C6 H13 N O2'    131.173 
LYS 'L-peptide linking' y LYSINE          ? 'C6 H15 N2 O2 1' 147.195 
MET 'L-peptide linking' y METHIONINE      ? 'C5 H11 N O2 S'  149.211 
PHE 'L-peptide linking' y PHENYLALANINE   ? 'C9 H11 N O2'    165.189 
PRO 'L-peptide linking' y PROLINE         ? 'C5 H9 N O2'     115.130 
SER 'L-peptide linking' y SERINE          ? 'C3 H7 N O3'     105.093 
THR 'L-peptide linking' y THREONINE       ? 'C4 H9 N O3'     119.119 
TRP 'L-peptide linking' y TRYPTOPHAN      ? 'C11 H12 N2 O2'  204.225 
TYR 'L-peptide linking' y TYROSINE        ? 'C9 H11 N O3'    181.189 
VAL 'L-peptide linking' y VALINE          ? 'C5 H11 N O2'    117.146 
# 
loop_
_pdbx_poly_seq_scheme.asym_id 
_pdbx_poly_seq_scheme.entity_id 
_pdbx_poly_seq_scheme.seq_id 
_pdbx_poly_seq_scheme.mon_id 
_pdbx_poly_seq_scheme.ndb_seq_num 
_pdbx_poly_seq_scheme.pdb_seq_num 
_pdbx_poly_seq_scheme.auth_seq_num 
_pdbx_poly_seq_scheme.pdb_mon_id 
_pdbx_poly_seq_scheme.auth_mon_id 
_pdbx_poly_seq_scheme.pdb_strand_id 
_pdbx_poly_seq_scheme.pdb_ins_code 
_pdbx_poly_seq_scheme.hetero 
A 1 1  LYS 1  1   1   LYS LYS A . n 
A 1 2  VAL 2  2   2   VAL VAL A . n 
A 1 3  PHE 3  3   3   PHE PHE A . n 
A 1 4  GLY 4  4   4   GLY GLY A . n 
A 1 5  ARG 5  5   5   ARG ARG A . n 
A 1 6  CYS 6  6   6   CYS CYS A . n 
A 1 7  GLU 7  7   7   GLU GLU A . n 
A 1 8  LEU 8  8   8   LEU LEU A . n 
A 1 9  ALA 9  9   9   ALA ALA A . n 
A 1 10 ALA 10 10  10  ALA ALA A . n 
A 1 11 ALA 11 11  11  ALA ALA A . n 
A 1 12 MET 12 12  12  MET MET A . n 
A 1 13 LYS 13 13  13  LYS LYS A . n 
A 1 14 ARG 14 14  14  ARG ARG A . n 
A 1 15 HIS 15 15  15  HIS HIS A . n 
A 1 16 GLY 16 16  16  GLY GLY A . n 
A 1 17 LEU 17 17  17  LEU LEU A . n 
A 1 18 ASP 18 18  18  ASP ASP A . n 
A 1 19 ASN 19 19  19  ASN ASN A . n 
A 1 20 TYR 20 20  20  TYR TYR A . n 
A 1 21 ARG 21 21  21  ARG ARG A . n 
A 1 22 GLY 22 22  22  GLY GLY A . n 
A 1 23 TYR 23 23  23  TYR TYR A . n 
A 1 24 SER 24 24  24  SER SER A . n 
A 1 25 LEU 25 25  25  LEU LEU A . n 
A 1 26 GLY 26 26  26  GLY GLY A . n 
A 1 27 ASN 27 27  27  ASN ASN A . n 
A 1 28 TRP 28 28  28  TRP TRP A . n 
A 1 29 VAL 29 29  29  VAL VAL A . n 
A 1 30 CYS 30 30  30  CYS CYS A . n 
A 1 31 ALA 31 31  31  ALA ALA A . n 
A 1 32 ALA 32 32  32  ALA ALA A . n 
A 1 33 LYS 33 33  33  LYS LYS A . n 
A 1 34 PHE 34 34  34  PHE PHE A . n 
A 1 35 GLU 35 35  35  GLU GLU A . n 
A 1 36 SER 36 36  36  SER SER A . n 
A 1 37 ASN 37 37  37  ASN ASN A . n 
A 1 38 PHE 38 38  38  PHE PHE A . n 
A 1 39 ASN 39 39  39  ASN ASN A . n 
A 1 40 THR 40 40  40  THR THR A . n 
A 1 41 GLN 41 41  41  GLN GLN A . n 
A 1 42 ALA 42 42  42  ALA ALA A . n 
A 1 43 THR 43 43  43  THR THR A . n 
A 1 44 ASN 44 44  44  ASN ASN A . n 
A 1 45 ARG 45 45  45  ARG ARG A . n 
A 1 46 ASN 46 46  46  ASN ASN A . n 
A 1 47 THR 47 47  47  THR THR A . n 
A 1 48 ASP 48 48  48  ASP ASP A . n 
A 1 49 GLY 49 49  49  GLY GLY A . n 
A 1 50 SER 50 50  50  SER SER A . n 
A 1 51 THR 51 51  51  THR THR A . n 
A 1 52 ASP 52 52  52  ASP ASP A . n 
A 1 53 TYR 53 53  53  TYR TYR A . n 
A 1 54 GLY 54 54  54  GLY GLY A . n 
A 1 55 ILE 55 55  55  ILE ILE A . n 
A 1 56 LEU 56 56  56  LEU LEU A . n 
A 1 57 GLN 57 57  57  GLN GLN A . n 
A 1 58 ILE 58 58  58  ILE ILE A . n 
A 1 59 ASN 59 59  59  ASN ASN A . n 
A 1 60 SER 60 60  60  SER SER A . n 
A 1 61 ARG 61 61  61  ARG ARG A . n 
A 1 62 TRP 62 62  62  TRP TRP A . n 
A 1 63 TRP 63 63  63  TRP TRP A . n 
A 1 64 CYS 64 64  64  CYS CYS A . n 
A 1 65 ASN 65 65  65  ASN ASN A . n 
A 1 66 ASP 66 66  66  ASP ASP A . n 
A 1 67 GLY 67 67  67  GLY GLY A . n 
A 1 68 ARG 68 68  68  ARG ARG A . n 
A 1 69 THR 69 69  69  THR THR A . n 
A 1 70 PRO 70 70  70  PRO PRO A . n 
B 2 1  SER 1  72  72  SER SER B . n 
B 2 2  ARG 2  73  73  ARG ARG B . n 
B 2 3  ASN 3  74  74  ASN ASN B . n 
B 2 4  LEU 4  75  75  LEU LEU B . n 
B 2 5  CYS 5  76  76  CYS CYS B . n 
B 2 6  ASN 6  77  77  ASN ASN B . n 
B 2 7  ILE 7  78  78  ILE ILE B . n 
B 2 8  PRO 8  79  79  PRO PRO B . n 
B 2 9  CYS 9  80  80  CYS CYS B . n 
B 2 10 SER 10 81  81  SER SER B . n 
B 2 11 ALA 11 82  82  ALA ALA B . n 
B 2 12 LEU 12 83  83  LEU LEU B . n 
B 2 13 LEU 13 84  84  LEU LEU B . n 
B 2 14 SER 14 85  85  SER SER B . n 
B 2 15 SER 15 86  86  SER SER B . n 
B 2 16 ASP 16 87  87  ASP ASP B . n 
B 2 17 ILE 17 88  88  ILE ILE B . n 
B 2 18 THR 18 89  89  THR THR B . n 
B 2 19 ALA 19 90  90  ALA ALA B . n 
B 2 20 SER 20 91  91  SER SER B . n 
B 2 21 VAL 21 92  92  VAL VAL B . n 
B 2 22 ASN 22 93  93  ASN ASN B . n 
B 2 23 CYS 23 94  94  CYS CYS B . n 
B 2 24 ALA 24 95  95  ALA ALA B . n 
B 2 25 LYS 25 96  96  LYS LYS B . n 
B 2 26 LYS 26 97  97  LYS LYS B . n 
B 2 27 ILE 27 98  98  ILE ILE B . n 
B 2 28 VAL 28 99  99  VAL VAL B . n 
B 2 29 SER 29 100 100 SER SER B . n 
B 2 30 ASP 30 101 101 ASP ASP B . n 
B 2 31 GLY 31 102 102 GLY GLY B . n 
B 2 32 ASN 32 103 103 ASN ASN B . n 
B 2 33 GLY 33 104 104 GLY GLY B . n 
B 2 34 MET 34 105 105 MET MET B . n 
B 2 35 ASN 35 106 106 ASN ASN B . n 
B 2 36 ALA 36 107 107 ALA ALA B . n 
B 2 37 TRP 37 108 108 TRP TRP B . n 
B 2 38 VAL 38 109 109 VAL VAL B . n 
B 2 39 ALA 39 110 110 ALA ALA B . n 
B 2 40 TRP 40 111 111 TRP TRP B . n 
B 2 41 ARG 41 112 112 ARG ARG B . n 
B 2 42 ASN 42 113 113 ASN ASN B . n 
B 2 43 ARG 43 114 114 ARG ARG B . n 
B 2 44 CYS 44 115 115 CYS CYS B . n 
B 2 45 LYS 45 116 116 LYS LYS B . n 
B 2 46 GLY 46 117 117 GLY GLY B . n 
B 2 47 THR 47 118 118 THR THR B . n 
B 2 48 ASP 48 119 119 ASP ASP B . n 
B 2 49 VAL 49 120 120 VAL VAL B . n 
B 2 50 GLN 50 121 121 GLN GLN B . n 
B 2 51 ALA 51 122 122 ALA ALA B . n 
B 2 52 TRP 52 123 123 TRP TRP B . n 
B 2 53 ILE 53 124 124 ILE ILE B . n 
B 2 54 ARG 54 125 125 ARG ARG B . n 
B 2 55 GLY 55 126 126 GLY GLY B . n 
B 2 56 CYS 56 127 127 CYS CYS B . n 
B 2 57 ARG 57 128 128 ARG ARG B . n 
B 2 58 LEU 58 129 129 LEU LEU B . n 
# 
loop_
_pdbx_nonpoly_scheme.asym_id 
_pdbx_nonpoly_scheme.entity_id 
_pdbx_nonpoly_scheme.mon_id 
_pdbx_nonpoly_scheme.ndb_seq_num 
_pdbx_nonpoly_scheme.pdb_seq_num 
_pdbx_nonpoly_scheme.auth_seq_num 
_pdbx_nonpoly_scheme.pdb_mon_id 
_pdbx_nonpoly_scheme.auth_mon_id 
_pdbx_nonpoly_scheme.pdb_strand_id 
_pdbx_nonpoly_scheme.pdb_ins_code 
C 3 HOH 1  2001 2001 HOH HOH A . 
C 3 HOH 2  2002 2002 HOH HOH A . 
C 3 HOH 3  2003 2003 HOH HOH A . 
C 3 HOH 4  2004 2004 HOH HOH A . 
C 3 HOH 5  2005 2005 HOH HOH A . 
C 3 HOH 6  2006 2006 HOH HOH A . 
C 3 HOH 7  2007 2007 HOH HOH A . 
C 3 HOH 8  2008 2008 HOH HOH A . 
C 3 HOH 9  2009 2009 HOH HOH A . 
C 3 HOH 10 2010 2010 HOH HOH A . 
C 3 HOH 11 2011 2011 HOH HOH A . 
C 3 HOH 12 2012 2012 HOH HOH A . 
C 3 HOH 13 2013 2013 HOH HOH A . 
C 3 HOH 14 2014 2014 HOH HOH A . 
C 3 HOH 15 2015 2015 HOH HOH A . 
C 3 HOH 16 2016 2016 HOH HOH A . 
C 3 HOH 17 2017 2017 HOH HOH A . 
C 3 HOH 18 2018 2018 HOH HOH A . 
C 3 HOH 19 2019 2019 HOH HOH A . 
C 3 HOH 20 2020 2020 HOH HOH A . 
C 3 HOH 21 2021 2021 HOH HOH A . 
C 3 HOH 22 2022 2022 HOH HOH A . 
C 3 HOH 23 2023 2023 HOH HOH A . 
C 3 HOH 24 2024 2024 HOH HOH A . 
C 3 HOH 25 2025 2025 HOH HOH A . 
C 3 HOH 26 2026 2026 HOH HOH A . 
C 3 HOH 27 2027 2027 HOH HOH A . 
C 3 HOH 28 2028 2028 HOH HOH A . 
C 3 HOH 29 2029 2029 HOH HOH A . 
C 3 HOH 30 2030 2030 HOH HOH A . 
C 3 HOH 31 2031 2031 HOH HOH A . 
C 3 HOH 32 2032 2032 HOH HOH A . 
C 3 HOH 33 2033 2033 HOH HOH A . 
C 3 HOH 34 2034 2034 HOH HOH A . 
C 3 HOH 35 2035 2035 HOH HOH A . 
C 3 HOH 36 2036 2036 HOH HOH A . 
C 3 HOH 37 2037 2037 HOH HOH A . 
D 3 HOH 1  2001 2001 HOH HOH B . 
D 3 HOH 2  2002 2002 HOH HOH B . 
D 3 HOH 3  2003 2003 HOH HOH B . 
D 3 HOH 4  2004 2004 HOH HOH B . 
D 3 HOH 5  2005 2005 HOH HOH B . 
D 3 HOH 6  2006 2006 HOH HOH B . 
D 3 HOH 7  2007 2007 HOH HOH B . 
D 3 HOH 8  2008 2008 HOH HOH B . 
D 3 HOH 9  2009 2009 HOH HOH B . 
D 3 HOH 10 2010 2010 HOH HOH B . 
D 3 HOH 11 2011 2011 HOH HOH B . 
D 3 HOH 12 2012 2012 HOH HOH B . 
D 3 HOH 13 2013 2013 HOH HOH B . 
D 3 HOH 14 2014 2014 HOH HOH B . 
D 3 HOH 15 2015 2015 HOH HOH B . 
D 3 HOH 16 2016 2016 HOH HOH B . 
D 3 HOH 17 2017 2017 HOH HOH B . 
D 3 HOH 18 2018 2018 HOH HOH B . 
D 3 HOH 19 2019 2019 HOH HOH B . 
D 3 HOH 20 2020 2020 HOH HOH B . 
D 3 HOH 21 2021 2021 HOH HOH B . 
D 3 HOH 22 2022 2022 HOH HOH B . 
D 3 HOH 23 2023 2023 HOH HOH B . 
D 3 HOH 24 2024 2024 HOH HOH B . 
D 3 HOH 25 2025 2025 HOH HOH B . 
D 3 HOH 26 2026 2026 HOH HOH B . 
D 3 HOH 27 2027 2027 HOH HOH B . 
D 3 HOH 28 2028 2028 HOH HOH B . 
# 
loop_
_software.name 
_software.classification 
_software.version 
_software.citation_id 
_software.pdbx_ordinal 
_software.date 
_software.type 
_software.location 
_software.language 
CNS       refinement       1.3 ? 1 ? ? ? ? 
DENZO     'data reduction' .   ? 2 ? ? ? ? 
SCALEPACK 'data scaling'   .   ? 3 ? ? ? ? 
CNS       phasing          .   ? 4 ? ? ? ? 
# 
_cell.entry_id           3ZVQ 
_cell.length_a           78.558 
_cell.length_b           78.558 
_cell.length_c           38.216 
_cell.angle_alpha        90.00 
_cell.angle_beta         90.00 
_cell.angle_gamma        90.00 
_cell.Z_PDB              8 
_cell.pdbx_unique_axis   ? 
# 
_symmetry.entry_id                         3ZVQ 
_symmetry.space_group_name_H-M             'P 43 21 2' 
_symmetry.pdbx_full_space_group_name_H-M   ? 
_symmetry.cell_setting                     ? 
_symmetry.Int_Tables_number                96 
# 
_exptl.entry_id          3ZVQ 
_exptl.method            'X-RAY DIFFRACTION' 
_exptl.crystals_number   1 
# 
_exptl_crystal.id                    1 
_exptl_crystal.density_meas          ? 
_exptl_crystal.density_Matthews      2.11 
_exptl_crystal.density_percent_sol   41.62 
_exptl_crystal.description           NONE 
_exptl_crystal.preparation           ? 
# 
_exptl_crystal_grow.crystal_id      1 
_exptl_crystal_grow.method          ? 
_exptl_crystal_grow.temp            298 
_exptl_crystal_grow.temp_details    ? 
_exptl_crystal_grow.pH              ? 
_exptl_crystal_grow.pdbx_pH_range   ? 
_exptl_crystal_grow.pdbx_details    '20MG/ML PROTEOLYZED LYSOZYME, 15%PEG3500, 25C' 
# 
_diffrn.id                               1 
_diffrn.ambient_temp                     298 
_diffrn.ambient_temp_details             ? 
_diffrn.crystal_id                       1 
_diffrn.pdbx_serial_crystal_experiment   ? 
# 
_diffrn_detector.diffrn_id              1 
_diffrn_detector.detector               'IMAGE PLATE' 
_diffrn_detector.type                   MARRESEARCH 
_diffrn_detector.pdbx_collection_date   ? 
_diffrn_detector.details                'OSMIC MIRRORS' 
# 
_diffrn_radiation.diffrn_id                        1 
_diffrn_radiation.wavelength_id                    1 
_diffrn_radiation.pdbx_monochromatic_or_laue_m_l   M 
_diffrn_radiation.monochromator                    ? 
_diffrn_radiation.pdbx_diffrn_protocol             'SINGLE WAVELENGTH' 
_diffrn_radiation.pdbx_scattering_type             x-ray 
# 
_diffrn_radiation_wavelength.id           1 
_diffrn_radiation_wavelength.wavelength   1.54 
_diffrn_radiation_wavelength.wt           1.0 
# 
_diffrn_source.diffrn_id                   1 
_diffrn_source.source                      'ROTATING ANODE' 
_diffrn_source.type                        ? 
_diffrn_source.pdbx_synchrotron_site       ? 
_diffrn_source.pdbx_synchrotron_beamline   ? 
_diffrn_source.pdbx_wavelength             1.54 
_diffrn_source.pdbx_wavelength_list        ? 
# 
_reflns.pdbx_diffrn_id               1 
_reflns.pdbx_ordinal                 1 
_reflns.entry_id                     3ZVQ 
_reflns.observed_criterion_sigma_I   2.0 
_reflns.observed_criterion_sigma_F   ? 
_reflns.d_resolution_low             24.84 
_reflns.d_resolution_high            2.00 
_reflns.number_obs                   7699 
_reflns.number_all                   ? 
_reflns.percent_possible_obs         93.9 
_reflns.pdbx_Rmerge_I_obs            0.10 
_reflns.pdbx_Rsym_value              ? 
_reflns.pdbx_netI_over_sigmaI        ? 
_reflns.B_iso_Wilson_estimate        20.0 
_reflns.pdbx_redundancy              4.5 
# 
_reflns_shell.pdbx_diffrn_id         1 
_reflns_shell.pdbx_ordinal           1 
_reflns_shell.d_res_high             2.00 
_reflns_shell.d_res_low              ? 
_reflns_shell.percent_possible_all   90.4 
_reflns_shell.Rmerge_I_obs           0.38 
_reflns_shell.pdbx_Rsym_value        ? 
_reflns_shell.meanI_over_sigI_obs    ? 
_reflns_shell.pdbx_redundancy        4.2 
# 
_refine.pdbx_refine_id                           'X-RAY DIFFRACTION' 
_refine.entry_id                                 3ZVQ 
_refine.pdbx_diffrn_id                           1 
_refine.pdbx_TLS_residual_ADP_flag               ? 
_refine.ls_number_reflns_obs                     7346 
_refine.ls_number_reflns_all                     ? 
_refine.pdbx_ls_sigma_I                          ? 
_refine.pdbx_ls_sigma_F                          0.0 
_refine.pdbx_data_cutoff_high_absF               ? 
_refine.pdbx_data_cutoff_low_absF                ? 
_refine.pdbx_data_cutoff_high_rms_absF           ? 
_refine.ls_d_res_low                             24.84 
_refine.ls_d_res_high                            2.0 
_refine.ls_percent_reflns_obs                    93.9 
_refine.ls_R_factor_obs                          0.2131 
_refine.ls_R_factor_all                          ? 
_refine.ls_R_factor_R_work                       0.2131 
_refine.ls_R_factor_R_free                       0.2375 
_refine.ls_R_factor_R_free_error                 ? 
_refine.ls_R_factor_R_free_error_details         ? 
_refine.ls_percent_reflns_R_free                 4.8 
_refine.ls_number_reflns_R_free                  409 
_refine.ls_number_parameters                     ? 
_refine.ls_number_restraints                     ? 
_refine.occupancy_min                            ? 
_refine.occupancy_max                            ? 
_refine.correlation_coeff_Fo_to_Fc               ? 
_refine.correlation_coeff_Fo_to_Fc_free          ? 
_refine.B_iso_mean                               20.27 
_refine.aniso_B[1][1]                            1.359 
_refine.aniso_B[2][2]                            1.359 
_refine.aniso_B[3][3]                            -2.719 
_refine.aniso_B[1][2]                            0.000 
_refine.aniso_B[1][3]                            0.000 
_refine.aniso_B[2][3]                            0.000 
_refine.solvent_model_details                    'FLAT MODEL' 
_refine.solvent_model_param_ksol                 0.45 
_refine.solvent_model_param_bsol                 64.83 
_refine.pdbx_solvent_vdw_probe_radii             ? 
_refine.pdbx_solvent_ion_probe_radii             ? 
_refine.pdbx_solvent_shrinkage_radii             ? 
_refine.pdbx_ls_cross_valid_method               RANDOM 
_refine.details                                  ? 
_refine.pdbx_starting_model                      'PDB ENTRY 193L' 
_refine.pdbx_method_to_determine_struct          'MOLECULAR REPLACEMENT' 
_refine.pdbx_isotropic_thermal_model             RESTRAINED 
_refine.pdbx_stereochemistry_target_values       'ENGH & HUBER' 
_refine.pdbx_stereochem_target_val_spec_case     ? 
_refine.pdbx_R_Free_selection_details            ? 
_refine.pdbx_overall_ESU_R                       ? 
_refine.pdbx_overall_ESU_R_Free                  ? 
_refine.overall_SU_ML                            ? 
_refine.pdbx_overall_phase_error                 ? 
_refine.overall_SU_B                             ? 
_refine.overall_SU_R_Cruickshank_DPI             ? 
_refine.pdbx_overall_SU_R_free_Cruickshank_DPI   ? 
_refine.pdbx_overall_SU_R_Blow_DPI               ? 
_refine.pdbx_overall_SU_R_free_Blow_DPI          ? 
# 
_refine_hist.pdbx_refine_id                   'X-RAY DIFFRACTION' 
_refine_hist.cycle_id                         LAST 
_refine_hist.pdbx_number_atoms_protein        997 
_refine_hist.pdbx_number_atoms_nucleic_acid   0 
_refine_hist.pdbx_number_atoms_ligand         0 
_refine_hist.number_atoms_solvent             65 
_refine_hist.number_atoms_total               1062 
_refine_hist.d_res_high                       2.0 
_refine_hist.d_res_low                        24.84 
# 
loop_
_refine_ls_restr.type 
_refine_ls_restr.dev_ideal 
_refine_ls_restr.dev_ideal_target 
_refine_ls_restr.weight 
_refine_ls_restr.number 
_refine_ls_restr.pdbx_refine_id 
_refine_ls_restr.pdbx_restraint_function 
c_bond_d                ? ? ? ? 'X-RAY DIFFRACTION' ? 
c_bond_d_na             ? ? ? ? 'X-RAY DIFFRACTION' ? 
c_bond_d_prot           ? ? ? ? 'X-RAY DIFFRACTION' ? 
c_angle_d               ? ? ? ? 'X-RAY DIFFRACTION' ? 
c_angle_d_na            ? ? ? ? 'X-RAY DIFFRACTION' ? 
c_angle_d_prot          ? ? ? ? 'X-RAY DIFFRACTION' ? 
c_angle_deg             ? ? ? ? 'X-RAY DIFFRACTION' ? 
c_angle_deg_na          ? ? ? ? 'X-RAY DIFFRACTION' ? 
c_angle_deg_prot        ? ? ? ? 'X-RAY DIFFRACTION' ? 
c_dihedral_angle_d      ? ? ? ? 'X-RAY DIFFRACTION' ? 
c_dihedral_angle_d_na   ? ? ? ? 'X-RAY DIFFRACTION' ? 
c_dihedral_angle_d_prot ? ? ? ? 'X-RAY DIFFRACTION' ? 
c_improper_angle_d      ? ? ? ? 'X-RAY DIFFRACTION' ? 
c_improper_angle_d_na   ? ? ? ? 'X-RAY DIFFRACTION' ? 
c_improper_angle_d_prot ? ? ? ? 'X-RAY DIFFRACTION' ? 
c_mcbond_it             ? ? ? ? 'X-RAY DIFFRACTION' ? 
c_mcangle_it            ? ? ? ? 'X-RAY DIFFRACTION' ? 
c_scbond_it             ? ? ? ? 'X-RAY DIFFRACTION' ? 
c_scangle_it            ? ? ? ? 'X-RAY DIFFRACTION' ? 
# 
loop_
_pdbx_xplor_file.pdbx_refine_id 
_pdbx_xplor_file.serial_no 
_pdbx_xplor_file.param_file 
_pdbx_xplor_file.topol_file 
'X-RAY DIFFRACTION' 1 PROTEIN_REP.PARAM PROTEIN.TOP 
'X-RAY DIFFRACTION' 2 WATER_REP.PARAM   WATER.TOP   
# 
_struct.entry_id                  3ZVQ 
_struct.title                     'Crystal Structure of proteolyzed lysozyme' 
_struct.pdbx_model_details        ? 
_struct.pdbx_CASP_flag            ? 
_struct.pdbx_model_type_details   ? 
# 
_struct_keywords.entry_id        3ZVQ 
_struct_keywords.pdbx_keywords   HYDROLASE 
_struct_keywords.text            'HYDROLASE, PROTEOLYSIS, PMSF, SUBTILISIN' 
# 
loop_
_struct_asym.id 
_struct_asym.pdbx_blank_PDB_chainid_flag 
_struct_asym.pdbx_modified 
_struct_asym.entity_id 
_struct_asym.details 
A N N 1 ? 
B N N 2 ? 
C N N 3 ? 
D N N 3 ? 
# 
loop_
_struct_ref.id 
_struct_ref.db_name 
_struct_ref.db_code 
_struct_ref.entity_id 
_struct_ref.pdbx_seq_one_letter_code 
_struct_ref.pdbx_align_begin 
_struct_ref.pdbx_db_accession 
_struct_ref.pdbx_db_isoform 
1 UNP LYSC_CHICK 1 ? ? P00698 ? 
2 UNP LYSC_CHICK 2 ? ? P00698 ? 
# 
loop_
_struct_ref_seq.align_id 
_struct_ref_seq.ref_id 
_struct_ref_seq.pdbx_PDB_id_code 
_struct_ref_seq.pdbx_strand_id 
_struct_ref_seq.seq_align_beg 
_struct_ref_seq.pdbx_seq_align_beg_ins_code 
_struct_ref_seq.seq_align_end 
_struct_ref_seq.pdbx_seq_align_end_ins_code 
_struct_ref_seq.pdbx_db_accession 
_struct_ref_seq.db_align_beg 
_struct_ref_seq.pdbx_db_align_beg_ins_code 
_struct_ref_seq.db_align_end 
_struct_ref_seq.pdbx_db_align_end_ins_code 
_struct_ref_seq.pdbx_auth_seq_align_beg 
_struct_ref_seq.pdbx_auth_seq_align_end 
1 1 3ZVQ A 1 ? 70 ? P00698 19 ? 88  ? 1  70  
2 2 3ZVQ B 1 ? 58 ? P00698 90 ? 147 ? 72 129 
# 
_pdbx_struct_assembly.id                   1 
_pdbx_struct_assembly.details              author_and_software_defined_assembly 
_pdbx_struct_assembly.method_details       PISA 
_pdbx_struct_assembly.oligomeric_details   dimeric 
_pdbx_struct_assembly.oligomeric_count     2 
# 
loop_
_pdbx_struct_assembly_prop.biol_id 
_pdbx_struct_assembly_prop.type 
_pdbx_struct_assembly_prop.value 
_pdbx_struct_assembly_prop.details 
1 'ABSA (A^2)' 3810  ? 
1 MORE         -38.3 ? 
1 'SSA (A^2)'  6630  ? 
# 
_pdbx_struct_assembly_gen.assembly_id       1 
_pdbx_struct_assembly_gen.oper_expression   1 
_pdbx_struct_assembly_gen.asym_id_list      A,B,C,D 
# 
_pdbx_struct_oper_list.id                   1 
_pdbx_struct_oper_list.type                 'identity operation' 
_pdbx_struct_oper_list.name                 1_555 
_pdbx_struct_oper_list.symmetry_operation   x,y,z 
_pdbx_struct_oper_list.matrix[1][1]         1.0000000000 
_pdbx_struct_oper_list.matrix[1][2]         0.0000000000 
_pdbx_struct_oper_list.matrix[1][3]         0.0000000000 
_pdbx_struct_oper_list.vector[1]            0.0000000000 
_pdbx_struct_oper_list.matrix[2][1]         0.0000000000 
_pdbx_struct_oper_list.matrix[2][2]         1.0000000000 
_pdbx_struct_oper_list.matrix[2][3]         0.0000000000 
_pdbx_struct_oper_list.vector[2]            0.0000000000 
_pdbx_struct_oper_list.matrix[3][1]         0.0000000000 
_pdbx_struct_oper_list.matrix[3][2]         0.0000000000 
_pdbx_struct_oper_list.matrix[3][3]         1.0000000000 
_pdbx_struct_oper_list.vector[3]            0.0000000000 
# 
loop_
_struct_conf.conf_type_id 
_struct_conf.id 
_struct_conf.pdbx_PDB_helix_id 
_struct_conf.beg_label_comp_id 
_struct_conf.beg_label_asym_id 
_struct_conf.beg_label_seq_id 
_struct_conf.pdbx_beg_PDB_ins_code 
_struct_conf.end_label_comp_id 
_struct_conf.end_label_asym_id 
_struct_conf.end_label_seq_id 
_struct_conf.pdbx_end_PDB_ins_code 
_struct_conf.beg_auth_comp_id 
_struct_conf.beg_auth_asym_id 
_struct_conf.beg_auth_seq_id 
_struct_conf.end_auth_comp_id 
_struct_conf.end_auth_asym_id 
_struct_conf.end_auth_seq_id 
_struct_conf.pdbx_PDB_helix_class 
_struct_conf.details 
_struct_conf.pdbx_PDB_helix_length 
HELX_P HELX_P1 1 GLY A 4  ? HIS A 15 ? GLY A 4   HIS A 15  1 ? 12 
HELX_P HELX_P2 2 SER A 24 ? ASN A 37 ? SER A 24  ASN A 37  1 ? 14 
HELX_P HELX_P3 3 CYS B 9  ? SER B 14 ? CYS B 80  SER B 85  5 ? 6  
HELX_P HELX_P4 4 ILE B 17 ? ASP B 30 ? ILE B 88  ASP B 101 1 ? 14 
HELX_P HELX_P5 5 ASN B 32 ? ALA B 36 ? ASN B 103 ALA B 107 5 ? 5  
HELX_P HELX_P6 6 TRP B 37 ? CYS B 44 ? TRP B 108 CYS B 115 1 ? 8  
HELX_P HELX_P7 7 ASP B 48 ? ILE B 53 ? ASP B 119 ILE B 124 5 ? 6  
# 
_struct_conf_type.id          HELX_P 
_struct_conf_type.criteria    ? 
_struct_conf_type.reference   ? 
# 
loop_
_struct_conn.id 
_struct_conn.conn_type_id 
_struct_conn.pdbx_leaving_atom_flag 
_struct_conn.pdbx_PDB_id 
_struct_conn.ptnr1_label_asym_id 
_struct_conn.ptnr1_label_comp_id 
_struct_conn.ptnr1_label_seq_id 
_struct_conn.ptnr1_label_atom_id 
_struct_conn.pdbx_ptnr1_label_alt_id 
_struct_conn.pdbx_ptnr1_PDB_ins_code 
_struct_conn.pdbx_ptnr1_standard_comp_id 
_struct_conn.ptnr1_symmetry 
_struct_conn.ptnr2_label_asym_id 
_struct_conn.ptnr2_label_comp_id 
_struct_conn.ptnr2_label_seq_id 
_struct_conn.ptnr2_label_atom_id 
_struct_conn.pdbx_ptnr2_label_alt_id 
_struct_conn.pdbx_ptnr2_PDB_ins_code 
_struct_conn.ptnr1_auth_asym_id 
_struct_conn.ptnr1_auth_comp_id 
_struct_conn.ptnr1_auth_seq_id 
_struct_conn.ptnr2_auth_asym_id 
_struct_conn.ptnr2_auth_comp_id 
_struct_conn.ptnr2_auth_seq_id 
_struct_conn.ptnr2_symmetry 
_struct_conn.pdbx_ptnr3_label_atom_id 
_struct_conn.pdbx_ptnr3_label_seq_id 
_struct_conn.pdbx_ptnr3_label_comp_id 
_struct_conn.pdbx_ptnr3_label_asym_id 
_struct_conn.pdbx_ptnr3_label_alt_id 
_struct_conn.pdbx_ptnr3_PDB_ins_code 
_struct_conn.details 
_struct_conn.pdbx_dist_value 
_struct_conn.pdbx_value_order 
_struct_conn.pdbx_role 
disulf1 disulf ? ? A CYS 6  SG ? ? ? 1_555 B CYS 56 SG ? ? A CYS 6  B CYS 127 1_555 ? ? ? ? ? ? ? 2.025 ? ? 
disulf2 disulf ? ? A CYS 30 SG ? ? ? 1_555 B CYS 44 SG ? ? A CYS 30 B CYS 115 1_555 ? ? ? ? ? ? ? 2.033 ? ? 
disulf3 disulf ? ? A CYS 64 SG ? ? ? 1_555 B CYS 9  SG ? ? A CYS 64 B CYS 80  1_555 ? ? ? ? ? ? ? 2.030 ? ? 
disulf4 disulf ? ? B CYS 5  SG ? ? ? 1_555 B CYS 23 SG ? ? B CYS 76 B CYS 94  1_555 ? ? ? ? ? ? ? 2.028 ? ? 
# 
_struct_conn_type.id          disulf 
_struct_conn_type.criteria    ? 
_struct_conn_type.reference   ? 
# 
loop_
_pdbx_modification_feature.ordinal 
_pdbx_modification_feature.label_comp_id 
_pdbx_modification_feature.label_asym_id 
_pdbx_modification_feature.label_seq_id 
_pdbx_modification_feature.label_alt_id 
_pdbx_modification_feature.modified_residue_label_comp_id 
_pdbx_modification_feature.modified_residue_label_asym_id 
_pdbx_modification_feature.modified_residue_label_seq_id 
_pdbx_modification_feature.modified_residue_label_alt_id 
_pdbx_modification_feature.auth_comp_id 
_pdbx_modification_feature.auth_asym_id 
_pdbx_modification_feature.auth_seq_id 
_pdbx_modification_feature.PDB_ins_code 
_pdbx_modification_feature.symmetry 
_pdbx_modification_feature.modified_residue_auth_comp_id 
_pdbx_modification_feature.modified_residue_auth_asym_id 
_pdbx_modification_feature.modified_residue_auth_seq_id 
_pdbx_modification_feature.modified_residue_PDB_ins_code 
_pdbx_modification_feature.modified_residue_symmetry 
_pdbx_modification_feature.comp_id_linking_atom 
_pdbx_modification_feature.modified_residue_id_linking_atom 
_pdbx_modification_feature.modified_residue_id 
_pdbx_modification_feature.ref_pcm_id 
_pdbx_modification_feature.ref_comp_id 
_pdbx_modification_feature.type 
_pdbx_modification_feature.category 
1 CYS A 6  ? CYS B 56 ? CYS A 6  ? 1_555 CYS B 127 ? 1_555 SG SG . . . None 'Disulfide bridge' 
2 CYS A 30 ? CYS B 44 ? CYS A 30 ? 1_555 CYS B 115 ? 1_555 SG SG . . . None 'Disulfide bridge' 
3 CYS A 64 ? CYS B 9  ? CYS A 64 ? 1_555 CYS B 80  ? 1_555 SG SG . . . None 'Disulfide bridge' 
4 CYS B 5  ? CYS B 23 ? CYS B 76 ? 1_555 CYS B 94  ? 1_555 SG SG . . . None 'Disulfide bridge' 
# 
_struct_sheet.id               AA 
_struct_sheet.type             ? 
_struct_sheet.number_strands   3 
_struct_sheet.details          ? 
# 
loop_
_struct_sheet_order.sheet_id 
_struct_sheet_order.range_id_1 
_struct_sheet_order.range_id_2 
_struct_sheet_order.offset 
_struct_sheet_order.sense 
AA 1 2 ? anti-parallel 
AA 2 3 ? anti-parallel 
# 
loop_
_struct_sheet_range.sheet_id 
_struct_sheet_range.id 
_struct_sheet_range.beg_label_comp_id 
_struct_sheet_range.beg_label_asym_id 
_struct_sheet_range.beg_label_seq_id 
_struct_sheet_range.pdbx_beg_PDB_ins_code 
_struct_sheet_range.end_label_comp_id 
_struct_sheet_range.end_label_asym_id 
_struct_sheet_range.end_label_seq_id 
_struct_sheet_range.pdbx_end_PDB_ins_code 
_struct_sheet_range.beg_auth_comp_id 
_struct_sheet_range.beg_auth_asym_id 
_struct_sheet_range.beg_auth_seq_id 
_struct_sheet_range.end_auth_comp_id 
_struct_sheet_range.end_auth_asym_id 
_struct_sheet_range.end_auth_seq_id 
AA 1 THR A 43 ? ARG A 45 ? THR A 43 ARG A 45 
AA 2 THR A 51 ? TYR A 53 ? THR A 51 TYR A 53 
AA 3 ILE A 58 ? ASN A 59 ? ILE A 58 ASN A 59 
# 
loop_
_pdbx_struct_sheet_hbond.sheet_id 
_pdbx_struct_sheet_hbond.range_id_1 
_pdbx_struct_sheet_hbond.range_id_2 
_pdbx_struct_sheet_hbond.range_1_label_atom_id 
_pdbx_struct_sheet_hbond.range_1_label_comp_id 
_pdbx_struct_sheet_hbond.range_1_label_asym_id 
_pdbx_struct_sheet_hbond.range_1_label_seq_id 
_pdbx_struct_sheet_hbond.range_1_PDB_ins_code 
_pdbx_struct_sheet_hbond.range_1_auth_atom_id 
_pdbx_struct_sheet_hbond.range_1_auth_comp_id 
_pdbx_struct_sheet_hbond.range_1_auth_asym_id 
_pdbx_struct_sheet_hbond.range_1_auth_seq_id 
_pdbx_struct_sheet_hbond.range_2_label_atom_id 
_pdbx_struct_sheet_hbond.range_2_label_comp_id 
_pdbx_struct_sheet_hbond.range_2_label_asym_id 
_pdbx_struct_sheet_hbond.range_2_label_seq_id 
_pdbx_struct_sheet_hbond.range_2_PDB_ins_code 
_pdbx_struct_sheet_hbond.range_2_auth_atom_id 
_pdbx_struct_sheet_hbond.range_2_auth_comp_id 
_pdbx_struct_sheet_hbond.range_2_auth_asym_id 
_pdbx_struct_sheet_hbond.range_2_auth_seq_id 
AA 1 2 N ASN A 44 ? N ASN A 44 O ASP A 52 ? O ASP A 52 
AA 2 3 N TYR A 53 ? N TYR A 53 O ILE A 58 ? O ILE A 58 
# 
_pdbx_entry_details.entry_id                   3ZVQ 
_pdbx_entry_details.compound_details           ? 
_pdbx_entry_details.source_details             ? 
_pdbx_entry_details.nonpolymer_details         ? 
_pdbx_entry_details.sequence_details           
;THE SEQUENCE DIFFERS FROM THE ONE IN THE UNIPROT DATABASE
DUE TO EXCLUSION OF THE N-TERMINAL SIGNAL PEPTIDE
;
_pdbx_entry_details.has_ligand_of_interest     ? 
_pdbx_entry_details.has_protein_modification   Y 
# 
_pdbx_validate_torsion.id              1 
_pdbx_validate_torsion.PDB_model_num   1 
_pdbx_validate_torsion.auth_comp_id    ARG 
_pdbx_validate_torsion.auth_asym_id    A 
_pdbx_validate_torsion.auth_seq_id     68 
_pdbx_validate_torsion.PDB_ins_code    ? 
_pdbx_validate_torsion.label_alt_id    ? 
_pdbx_validate_torsion.phi             -141.96 
_pdbx_validate_torsion.psi             11.95 
# 
loop_
_chem_comp_atom.comp_id 
_chem_comp_atom.atom_id 
_chem_comp_atom.type_symbol 
_chem_comp_atom.pdbx_aromatic_flag 
_chem_comp_atom.pdbx_stereo_config 
_chem_comp_atom.pdbx_ordinal 
ALA N    N N N 1   
ALA CA   C N S 2   
ALA C    C N N 3   
ALA O    O N N 4   
ALA CB   C N N 5   
ALA OXT  O N N 6   
ALA H    H N N 7   
ALA H2   H N N 8   
ALA HA   H N N 9   
ALA HB1  H N N 10  
ALA HB2  H N N 11  
ALA HB3  H N N 12  
ALA HXT  H N N 13  
ARG N    N N N 14  
ARG CA   C N S 15  
ARG C    C N N 16  
ARG O    O N N 17  
ARG CB   C N N 18  
ARG CG   C N N 19  
ARG CD   C N N 20  
ARG NE   N N N 21  
ARG CZ   C N N 22  
ARG NH1  N N N 23  
ARG NH2  N N N 24  
ARG OXT  O N N 25  
ARG H    H N N 26  
ARG H2   H N N 27  
ARG HA   H N N 28  
ARG HB2  H N N 29  
ARG HB3  H N N 30  
ARG HG2  H N N 31  
ARG HG3  H N N 32  
ARG HD2  H N N 33  
ARG HD3  H N N 34  
ARG HE   H N N 35  
ARG HH11 H N N 36  
ARG HH12 H N N 37  
ARG HH21 H N N 38  
ARG HH22 H N N 39  
ARG HXT  H N N 40  
ASN N    N N N 41  
ASN CA   C N S 42  
ASN C    C N N 43  
ASN O    O N N 44  
ASN CB   C N N 45  
ASN CG   C N N 46  
ASN OD1  O N N 47  
ASN ND2  N N N 48  
ASN OXT  O N N 49  
ASN H    H N N 50  
ASN H2   H N N 51  
ASN HA   H N N 52  
ASN HB2  H N N 53  
ASN HB3  H N N 54  
ASN HD21 H N N 55  
ASN HD22 H N N 56  
ASN HXT  H N N 57  
ASP N    N N N 58  
ASP CA   C N S 59  
ASP C    C N N 60  
ASP O    O N N 61  
ASP CB   C N N 62  
ASP CG   C N N 63  
ASP OD1  O N N 64  
ASP OD2  O N N 65  
ASP OXT  O N N 66  
ASP H    H N N 67  
ASP H2   H N N 68  
ASP HA   H N N 69  
ASP HB2  H N N 70  
ASP HB3  H N N 71  
ASP HD2  H N N 72  
ASP HXT  H N N 73  
CYS N    N N N 74  
CYS CA   C N R 75  
CYS C    C N N 76  
CYS O    O N N 77  
CYS CB   C N N 78  
CYS SG   S N N 79  
CYS OXT  O N N 80  
CYS H    H N N 81  
CYS H2   H N N 82  
CYS HA   H N N 83  
CYS HB2  H N N 84  
CYS HB3  H N N 85  
CYS HG   H N N 86  
CYS HXT  H N N 87  
GLN N    N N N 88  
GLN CA   C N S 89  
GLN C    C N N 90  
GLN O    O N N 91  
GLN CB   C N N 92  
GLN CG   C N N 93  
GLN CD   C N N 94  
GLN OE1  O N N 95  
GLN NE2  N N N 96  
GLN OXT  O N N 97  
GLN H    H N N 98  
GLN H2   H N N 99  
GLN HA   H N N 100 
GLN HB2  H N N 101 
GLN HB3  H N N 102 
GLN HG2  H N N 103 
GLN HG3  H N N 104 
GLN HE21 H N N 105 
GLN HE22 H N N 106 
GLN HXT  H N N 107 
GLU N    N N N 108 
GLU CA   C N S 109 
GLU C    C N N 110 
GLU O    O N N 111 
GLU CB   C N N 112 
GLU CG   C N N 113 
GLU CD   C N N 114 
GLU OE1  O N N 115 
GLU OE2  O N N 116 
GLU OXT  O N N 117 
GLU H    H N N 118 
GLU H2   H N N 119 
GLU HA   H N N 120 
GLU HB2  H N N 121 
GLU HB3  H N N 122 
GLU HG2  H N N 123 
GLU HG3  H N N 124 
GLU HE2  H N N 125 
GLU HXT  H N N 126 
GLY N    N N N 127 
GLY CA   C N N 128 
GLY C    C N N 129 
GLY O    O N N 130 
GLY OXT  O N N 131 
GLY H    H N N 132 
GLY H2   H N N 133 
GLY HA2  H N N 134 
GLY HA3  H N N 135 
GLY HXT  H N N 136 
HIS N    N N N 137 
HIS CA   C N S 138 
HIS C    C N N 139 
HIS O    O N N 140 
HIS CB   C N N 141 
HIS CG   C Y N 142 
HIS ND1  N Y N 143 
HIS CD2  C Y N 144 
HIS CE1  C Y N 145 
HIS NE2  N Y N 146 
HIS OXT  O N N 147 
HIS H    H N N 148 
HIS H2   H N N 149 
HIS HA   H N N 150 
HIS HB2  H N N 151 
HIS HB3  H N N 152 
HIS HD1  H N N 153 
HIS HD2  H N N 154 
HIS HE1  H N N 155 
HIS HE2  H N N 156 
HIS HXT  H N N 157 
HOH O    O N N 158 
HOH H1   H N N 159 
HOH H2   H N N 160 
ILE N    N N N 161 
ILE CA   C N S 162 
ILE C    C N N 163 
ILE O    O N N 164 
ILE CB   C N S 165 
ILE CG1  C N N 166 
ILE CG2  C N N 167 
ILE CD1  C N N 168 
ILE OXT  O N N 169 
ILE H    H N N 170 
ILE H2   H N N 171 
ILE HA   H N N 172 
ILE HB   H N N 173 
ILE HG12 H N N 174 
ILE HG13 H N N 175 
ILE HG21 H N N 176 
ILE HG22 H N N 177 
ILE HG23 H N N 178 
ILE HD11 H N N 179 
ILE HD12 H N N 180 
ILE HD13 H N N 181 
ILE HXT  H N N 182 
LEU N    N N N 183 
LEU CA   C N S 184 
LEU C    C N N 185 
LEU O    O N N 186 
LEU CB   C N N 187 
LEU CG   C N N 188 
LEU CD1  C N N 189 
LEU CD2  C N N 190 
LEU OXT  O N N 191 
LEU H    H N N 192 
LEU H2   H N N 193 
LEU HA   H N N 194 
LEU HB2  H N N 195 
LEU HB3  H N N 196 
LEU HG   H N N 197 
LEU HD11 H N N 198 
LEU HD12 H N N 199 
LEU HD13 H N N 200 
LEU HD21 H N N 201 
LEU HD22 H N N 202 
LEU HD23 H N N 203 
LEU HXT  H N N 204 
LYS N    N N N 205 
LYS CA   C N S 206 
LYS C    C N N 207 
LYS O    O N N 208 
LYS CB   C N N 209 
LYS CG   C N N 210 
LYS CD   C N N 211 
LYS CE   C N N 212 
LYS NZ   N N N 213 
LYS OXT  O N N 214 
LYS H    H N N 215 
LYS H2   H N N 216 
LYS HA   H N N 217 
LYS HB2  H N N 218 
LYS HB3  H N N 219 
LYS HG2  H N N 220 
LYS HG3  H N N 221 
LYS HD2  H N N 222 
LYS HD3  H N N 223 
LYS HE2  H N N 224 
LYS HE3  H N N 225 
LYS HZ1  H N N 226 
LYS HZ2  H N N 227 
LYS HZ3  H N N 228 
LYS HXT  H N N 229 
MET N    N N N 230 
MET CA   C N S 231 
MET C    C N N 232 
MET O    O N N 233 
MET CB   C N N 234 
MET CG   C N N 235 
MET SD   S N N 236 
MET CE   C N N 237 
MET OXT  O N N 238 
MET H    H N N 239 
MET H2   H N N 240 
MET HA   H N N 241 
MET HB2  H N N 242 
MET HB3  H N N 243 
MET HG2  H N N 244 
MET HG3  H N N 245 
MET HE1  H N N 246 
MET HE2  H N N 247 
MET HE3  H N N 248 
MET HXT  H N N 249 
PHE N    N N N 250 
PHE CA   C N S 251 
PHE C    C N N 252 
PHE O    O N N 253 
PHE CB   C N N 254 
PHE CG   C Y N 255 
PHE CD1  C Y N 256 
PHE CD2  C Y N 257 
PHE CE1  C Y N 258 
PHE CE2  C Y N 259 
PHE CZ   C Y N 260 
PHE OXT  O N N 261 
PHE H    H N N 262 
PHE H2   H N N 263 
PHE HA   H N N 264 
PHE HB2  H N N 265 
PHE HB3  H N N 266 
PHE HD1  H N N 267 
PHE HD2  H N N 268 
PHE HE1  H N N 269 
PHE HE2  H N N 270 
PHE HZ   H N N 271 
PHE HXT  H N N 272 
PRO N    N N N 273 
PRO CA   C N S 274 
PRO C    C N N 275 
PRO O    O N N 276 
PRO CB   C N N 277 
PRO CG   C N N 278 
PRO CD   C N N 279 
PRO OXT  O N N 280 
PRO H    H N N 281 
PRO HA   H N N 282 
PRO HB2  H N N 283 
PRO HB3  H N N 284 
PRO HG2  H N N 285 
PRO HG3  H N N 286 
PRO HD2  H N N 287 
PRO HD3  H N N 288 
PRO HXT  H N N 289 
SER N    N N N 290 
SER CA   C N S 291 
SER C    C N N 292 
SER O    O N N 293 
SER CB   C N N 294 
SER OG   O N N 295 
SER OXT  O N N 296 
SER H    H N N 297 
SER H2   H N N 298 
SER HA   H N N 299 
SER HB2  H N N 300 
SER HB3  H N N 301 
SER HG   H N N 302 
SER HXT  H N N 303 
THR N    N N N 304 
THR CA   C N S 305 
THR C    C N N 306 
THR O    O N N 307 
THR CB   C N R 308 
THR OG1  O N N 309 
THR CG2  C N N 310 
THR OXT  O N N 311 
THR H    H N N 312 
THR H2   H N N 313 
THR HA   H N N 314 
THR HB   H N N 315 
THR HG1  H N N 316 
THR HG21 H N N 317 
THR HG22 H N N 318 
THR HG23 H N N 319 
THR HXT  H N N 320 
TRP N    N N N 321 
TRP CA   C N S 322 
TRP C    C N N 323 
TRP O    O N N 324 
TRP CB   C N N 325 
TRP CG   C Y N 326 
TRP CD1  C Y N 327 
TRP CD2  C Y N 328 
TRP NE1  N Y N 329 
TRP CE2  C Y N 330 
TRP CE3  C Y N 331 
TRP CZ2  C Y N 332 
TRP CZ3  C Y N 333 
TRP CH2  C Y N 334 
TRP OXT  O N N 335 
TRP H    H N N 336 
TRP H2   H N N 337 
TRP HA   H N N 338 
TRP HB2  H N N 339 
TRP HB3  H N N 340 
TRP HD1  H N N 341 
TRP HE1  H N N 342 
TRP HE3  H N N 343 
TRP HZ2  H N N 344 
TRP HZ3  H N N 345 
TRP HH2  H N N 346 
TRP HXT  H N N 347 
TYR N    N N N 348 
TYR CA   C N S 349 
TYR C    C N N 350 
TYR O    O N N 351 
TYR CB   C N N 352 
TYR CG   C Y N 353 
TYR CD1  C Y N 354 
TYR CD2  C Y N 355 
TYR CE1  C Y N 356 
TYR CE2  C Y N 357 
TYR CZ   C Y N 358 
TYR OH   O N N 359 
TYR OXT  O N N 360 
TYR H    H N N 361 
TYR H2   H N N 362 
TYR HA   H N N 363 
TYR HB2  H N N 364 
TYR HB3  H N N 365 
TYR HD1  H N N 366 
TYR HD2  H N N 367 
TYR HE1  H N N 368 
TYR HE2  H N N 369 
TYR HH   H N N 370 
TYR HXT  H N N 371 
VAL N    N N N 372 
VAL CA   C N S 373 
VAL C    C N N 374 
VAL O    O N N 375 
VAL CB   C N N 376 
VAL CG1  C N N 377 
VAL CG2  C N N 378 
VAL OXT  O N N 379 
VAL H    H N N 380 
VAL H2   H N N 381 
VAL HA   H N N 382 
VAL HB   H N N 383 
VAL HG11 H N N 384 
VAL HG12 H N N 385 
VAL HG13 H N N 386 
VAL HG21 H N N 387 
VAL HG22 H N N 388 
VAL HG23 H N N 389 
VAL HXT  H N N 390 
# 
loop_
_chem_comp_bond.comp_id 
_chem_comp_bond.atom_id_1 
_chem_comp_bond.atom_id_2 
_chem_comp_bond.value_order 
_chem_comp_bond.pdbx_aromatic_flag 
_chem_comp_bond.pdbx_stereo_config 
_chem_comp_bond.pdbx_ordinal 
ALA N   CA   sing N N 1   
ALA N   H    sing N N 2   
ALA N   H2   sing N N 3   
ALA CA  C    sing N N 4   
ALA CA  CB   sing N N 5   
ALA CA  HA   sing N N 6   
ALA C   O    doub N N 7   
ALA C   OXT  sing N N 8   
ALA CB  HB1  sing N N 9   
ALA CB  HB2  sing N N 10  
ALA CB  HB3  sing N N 11  
ALA OXT HXT  sing N N 12  
ARG N   CA   sing N N 13  
ARG N   H    sing N N 14  
ARG N   H2   sing N N 15  
ARG CA  C    sing N N 16  
ARG CA  CB   sing N N 17  
ARG CA  HA   sing N N 18  
ARG C   O    doub N N 19  
ARG C   OXT  sing N N 20  
ARG CB  CG   sing N N 21  
ARG CB  HB2  sing N N 22  
ARG CB  HB3  sing N N 23  
ARG CG  CD   sing N N 24  
ARG CG  HG2  sing N N 25  
ARG CG  HG3  sing N N 26  
ARG CD  NE   sing N N 27  
ARG CD  HD2  sing N N 28  
ARG CD  HD3  sing N N 29  
ARG NE  CZ   sing N N 30  
ARG NE  HE   sing N N 31  
ARG CZ  NH1  sing N N 32  
ARG CZ  NH2  doub N N 33  
ARG NH1 HH11 sing N N 34  
ARG NH1 HH12 sing N N 35  
ARG NH2 HH21 sing N N 36  
ARG NH2 HH22 sing N N 37  
ARG OXT HXT  sing N N 38  
ASN N   CA   sing N N 39  
ASN N   H    sing N N 40  
ASN N   H2   sing N N 41  
ASN CA  C    sing N N 42  
ASN CA  CB   sing N N 43  
ASN CA  HA   sing N N 44  
ASN C   O    doub N N 45  
ASN C   OXT  sing N N 46  
ASN CB  CG   sing N N 47  
ASN CB  HB2  sing N N 48  
ASN CB  HB3  sing N N 49  
ASN CG  OD1  doub N N 50  
ASN CG  ND2  sing N N 51  
ASN ND2 HD21 sing N N 52  
ASN ND2 HD22 sing N N 53  
ASN OXT HXT  sing N N 54  
ASP N   CA   sing N N 55  
ASP N   H    sing N N 56  
ASP N   H2   sing N N 57  
ASP CA  C    sing N N 58  
ASP CA  CB   sing N N 59  
ASP CA  HA   sing N N 60  
ASP C   O    doub N N 61  
ASP C   OXT  sing N N 62  
ASP CB  CG   sing N N 63  
ASP CB  HB2  sing N N 64  
ASP CB  HB3  sing N N 65  
ASP CG  OD1  doub N N 66  
ASP CG  OD2  sing N N 67  
ASP OD2 HD2  sing N N 68  
ASP OXT HXT  sing N N 69  
CYS N   CA   sing N N 70  
CYS N   H    sing N N 71  
CYS N   H2   sing N N 72  
CYS CA  C    sing N N 73  
CYS CA  CB   sing N N 74  
CYS CA  HA   sing N N 75  
CYS C   O    doub N N 76  
CYS C   OXT  sing N N 77  
CYS CB  SG   sing N N 78  
CYS CB  HB2  sing N N 79  
CYS CB  HB3  sing N N 80  
CYS SG  HG   sing N N 81  
CYS OXT HXT  sing N N 82  
GLN N   CA   sing N N 83  
GLN N   H    sing N N 84  
GLN N   H2   sing N N 85  
GLN CA  C    sing N N 86  
GLN CA  CB   sing N N 87  
GLN CA  HA   sing N N 88  
GLN C   O    doub N N 89  
GLN C   OXT  sing N N 90  
GLN CB  CG   sing N N 91  
GLN CB  HB2  sing N N 92  
GLN CB  HB3  sing N N 93  
GLN CG  CD   sing N N 94  
GLN CG  HG2  sing N N 95  
GLN CG  HG3  sing N N 96  
GLN CD  OE1  doub N N 97  
GLN CD  NE2  sing N N 98  
GLN NE2 HE21 sing N N 99  
GLN NE2 HE22 sing N N 100 
GLN OXT HXT  sing N N 101 
GLU N   CA   sing N N 102 
GLU N   H    sing N N 103 
GLU N   H2   sing N N 104 
GLU CA  C    sing N N 105 
GLU CA  CB   sing N N 106 
GLU CA  HA   sing N N 107 
GLU C   O    doub N N 108 
GLU C   OXT  sing N N 109 
GLU CB  CG   sing N N 110 
GLU CB  HB2  sing N N 111 
GLU CB  HB3  sing N N 112 
GLU CG  CD   sing N N 113 
GLU CG  HG2  sing N N 114 
GLU CG  HG3  sing N N 115 
GLU CD  OE1  doub N N 116 
GLU CD  OE2  sing N N 117 
GLU OE2 HE2  sing N N 118 
GLU OXT HXT  sing N N 119 
GLY N   CA   sing N N 120 
GLY N   H    sing N N 121 
GLY N   H2   sing N N 122 
GLY CA  C    sing N N 123 
GLY CA  HA2  sing N N 124 
GLY CA  HA3  sing N N 125 
GLY C   O    doub N N 126 
GLY C   OXT  sing N N 127 
GLY OXT HXT  sing N N 128 
HIS N   CA   sing N N 129 
HIS N   H    sing N N 130 
HIS N   H2   sing N N 131 
HIS CA  C    sing N N 132 
HIS CA  CB   sing N N 133 
HIS CA  HA   sing N N 134 
HIS C   O    doub N N 135 
HIS C   OXT  sing N N 136 
HIS CB  CG   sing N N 137 
HIS CB  HB2  sing N N 138 
HIS CB  HB3  sing N N 139 
HIS CG  ND1  sing Y N 140 
HIS CG  CD2  doub Y N 141 
HIS ND1 CE1  doub Y N 142 
HIS ND1 HD1  sing N N 143 
HIS CD2 NE2  sing Y N 144 
HIS CD2 HD2  sing N N 145 
HIS CE1 NE2  sing Y N 146 
HIS CE1 HE1  sing N N 147 
HIS NE2 HE2  sing N N 148 
HIS OXT HXT  sing N N 149 
HOH O   H1   sing N N 150 
HOH O   H2   sing N N 151 
ILE N   CA   sing N N 152 
ILE N   H    sing N N 153 
ILE N   H2   sing N N 154 
ILE CA  C    sing N N 155 
ILE CA  CB   sing N N 156 
ILE CA  HA   sing N N 157 
ILE C   O    doub N N 158 
ILE C   OXT  sing N N 159 
ILE CB  CG1  sing N N 160 
ILE CB  CG2  sing N N 161 
ILE CB  HB   sing N N 162 
ILE CG1 CD1  sing N N 163 
ILE CG1 HG12 sing N N 164 
ILE CG1 HG13 sing N N 165 
ILE CG2 HG21 sing N N 166 
ILE CG2 HG22 sing N N 167 
ILE CG2 HG23 sing N N 168 
ILE CD1 HD11 sing N N 169 
ILE CD1 HD12 sing N N 170 
ILE CD1 HD13 sing N N 171 
ILE OXT HXT  sing N N 172 
LEU N   CA   sing N N 173 
LEU N   H    sing N N 174 
LEU N   H2   sing N N 175 
LEU CA  C    sing N N 176 
LEU CA  CB   sing N N 177 
LEU CA  HA   sing N N 178 
LEU C   O    doub N N 179 
LEU C   OXT  sing N N 180 
LEU CB  CG   sing N N 181 
LEU CB  HB2  sing N N 182 
LEU CB  HB3  sing N N 183 
LEU CG  CD1  sing N N 184 
LEU CG  CD2  sing N N 185 
LEU CG  HG   sing N N 186 
LEU CD1 HD11 sing N N 187 
LEU CD1 HD12 sing N N 188 
LEU CD1 HD13 sing N N 189 
LEU CD2 HD21 sing N N 190 
LEU CD2 HD22 sing N N 191 
LEU CD2 HD23 sing N N 192 
LEU OXT HXT  sing N N 193 
LYS N   CA   sing N N 194 
LYS N   H    sing N N 195 
LYS N   H2   sing N N 196 
LYS CA  C    sing N N 197 
LYS CA  CB   sing N N 198 
LYS CA  HA   sing N N 199 
LYS C   O    doub N N 200 
LYS C   OXT  sing N N 201 
LYS CB  CG   sing N N 202 
LYS CB  HB2  sing N N 203 
LYS CB  HB3  sing N N 204 
LYS CG  CD   sing N N 205 
LYS CG  HG2  sing N N 206 
LYS CG  HG3  sing N N 207 
LYS CD  CE   sing N N 208 
LYS CD  HD2  sing N N 209 
LYS CD  HD3  sing N N 210 
LYS CE  NZ   sing N N 211 
LYS CE  HE2  sing N N 212 
LYS CE  HE3  sing N N 213 
LYS NZ  HZ1  sing N N 214 
LYS NZ  HZ2  sing N N 215 
LYS NZ  HZ3  sing N N 216 
LYS OXT HXT  sing N N 217 
MET N   CA   sing N N 218 
MET N   H    sing N N 219 
MET N   H2   sing N N 220 
MET CA  C    sing N N 221 
MET CA  CB   sing N N 222 
MET CA  HA   sing N N 223 
MET C   O    doub N N 224 
MET C   OXT  sing N N 225 
MET CB  CG   sing N N 226 
MET CB  HB2  sing N N 227 
MET CB  HB3  sing N N 228 
MET CG  SD   sing N N 229 
MET CG  HG2  sing N N 230 
MET CG  HG3  sing N N 231 
MET SD  CE   sing N N 232 
MET CE  HE1  sing N N 233 
MET CE  HE2  sing N N 234 
MET CE  HE3  sing N N 235 
MET OXT HXT  sing N N 236 
PHE N   CA   sing N N 237 
PHE N   H    sing N N 238 
PHE N   H2   sing N N 239 
PHE CA  C    sing N N 240 
PHE CA  CB   sing N N 241 
PHE CA  HA   sing N N 242 
PHE C   O    doub N N 243 
PHE C   OXT  sing N N 244 
PHE CB  CG   sing N N 245 
PHE CB  HB2  sing N N 246 
PHE CB  HB3  sing N N 247 
PHE CG  CD1  doub Y N 248 
PHE CG  CD2  sing Y N 249 
PHE CD1 CE1  sing Y N 250 
PHE CD1 HD1  sing N N 251 
PHE CD2 CE2  doub Y N 252 
PHE CD2 HD2  sing N N 253 
PHE CE1 CZ   doub Y N 254 
PHE CE1 HE1  sing N N 255 
PHE CE2 CZ   sing Y N 256 
PHE CE2 HE2  sing N N 257 
PHE CZ  HZ   sing N N 258 
PHE OXT HXT  sing N N 259 
PRO N   CA   sing N N 260 
PRO N   CD   sing N N 261 
PRO N   H    sing N N 262 
PRO CA  C    sing N N 263 
PRO CA  CB   sing N N 264 
PRO CA  HA   sing N N 265 
PRO C   O    doub N N 266 
PRO C   OXT  sing N N 267 
PRO CB  CG   sing N N 268 
PRO CB  HB2  sing N N 269 
PRO CB  HB3  sing N N 270 
PRO CG  CD   sing N N 271 
PRO CG  HG2  sing N N 272 
PRO CG  HG3  sing N N 273 
PRO CD  HD2  sing N N 274 
PRO CD  HD3  sing N N 275 
PRO OXT HXT  sing N N 276 
SER N   CA   sing N N 277 
SER N   H    sing N N 278 
SER N   H2   sing N N 279 
SER CA  C    sing N N 280 
SER CA  CB   sing N N 281 
SER CA  HA   sing N N 282 
SER C   O    doub N N 283 
SER C   OXT  sing N N 284 
SER CB  OG   sing N N 285 
SER CB  HB2  sing N N 286 
SER CB  HB3  sing N N 287 
SER OG  HG   sing N N 288 
SER OXT HXT  sing N N 289 
THR N   CA   sing N N 290 
THR N   H    sing N N 291 
THR N   H2   sing N N 292 
THR CA  C    sing N N 293 
THR CA  CB   sing N N 294 
THR CA  HA   sing N N 295 
THR C   O    doub N N 296 
THR C   OXT  sing N N 297 
THR CB  OG1  sing N N 298 
THR CB  CG2  sing N N 299 
THR CB  HB   sing N N 300 
THR OG1 HG1  sing N N 301 
THR CG2 HG21 sing N N 302 
THR CG2 HG22 sing N N 303 
THR CG2 HG23 sing N N 304 
THR OXT HXT  sing N N 305 
TRP N   CA   sing N N 306 
TRP N   H    sing N N 307 
TRP N   H2   sing N N 308 
TRP CA  C    sing N N 309 
TRP CA  CB   sing N N 310 
TRP CA  HA   sing N N 311 
TRP C   O    doub N N 312 
TRP C   OXT  sing N N 313 
TRP CB  CG   sing N N 314 
TRP CB  HB2  sing N N 315 
TRP CB  HB3  sing N N 316 
TRP CG  CD1  doub Y N 317 
TRP CG  CD2  sing Y N 318 
TRP CD1 NE1  sing Y N 319 
TRP CD1 HD1  sing N N 320 
TRP CD2 CE2  doub Y N 321 
TRP CD2 CE3  sing Y N 322 
TRP NE1 CE2  sing Y N 323 
TRP NE1 HE1  sing N N 324 
TRP CE2 CZ2  sing Y N 325 
TRP CE3 CZ3  doub Y N 326 
TRP CE3 HE3  sing N N 327 
TRP CZ2 CH2  doub Y N 328 
TRP CZ2 HZ2  sing N N 329 
TRP CZ3 CH2  sing Y N 330 
TRP CZ3 HZ3  sing N N 331 
TRP CH2 HH2  sing N N 332 
TRP OXT HXT  sing N N 333 
TYR N   CA   sing N N 334 
TYR N   H    sing N N 335 
TYR N   H2   sing N N 336 
TYR CA  C    sing N N 337 
TYR CA  CB   sing N N 338 
TYR CA  HA   sing N N 339 
TYR C   O    doub N N 340 
TYR C   OXT  sing N N 341 
TYR CB  CG   sing N N 342 
TYR CB  HB2  sing N N 343 
TYR CB  HB3  sing N N 344 
TYR CG  CD1  doub Y N 345 
TYR CG  CD2  sing Y N 346 
TYR CD1 CE1  sing Y N 347 
TYR CD1 HD1  sing N N 348 
TYR CD2 CE2  doub Y N 349 
TYR CD2 HD2  sing N N 350 
TYR CE1 CZ   doub Y N 351 
TYR CE1 HE1  sing N N 352 
TYR CE2 CZ   sing Y N 353 
TYR CE2 HE2  sing N N 354 
TYR CZ  OH   sing N N 355 
TYR OH  HH   sing N N 356 
TYR OXT HXT  sing N N 357 
VAL N   CA   sing N N 358 
VAL N   H    sing N N 359 
VAL N   H2   sing N N 360 
VAL CA  C    sing N N 361 
VAL CA  CB   sing N N 362 
VAL CA  HA   sing N N 363 
VAL C   O    doub N N 364 
VAL C   OXT  sing N N 365 
VAL CB  CG1  sing N N 366 
VAL CB  CG2  sing N N 367 
VAL CB  HB   sing N N 368 
VAL CG1 HG11 sing N N 369 
VAL CG1 HG12 sing N N 370 
VAL CG1 HG13 sing N N 371 
VAL CG2 HG21 sing N N 372 
VAL CG2 HG22 sing N N 373 
VAL CG2 HG23 sing N N 374 
VAL OXT HXT  sing N N 375 
# 
_pdbx_initial_refinement_model.id               1 
_pdbx_initial_refinement_model.entity_id_list   ? 
_pdbx_initial_refinement_model.type             'experimental model' 
_pdbx_initial_refinement_model.source_name      PDB 
_pdbx_initial_refinement_model.accession_code   193L 
_pdbx_initial_refinement_model.details          'PDB ENTRY 193L' 
# 
_atom_sites.entry_id                    3ZVQ 
_atom_sites.fract_transf_matrix[1][1]   -0.01207489 
_atom_sites.fract_transf_matrix[1][2]   0.00401905 
_atom_sites.fract_transf_matrix[1][3]   -0.00026793 
_atom_sites.fract_transf_matrix[2][1]   0.00235791 
_atom_sites.fract_transf_matrix[2][2]   0.00773926 
_atom_sites.fract_transf_matrix[2][3]   0.00982708 
_atom_sites.fract_transf_matrix[3][1]   0.00671331 
_atom_sites.fract_transf_matrix[3][2]   0.01906139 
_atom_sites.fract_transf_matrix[3][3]   -0.01662248 
_atom_sites.fract_transf_vector[1]      -0.009605 
_atom_sites.fract_transf_vector[2]      0.256665 
_atom_sites.fract_transf_vector[3]      0.503397 
# 
loop_
_atom_type.symbol 
C 
N 
O 
S 
# 
loop_
_atom_site.group_PDB 
_atom_site.id 
_atom_site.type_symbol 
_atom_site.label_atom_id 
_atom_site.label_alt_id 
_atom_site.label_comp_id 
_atom_site.label_asym_id 
_atom_site.label_entity_id 
_atom_site.label_seq_id 
_atom_site.pdbx_PDB_ins_code 
_atom_site.Cartn_x 
_atom_site.Cartn_y 
_atom_site.Cartn_z 
_atom_site.occupancy 
_atom_site.B_iso_or_equiv 
_atom_site.pdbx_formal_charge 
_atom_site.auth_seq_id 
_atom_site.auth_comp_id 
_atom_site.auth_asym_id 
_atom_site.auth_atom_id 
_atom_site.pdbx_PDB_model_num 
ATOM   1    N N   . LYS A 1 1  ? -7.998  -11.412 -2.434  1.00 23.01 ? 1    LYS A N   1 
ATOM   2    C CA  . LYS A 1 1  ? -7.303  -12.257 -1.417  1.00 21.70 ? 1    LYS A CA  1 
ATOM   3    C C   . LYS A 1 1  ? -7.027  -11.495 -0.127  1.00 22.66 ? 1    LYS A C   1 
ATOM   4    O O   . LYS A 1 1  ? -6.547  -10.362 -0.154  1.00 21.92 ? 1    LYS A O   1 
ATOM   5    C CB  . LYS A 1 1  ? -5.974  -12.781 -1.977  1.00 24.06 ? 1    LYS A CB  1 
ATOM   6    C CG  . LYS A 1 1  ? -5.107  -13.514 -0.957  1.00 24.66 ? 1    LYS A CG  1 
ATOM   7    C CD  . LYS A 1 1  ? -3.821  -14.026 -1.592  1.00 28.71 ? 1    LYS A CD  1 
ATOM   8    C CE  . LYS A 1 1  ? -2.823  -14.499 -0.539  1.00 30.62 ? 1    LYS A CE  1 
ATOM   9    N NZ  . LYS A 1 1  ? -3.359  -15.610 0.299   1.00 33.19 ? 1    LYS A NZ  1 
ATOM   10   N N   . VAL A 1 2  ? -7.346  -12.119 1.002   1.00 21.79 ? 2    VAL A N   1 
ATOM   11   C CA  . VAL A 1 2  ? -7.090  -11.513 2.299   1.00 23.62 ? 2    VAL A CA  1 
ATOM   12   C C   . VAL A 1 2  ? -5.831  -12.186 2.836   1.00 24.54 ? 2    VAL A C   1 
ATOM   13   O O   . VAL A 1 2  ? -5.836  -13.379 3.157   1.00 24.66 ? 2    VAL A O   1 
ATOM   14   C CB  . VAL A 1 2  ? -8.258  -11.736 3.294   1.00 22.52 ? 2    VAL A CB  1 
ATOM   15   C CG1 . VAL A 1 2  ? -7.936  -11.072 4.623   1.00 25.28 ? 2    VAL A CG1 1 
ATOM   16   C CG2 . VAL A 1 2  ? -9.548  -11.151 2.734   1.00 24.00 ? 2    VAL A CG2 1 
ATOM   17   N N   . PHE A 1 3  ? -4.749  -11.420 2.916   1.00 23.31 ? 3    PHE A N   1 
ATOM   18   C CA  . PHE A 1 3  ? -3.480  -11.950 3.394   1.00 23.26 ? 3    PHE A CA  1 
ATOM   19   C C   . PHE A 1 3  ? -3.465  -12.192 4.889   1.00 22.57 ? 3    PHE A C   1 
ATOM   20   O O   . PHE A 1 3  ? -4.310  -11.687 5.631   1.00 23.08 ? 3    PHE A O   1 
ATOM   21   C CB  . PHE A 1 3  ? -2.327  -10.993 3.067   1.00 21.32 ? 3    PHE A CB  1 
ATOM   22   C CG  . PHE A 1 3  ? -1.804  -11.113 1.668   1.00 20.99 ? 3    PHE A CG  1 
ATOM   23   C CD1 . PHE A 1 3  ? -2.492  -10.549 0.600   1.00 20.73 ? 3    PHE A CD1 1 
ATOM   24   C CD2 . PHE A 1 3  ? -0.611  -11.787 1.418   1.00 19.68 ? 3    PHE A CD2 1 
ATOM   25   C CE1 . PHE A 1 3  ? -1.995  -10.652 -0.698  1.00 20.61 ? 3    PHE A CE1 1 
ATOM   26   C CE2 . PHE A 1 3  ? -0.110  -11.896 0.130   1.00 19.52 ? 3    PHE A CE2 1 
ATOM   27   C CZ  . PHE A 1 3  ? -0.800  -11.327 -0.933  1.00 19.68 ? 3    PHE A CZ  1 
ATOM   28   N N   . GLY A 1 4  ? -2.488  -12.983 5.316   1.00 23.84 ? 4    GLY A N   1 
ATOM   29   C CA  . GLY A 1 4  ? -2.298  -13.246 6.726   1.00 24.15 ? 4    GLY A CA  1 
ATOM   30   C C   . GLY A 1 4  ? -1.210  -12.253 7.085   1.00 22.47 ? 4    GLY A C   1 
ATOM   31   O O   . GLY A 1 4  ? -0.442  -11.856 6.205   1.00 22.34 ? 4    GLY A O   1 
ATOM   32   N N   . ARG A 1 5  ? -1.134  -11.842 8.347   1.00 21.55 ? 5    ARG A N   1 
ATOM   33   C CA  . ARG A 1 5  ? -0.125  -10.868 8.757   1.00 19.80 ? 5    ARG A CA  1 
ATOM   34   C C   . ARG A 1 5  ? 1.272   -11.289 8.314   1.00 20.18 ? 5    ARG A C   1 
ATOM   35   O O   . ARG A 1 5  ? 1.925   -10.595 7.534   1.00 17.48 ? 5    ARG A O   1 
ATOM   36   C CB  . ARG A 1 5  ? -0.157  -10.682 10.275  1.00 20.34 ? 5    ARG A CB  1 
ATOM   37   C CG  . ARG A 1 5  ? 0.826   -9.655  10.816  1.00 19.38 ? 5    ARG A CG  1 
ATOM   38   C CD  . ARG A 1 5  ? 0.599   -9.459  12.307  1.00 20.12 ? 5    ARG A CD  1 
ATOM   39   N NE  . ARG A 1 5  ? 0.806   -10.699 13.056  1.00 23.68 ? 5    ARG A NE  1 
ATOM   40   C CZ  . ARG A 1 5  ? 1.990   -11.126 13.490  1.00 24.79 ? 5    ARG A CZ  1 
ATOM   41   N NH1 . ARG A 1 5  ? 3.085   -10.415 13.257  1.00 21.93 ? 5    ARG A NH1 1 
ATOM   42   N NH2 . ARG A 1 5  ? 2.078   -12.272 14.157  1.00 25.29 ? 5    ARG A NH2 1 
ATOM   43   N N   . CYS A 1 6  ? 1.725   -12.438 8.804   1.00 19.90 ? 6    CYS A N   1 
ATOM   44   C CA  . CYS A 1 6  ? 3.051   -12.937 8.459   1.00 19.77 ? 6    CYS A CA  1 
ATOM   45   C C   . CYS A 1 6  ? 3.216   -13.264 6.983   1.00 18.57 ? 6    CYS A C   1 
ATOM   46   O O   . CYS A 1 6  ? 4.310   -13.147 6.432   1.00 16.96 ? 6    CYS A O   1 
ATOM   47   C CB  . CYS A 1 6  ? 3.379   -14.173 9.295   1.00 20.12 ? 6    CYS A CB  1 
ATOM   48   S SG  . CYS A 1 6  ? 3.620   -13.836 11.067  1.00 22.86 ? 6    CYS A SG  1 
ATOM   49   N N   . GLU A 1 7  ? 2.130   -13.686 6.344   1.00 18.98 ? 7    GLU A N   1 
ATOM   50   C CA  . GLU A 1 7  ? 2.173   -14.021 4.929   1.00 18.04 ? 7    GLU A CA  1 
ATOM   51   C C   . GLU A 1 7  ? 2.479   -12.778 4.094   1.00 17.74 ? 7    GLU A C   1 
ATOM   52   O O   . GLU A 1 7  ? 3.312   -12.820 3.188   1.00 15.35 ? 7    GLU A O   1 
ATOM   53   C CB  . GLU A 1 7  ? 0.839   -14.620 4.484   1.00 19.62 ? 7    GLU A CB  1 
ATOM   54   C CG  . GLU A 1 7  ? 0.733   -14.793 2.983   1.00 20.13 ? 7    GLU A CG  1 
ATOM   55   C CD  . GLU A 1 7  ? -0.629  -15.291 2.545   1.00 20.41 ? 7    GLU A CD  1 
ATOM   56   O OE1 . GLU A 1 7  ? -1.631  -14.941 3.198   1.00 21.51 ? 7    GLU A OE1 1 
ATOM   57   O OE2 . GLU A 1 7  ? -0.695  -16.022 1.538   1.00 22.45 ? 7    GLU A OE2 1 
ATOM   58   N N   . LEU A 1 8  ? 1.803   -11.676 4.400   1.00 15.40 ? 8    LEU A N   1 
ATOM   59   C CA  . LEU A 1 8  ? 2.031   -10.434 3.672   1.00 17.85 ? 8    LEU A CA  1 
ATOM   60   C C   . LEU A 1 8  ? 3.444   -9.925  3.941   1.00 16.65 ? 8    LEU A C   1 
ATOM   61   O O   . LEU A 1 8  ? 4.130   -9.457  3.034   1.00 18.08 ? 8    LEU A O   1 
ATOM   62   C CB  . LEU A 1 8  ? 1.013   -9.374  4.092   1.00 18.86 ? 8    LEU A CB  1 
ATOM   63   C CG  . LEU A 1 8  ? 1.194   -8.031  3.377   1.00 17.81 ? 8    LEU A CG  1 
ATOM   64   C CD1 . LEU A 1 8  ? 1.012   -8.205  1.865   1.00 16.77 ? 8    LEU A CD1 1 
ATOM   65   C CD2 . LEU A 1 8  ? 0.191   -7.031  3.939   1.00 21.31 ? 8    LEU A CD2 1 
ATOM   66   N N   . ALA A 1 9  ? 3.872   -10.021 5.195   1.00 17.79 ? 9    ALA A N   1 
ATOM   67   C CA  . ALA A 1 9  ? 5.211   -9.592  5.587   1.00 18.16 ? 9    ALA A CA  1 
ATOM   68   C C   . ALA A 1 9  ? 6.254   -10.312 4.720   1.00 18.54 ? 9    ALA A C   1 
ATOM   69   O O   . ALA A 1 9  ? 7.191   -9.695  4.225   1.00 20.12 ? 9    ALA A O   1 
ATOM   70   C CB  . ALA A 1 9  ? 5.445   -9.901  7.072   1.00 17.30 ? 9    ALA A CB  1 
ATOM   71   N N   . ALA A 1 10 ? 6.077   -11.615 4.532   1.00 18.09 ? 10   ALA A N   1 
ATOM   72   C CA  . ALA A 1 10 ? 7.001   -12.396 3.719   1.00 18.29 ? 10   ALA A CA  1 
ATOM   73   C C   . ALA A 1 10 ? 6.932   -11.916 2.275   1.00 18.98 ? 10   ALA A C   1 
ATOM   74   O O   . ALA A 1 10 ? 7.955   -11.741 1.618   1.00 19.26 ? 10   ALA A O   1 
ATOM   75   C CB  . ALA A 1 10 ? 6.641   -13.878 3.795   1.00 19.70 ? 10   ALA A CB  1 
ATOM   76   N N   . ALA A 1 11 ? 5.719   -11.703 1.783   1.00 18.38 ? 11   ALA A N   1 
ATOM   77   C CA  . ALA A 1 11 ? 5.530   -11.247 0.413   1.00 18.16 ? 11   ALA A CA  1 
ATOM   78   C C   . ALA A 1 11 ? 6.191   -9.891  0.184   1.00 17.57 ? 11   ALA A C   1 
ATOM   79   O O   . ALA A 1 11 ? 6.879   -9.694  -0.816  1.00 17.06 ? 11   ALA A O   1 
ATOM   80   C CB  . ALA A 1 11 ? 4.038   -11.168 0.092   1.00 19.08 ? 11   ALA A CB  1 
ATOM   81   N N   . MET A 1 12 ? 5.985   -8.961  1.114   1.00 18.88 ? 12   MET A N   1 
ATOM   82   C CA  . MET A 1 12 ? 6.559   -7.625  0.987   1.00 19.45 ? 12   MET A CA  1 
ATOM   83   C C   . MET A 1 12 ? 8.082   -7.626  1.079   1.00 21.65 ? 12   MET A C   1 
ATOM   84   O O   . MET A 1 12 ? 8.751   -6.915  0.323   1.00 23.04 ? 12   MET A O   1 
ATOM   85   C CB  . MET A 1 12 ? 5.980   -6.685  2.050   1.00 16.77 ? 12   MET A CB  1 
ATOM   86   C CG  . MET A 1 12 ? 4.483   -6.423  1.902   1.00 15.43 ? 12   MET A CG  1 
ATOM   87   S SD  . MET A 1 12 ? 3.869   -5.234  3.124   1.00 17.95 ? 12   MET A SD  1 
ATOM   88   C CE  . MET A 1 12 ? 2.669   -4.288  2.136   1.00 15.33 ? 12   MET A CE  1 
ATOM   89   N N   . LYS A 1 13 ? 8.630   -8.418  1.996   1.00 21.95 ? 13   LYS A N   1 
ATOM   90   C CA  . LYS A 1 13 ? 10.080  -8.497  2.157   1.00 24.29 ? 13   LYS A CA  1 
ATOM   91   C C   . LYS A 1 13 ? 10.702  -9.006  0.861   1.00 25.57 ? 13   LYS A C   1 
ATOM   92   O O   . LYS A 1 13 ? 11.713  -8.483  0.393   1.00 26.11 ? 13   LYS A O   1 
ATOM   93   C CB  . LYS A 1 13 ? 10.446  -9.440  3.308   1.00 24.56 ? 13   LYS A CB  1 
ATOM   94   C CG  . LYS A 1 13 ? 11.949  -9.544  3.558   1.00 27.63 ? 13   LYS A CG  1 
ATOM   95   C CD  . LYS A 1 13 ? 12.264  -10.473 4.719   1.00 30.07 ? 13   LYS A CD  1 
ATOM   96   C CE  . LYS A 1 13 ? 13.740  -10.411 5.084   1.00 31.45 ? 13   LYS A CE  1 
ATOM   97   N NZ  . LYS A 1 13 ? 14.054  -11.171 6.326   1.00 31.88 ? 13   LYS A NZ  1 
ATOM   98   N N   . ARG A 1 14 ? 10.083  -10.032 0.285   1.00 27.13 ? 14   ARG A N   1 
ATOM   99   C CA  . ARG A 1 14 ? 10.553  -10.622 -0.961  1.00 26.45 ? 14   ARG A CA  1 
ATOM   100  C C   . ARG A 1 14 ? 10.563  -9.597  -2.091  1.00 26.12 ? 14   ARG A C   1 
ATOM   101  O O   . ARG A 1 14 ? 11.425  -9.637  -2.972  1.00 24.19 ? 14   ARG A O   1 
ATOM   102  C CB  . ARG A 1 14 ? 9.654   -11.792 -1.351  1.00 29.31 ? 14   ARG A CB  1 
ATOM   103  C CG  . ARG A 1 14 ? 9.879   -12.313 -2.760  1.00 32.24 ? 14   ARG A CG  1 
ATOM   104  C CD  . ARG A 1 14 ? 8.637   -13.030 -3.256  1.00 36.09 ? 14   ARG A CD  1 
ATOM   105  N NE  . ARG A 1 14 ? 8.709   -13.347 -4.675  1.00 38.80 ? 14   ARG A NE  1 
ATOM   106  C CZ  . ARG A 1 14 ? 7.643   -13.519 -5.448  1.00 41.41 ? 14   ARG A CZ  1 
ATOM   107  N NH1 . ARG A 1 14 ? 6.425   -13.398 -4.935  1.00 41.13 ? 14   ARG A NH1 1 
ATOM   108  N NH2 . ARG A 1 14 ? 7.795   -13.812 -6.734  1.00 43.55 ? 14   ARG A NH2 1 
ATOM   109  N N   . HIS A 1 15 ? 9.596   -8.686  -2.074  1.00 25.17 ? 15   HIS A N   1 
ATOM   110  C CA  . HIS A 1 15 ? 9.518   -7.671  -3.112  1.00 25.70 ? 15   HIS A CA  1 
ATOM   111  C C   . HIS A 1 15 ? 10.383  -6.457  -2.827  1.00 25.34 ? 15   HIS A C   1 
ATOM   112  O O   . HIS A 1 15 ? 10.294  -5.450  -3.525  1.00 27.20 ? 15   HIS A O   1 
ATOM   113  C CB  . HIS A 1 15 ? 8.065   -7.251  -3.352  1.00 24.61 ? 15   HIS A CB  1 
ATOM   114  C CG  . HIS A 1 15 ? 7.264   -8.272  -4.098  1.00 26.63 ? 15   HIS A CG  1 
ATOM   115  N ND1 . HIS A 1 15 ? 6.557   -9.275  -3.468  1.00 26.56 ? 15   HIS A ND1 1 
ATOM   116  C CD2 . HIS A 1 15 ? 7.090   -8.469  -5.427  1.00 27.28 ? 15   HIS A CD2 1 
ATOM   117  C CE1 . HIS A 1 15 ? 5.983   -10.044 -4.376  1.00 27.83 ? 15   HIS A CE1 1 
ATOM   118  N NE2 . HIS A 1 15 ? 6.290   -9.578  -5.572  1.00 28.10 ? 15   HIS A NE2 1 
ATOM   119  N N   . GLY A 1 16 ? 11.218  -6.556  -1.795  1.00 25.48 ? 16   GLY A N   1 
ATOM   120  C CA  . GLY A 1 16 ? 12.124  -5.474  -1.455  1.00 25.69 ? 16   GLY A CA  1 
ATOM   121  C C   . GLY A 1 16 ? 11.597  -4.272  -0.690  1.00 26.74 ? 16   GLY A C   1 
ATOM   122  O O   . GLY A 1 16 ? 12.190  -3.199  -0.771  1.00 26.06 ? 16   GLY A O   1 
ATOM   123  N N   . LEU A 1 17 ? 10.502  -4.426  0.052   1.00 26.92 ? 17   LEU A N   1 
ATOM   124  C CA  . LEU A 1 17 ? 9.964   -3.299  0.817   1.00 26.47 ? 17   LEU A CA  1 
ATOM   125  C C   . LEU A 1 17 ? 10.642  -3.103  2.172   1.00 26.54 ? 17   LEU A C   1 
ATOM   126  O O   . LEU A 1 17 ? 10.613  -2.004  2.730   1.00 27.43 ? 17   LEU A O   1 
ATOM   127  C CB  . LEU A 1 17 ? 8.450   -3.452  1.023   1.00 23.96 ? 17   LEU A CB  1 
ATOM   128  C CG  . LEU A 1 17 ? 7.557   -3.103  -0.168  1.00 24.21 ? 17   LEU A CG  1 
ATOM   129  C CD1 . LEU A 1 17 ? 6.104   -3.193  0.252   1.00 22.33 ? 17   LEU A CD1 1 
ATOM   130  C CD2 . LEU A 1 17 ? 7.878   -1.702  -0.665  1.00 20.98 ? 17   LEU A CD2 1 
ATOM   131  N N   . ASP A 1 18 ? 11.253  -4.155  2.707   1.00 26.48 ? 18   ASP A N   1 
ATOM   132  C CA  . ASP A 1 18 ? 11.911  -4.038  4.002   1.00 27.17 ? 18   ASP A CA  1 
ATOM   133  C C   . ASP A 1 18 ? 13.066  -3.047  3.932   1.00 26.05 ? 18   ASP A C   1 
ATOM   134  O O   . ASP A 1 18 ? 14.043  -3.266  3.220   1.00 25.83 ? 18   ASP A O   1 
ATOM   135  C CB  . ASP A 1 18 ? 12.413  -5.404  4.482   1.00 29.88 ? 18   ASP A CB  1 
ATOM   136  C CG  . ASP A 1 18 ? 13.085  -5.332  5.849   1.00 32.53 ? 18   ASP A CG  1 
ATOM   137  O OD1 . ASP A 1 18 ? 12.710  -4.458  6.666   1.00 32.24 ? 18   ASP A OD1 1 
ATOM   138  O OD2 . ASP A 1 18 ? 13.982  -6.161  6.113   1.00 35.22 ? 18   ASP A OD2 1 
ATOM   139  N N   . ASN A 1 19 ? 12.931  -1.955  4.679   1.00 25.04 ? 19   ASN A N   1 
ATOM   140  C CA  . ASN A 1 19 ? 13.925  -0.889  4.732   1.00 24.10 ? 19   ASN A CA  1 
ATOM   141  C C   . ASN A 1 19 ? 13.956  -0.036  3.468   1.00 23.41 ? 19   ASN A C   1 
ATOM   142  O O   . ASN A 1 19 ? 14.863  0.775   3.280   1.00 23.46 ? 19   ASN A O   1 
ATOM   143  C CB  . ASN A 1 19 ? 15.315  -1.464  5.008   1.00 27.52 ? 19   ASN A CB  1 
ATOM   144  C CG  . ASN A 1 19 ? 15.425  -2.071  6.392   1.00 29.29 ? 19   ASN A CG  1 
ATOM   145  O OD1 . ASN A 1 19 ? 14.998  -1.465  7.375   1.00 33.21 ? 19   ASN A OD1 1 
ATOM   146  N ND2 . ASN A 1 19 ? 16.003  -3.267  6.478   1.00 31.09 ? 19   ASN A ND2 1 
ATOM   147  N N   . TYR A 1 20 ? 12.964  -0.215  2.601   1.00 21.66 ? 20   TYR A N   1 
ATOM   148  C CA  . TYR A 1 20 ? 12.900  0.572   1.376   1.00 21.37 ? 20   TYR A CA  1 
ATOM   149  C C   . TYR A 1 20 ? 12.689  2.030   1.761   1.00 21.22 ? 20   TYR A C   1 
ATOM   150  O O   . TYR A 1 20 ? 11.713  2.365   2.432   1.00 19.29 ? 20   TYR A O   1 
ATOM   151  C CB  . TYR A 1 20 ? 11.737  0.130   0.491   1.00 18.89 ? 20   TYR A CB  1 
ATOM   152  C CG  . TYR A 1 20 ? 11.791  0.758   -0.880  1.00 22.20 ? 20   TYR A CG  1 
ATOM   153  C CD1 . TYR A 1 20 ? 12.634  0.246   -1.868  1.00 21.55 ? 20   TYR A CD1 1 
ATOM   154  C CD2 . TYR A 1 20 ? 11.033  1.890   -1.179  1.00 22.97 ? 20   TYR A CD2 1 
ATOM   155  C CE1 . TYR A 1 20 ? 12.720  0.844   -3.126  1.00 24.31 ? 20   TYR A CE1 1 
ATOM   156  C CE2 . TYR A 1 20 ? 11.113  2.496   -2.429  1.00 23.41 ? 20   TYR A CE2 1 
ATOM   157  C CZ  . TYR A 1 20 ? 11.957  1.969   -3.395  1.00 24.98 ? 20   TYR A CZ  1 
ATOM   158  O OH  . TYR A 1 20 ? 12.041  2.574   -4.623  1.00 26.60 ? 20   TYR A OH  1 
ATOM   159  N N   . ARG A 1 21 ? 13.609  2.888   1.338   1.00 22.18 ? 21   ARG A N   1 
ATOM   160  C CA  . ARG A 1 21 ? 13.527  4.315   1.636   1.00 23.18 ? 21   ARG A CA  1 
ATOM   161  C C   . ARG A 1 21 ? 13.613  4.575   3.137   1.00 21.02 ? 21   ARG A C   1 
ATOM   162  O O   . ARG A 1 21 ? 13.158  5.606   3.622   1.00 22.20 ? 21   ARG A O   1 
ATOM   163  C CB  . ARG A 1 21 ? 12.222  4.896   1.087   1.00 27.94 ? 21   ARG A CB  1 
ATOM   164  C CG  . ARG A 1 21 ? 12.346  6.318   0.574   1.00 34.66 ? 21   ARG A CG  1 
ATOM   165  C CD  . ARG A 1 21 ? 13.118  6.363   -0.740  1.00 38.29 ? 21   ARG A CD  1 
ATOM   166  N NE  . ARG A 1 21 ? 13.247  7.728   -1.249  1.00 43.30 ? 21   ARG A NE  1 
ATOM   167  C CZ  . ARG A 1 21 ? 13.605  8.034   -2.494  1.00 44.47 ? 21   ARG A CZ  1 
ATOM   168  N NH1 . ARG A 1 21 ? 13.870  7.071   -3.368  1.00 45.29 ? 21   ARG A NH1 1 
ATOM   169  N NH2 . ARG A 1 21 ? 13.691  9.306   -2.865  1.00 45.38 ? 21   ARG A NH2 1 
ATOM   170  N N   . GLY A 1 22 ? 14.191  3.629   3.868   1.00 20.63 ? 22   GLY A N   1 
ATOM   171  C CA  . GLY A 1 22 ? 14.344  3.794   5.303   1.00 18.09 ? 22   GLY A CA  1 
ATOM   172  C C   . GLY A 1 22 ? 13.154  3.355   6.129   1.00 16.61 ? 22   GLY A C   1 
ATOM   173  O O   . GLY A 1 22 ? 13.146  3.505   7.353   1.00 16.82 ? 22   GLY A O   1 
ATOM   174  N N   . TYR A 1 23 ? 12.141  2.811   5.466   1.00 15.02 ? 23   TYR A N   1 
ATOM   175  C CA  . TYR A 1 23 ? 10.943  2.351   6.161   1.00 15.09 ? 23   TYR A CA  1 
ATOM   176  C C   . TYR A 1 23 ? 10.995  0.843   6.382   1.00 15.81 ? 23   TYR A C   1 
ATOM   177  O O   . TYR A 1 23 ? 10.878  0.061   5.435   1.00 16.49 ? 23   TYR A O   1 
ATOM   178  C CB  . TYR A 1 23 ? 9.696   2.727   5.355   1.00 14.03 ? 23   TYR A CB  1 
ATOM   179  C CG  . TYR A 1 23 ? 9.451   4.216   5.293   1.00 11.80 ? 23   TYR A CG  1 
ATOM   180  C CD1 . TYR A 1 23 ? 8.810   4.879   6.339   1.00 11.27 ? 23   TYR A CD1 1 
ATOM   181  C CD2 . TYR A 1 23 ? 9.883   4.970   4.199   1.00 11.27 ? 23   TYR A CD2 1 
ATOM   182  C CE1 . TYR A 1 23 ? 8.602   6.257   6.303   1.00 11.98 ? 23   TYR A CE1 1 
ATOM   183  C CE2 . TYR A 1 23 ? 9.682   6.357   4.154   1.00 12.87 ? 23   TYR A CE2 1 
ATOM   184  C CZ  . TYR A 1 23 ? 9.041   6.990   5.213   1.00 11.79 ? 23   TYR A CZ  1 
ATOM   185  O OH  . TYR A 1 23 ? 8.856   8.357   5.189   1.00 12.89 ? 23   TYR A OH  1 
ATOM   186  N N   . SER A 1 24 ? 11.180  0.441   7.634   1.00 15.73 ? 24   SER A N   1 
ATOM   187  C CA  . SER A 1 24 ? 11.240  -0.977  7.976   1.00 16.84 ? 24   SER A CA  1 
ATOM   188  C C   . SER A 1 24 ? 9.947   -1.696  7.598   1.00 17.22 ? 24   SER A C   1 
ATOM   189  O O   . SER A 1 24 ? 8.877   -1.090  7.534   1.00 15.95 ? 24   SER A O   1 
ATOM   190  C CB  . SER A 1 24 ? 11.489  -1.149  9.472   1.00 17.24 ? 24   SER A CB  1 
ATOM   191  O OG  . SER A 1 24 ? 10.398  -0.643  10.209  1.00 16.60 ? 24   SER A OG  1 
ATOM   192  N N   . LEU A 1 25 ? 10.064  -2.999  7.360   1.00 16.10 ? 25   LEU A N   1 
ATOM   193  C CA  . LEU A 1 25 ? 8.937   -3.847  6.981   1.00 15.41 ? 25   LEU A CA  1 
ATOM   194  C C   . LEU A 1 25 ? 7.682   -3.661  7.841   1.00 14.65 ? 25   LEU A C   1 
ATOM   195  O O   . LEU A 1 25 ? 6.565   -3.655  7.326   1.00 14.41 ? 25   LEU A O   1 
ATOM   196  C CB  . LEU A 1 25 ? 9.380   -5.310  7.037   1.00 17.43 ? 25   LEU A CB  1 
ATOM   197  C CG  . LEU A 1 25 ? 8.481   -6.370  6.402   1.00 15.57 ? 25   LEU A CG  1 
ATOM   198  C CD1 . LEU A 1 25 ? 8.365   -6.138  4.903   1.00 15.18 ? 25   LEU A CD1 1 
ATOM   199  C CD2 . LEU A 1 25 ? 9.083   -7.742  6.686   1.00 17.26 ? 25   LEU A CD2 1 
ATOM   200  N N   . GLY A 1 26 ? 7.864   -3.512  9.150   1.00 14.70 ? 26   GLY A N   1 
ATOM   201  C CA  . GLY A 1 26 ? 6.729   -3.343  10.044  1.00 13.67 ? 26   GLY A CA  1 
ATOM   202  C C   . GLY A 1 26 ? 5.819   -2.172  9.703   1.00 14.82 ? 26   GLY A C   1 
ATOM   203  O O   . GLY A 1 26 ? 4.619   -2.211  9.975   1.00 13.49 ? 26   GLY A O   1 
ATOM   204  N N   . ASN A 1 27 ? 6.397   -1.123  9.119   1.00 12.75 ? 27   ASN A N   1 
ATOM   205  C CA  . ASN A 1 27 ? 5.639   0.063   8.717   1.00 14.05 ? 27   ASN A CA  1 
ATOM   206  C C   . ASN A 1 27 ? 4.676   -0.279  7.586   1.00 12.84 ? 27   ASN A C   1 
ATOM   207  O O   . ASN A 1 27 ? 3.521   0.138   7.597   1.00 11.63 ? 27   ASN A O   1 
ATOM   208  C CB  . ASN A 1 27 ? 6.594   1.161   8.244   1.00 13.78 ? 27   ASN A CB  1 
ATOM   209  C CG  . ASN A 1 27 ? 7.285   1.865   9.394   1.00 15.37 ? 27   ASN A CG  1 
ATOM   210  O OD1 . ASN A 1 27 ? 6.693   2.708   10.058  1.00 15.16 ? 27   ASN A OD1 1 
ATOM   211  N ND2 . ASN A 1 27 ? 8.542   1.509   9.640   1.00 18.09 ? 27   ASN A ND2 1 
ATOM   212  N N   . TRP A 1 28 ? 5.169   -1.044  6.618   1.00 12.18 ? 28   TRP A N   1 
ATOM   213  C CA  . TRP A 1 28 ? 4.378   -1.451  5.467   1.00 12.81 ? 28   TRP A CA  1 
ATOM   214  C C   . TRP A 1 28 ? 3.254   -2.405  5.849   1.00 12.30 ? 28   TRP A C   1 
ATOM   215  O O   . TRP A 1 28 ? 2.144   -2.293  5.329   1.00 12.57 ? 28   TRP A O   1 
ATOM   216  C CB  . TRP A 1 28 ? 5.279   -2.105  4.411   1.00 14.01 ? 28   TRP A CB  1 
ATOM   217  C CG  . TRP A 1 28 ? 6.299   -1.165  3.832   1.00 13.84 ? 28   TRP A CG  1 
ATOM   218  C CD1 . TRP A 1 28 ? 7.630   -1.099  4.142   1.00 16.00 ? 28   TRP A CD1 1 
ATOM   219  C CD2 . TRP A 1 28 ? 6.057   -0.126  2.878   1.00 15.87 ? 28   TRP A CD2 1 
ATOM   220  N NE1 . TRP A 1 28 ? 8.233   -0.078  3.437   1.00 14.10 ? 28   TRP A NE1 1 
ATOM   221  C CE2 . TRP A 1 28 ? 7.288   0.532   2.653   1.00 14.48 ? 28   TRP A CE2 1 
ATOM   222  C CE3 . TRP A 1 28 ? 4.917   0.317   2.189   1.00 15.70 ? 28   TRP A CE3 1 
ATOM   223  C CZ2 . TRP A 1 28 ? 7.410   1.609   1.768   1.00 15.37 ? 28   TRP A CZ2 1 
ATOM   224  C CZ3 . TRP A 1 28 ? 5.042   1.388   1.314   1.00 13.88 ? 28   TRP A CZ3 1 
ATOM   225  C CH2 . TRP A 1 28 ? 6.278   2.020   1.111   1.00 13.83 ? 28   TRP A CH2 1 
ATOM   226  N N   . VAL A 1 29 ? 3.545   -3.359  6.731   1.00 11.72 ? 29   VAL A N   1 
ATOM   227  C CA  . VAL A 1 29 ? 2.519   -4.303  7.164   1.00 11.39 ? 29   VAL A CA  1 
ATOM   228  C C   . VAL A 1 29 ? 1.456   -3.546  7.952   1.00 10.84 ? 29   VAL A C   1 
ATOM   229  O O   . VAL A 1 29 ? 0.259   -3.817  7.824   1.00 11.84 ? 29   VAL A O   1 
ATOM   230  C CB  . VAL A 1 29 ? 3.121   -5.429  8.041   1.00 11.90 ? 29   VAL A CB  1 
ATOM   231  C CG1 . VAL A 1 29 ? 2.010   -6.314  8.607   1.00 11.71 ? 29   VAL A CG1 1 
ATOM   232  C CG2 . VAL A 1 29 ? 4.089   -6.268  7.204   1.00 11.29 ? 29   VAL A CG2 1 
ATOM   233  N N   . CYS A 1 30 ? 1.894   -2.583  8.761   1.00 10.19 ? 30   CYS A N   1 
ATOM   234  C CA  . CYS A 1 30 ? 0.972   -1.775  9.552   1.00 10.52 ? 30   CYS A CA  1 
ATOM   235  C C   . CYS A 1 30 ? 0.090   -0.942  8.634   1.00 11.97 ? 30   CYS A C   1 
ATOM   236  O O   . CYS A 1 30 ? -1.107  -0.809  8.865   1.00 12.62 ? 30   CYS A O   1 
ATOM   237  C CB  . CYS A 1 30 ? 1.742   -0.848  10.503  1.00 10.96 ? 30   CYS A CB  1 
ATOM   238  S SG  . CYS A 1 30 ? 0.669   0.142   11.597  1.00 13.78 ? 30   CYS A SG  1 
ATOM   239  N N   . ALA A 1 31 ? 0.687   -0.382  7.589   1.00 13.88 ? 31   ALA A N   1 
ATOM   240  C CA  . ALA A 1 31 ? -0.047  0.449   6.641   1.00 14.98 ? 31   ALA A CA  1 
ATOM   241  C C   . ALA A 1 31 ? -1.079  -0.378  5.895   1.00 14.94 ? 31   ALA A C   1 
ATOM   242  O O   . ALA A 1 31 ? -2.227  0.034   5.760   1.00 14.93 ? 31   ALA A O   1 
ATOM   243  C CB  . ALA A 1 31 ? 0.921   1.104   5.644   1.00 16.55 ? 31   ALA A CB  1 
ATOM   244  N N   . ALA A 1 32 ? -0.663  -1.548  5.419   1.00 15.29 ? 32   ALA A N   1 
ATOM   245  C CA  . ALA A 1 32 ? -1.564  -2.424  4.689   1.00 16.70 ? 32   ALA A CA  1 
ATOM   246  C C   . ALA A 1 32 ? -2.723  -2.833  5.593   1.00 16.96 ? 32   ALA A C   1 
ATOM   247  O O   . ALA A 1 32 ? -3.864  -2.899  5.150   1.00 16.62 ? 32   ALA A O   1 
ATOM   248  C CB  . ALA A 1 32 ? -0.807  -3.661  4.186   1.00 15.36 ? 32   ALA A CB  1 
ATOM   249  N N   . LYS A 1 33 ? -2.422  -3.087  6.865   1.00 15.53 ? 33   LYS A N   1 
ATOM   250  C CA  . LYS A 1 33 ? -3.432  -3.483  7.841   1.00 14.96 ? 33   LYS A CA  1 
ATOM   251  C C   . LYS A 1 33 ? -4.551  -2.455  8.019   1.00 15.72 ? 33   LYS A C   1 
ATOM   252  O O   . LYS A 1 33 ? -5.732  -2.779  7.899   1.00 14.17 ? 33   LYS A O   1 
ATOM   253  C CB  . LYS A 1 33 ? -2.777  -3.724  9.202   1.00 17.89 ? 33   LYS A CB  1 
ATOM   254  C CG  . LYS A 1 33 ? -3.766  -3.859  10.356  1.00 20.70 ? 33   LYS A CG  1 
ATOM   255  C CD  . LYS A 1 33 ? -4.554  -5.156  10.260  1.00 24.48 ? 33   LYS A CD  1 
ATOM   256  C CE  . LYS A 1 33 ? -5.512  -5.311  11.427  1.00 26.28 ? 33   LYS A CE  1 
ATOM   257  N NZ  . LYS A 1 33 ? -6.138  -6.668  11.431  1.00 26.79 ? 33   LYS A NZ  1 
ATOM   258  N N   . PHE A 1 34 ? -4.181  -1.215  8.302   1.00 13.08 ? 34   PHE A N   1 
ATOM   259  C CA  . PHE A 1 34 ? -5.176  -0.182  8.524   1.00 15.00 ? 34   PHE A CA  1 
ATOM   260  C C   . PHE A 1 34 ? -5.753  0.481   7.280   1.00 14.83 ? 34   PHE A C   1 
ATOM   261  O O   . PHE A 1 34 ? -6.791  1.135   7.364   1.00 15.77 ? 34   PHE A O   1 
ATOM   262  C CB  . PHE A 1 34 ? -4.617  0.865   9.481   1.00 14.02 ? 34   PHE A CB  1 
ATOM   263  C CG  . PHE A 1 34 ? -4.323  0.318   10.847  1.00 16.52 ? 34   PHE A CG  1 
ATOM   264  C CD1 . PHE A 1 34 ? -5.331  -0.281  11.599  1.00 14.27 ? 34   PHE A CD1 1 
ATOM   265  C CD2 . PHE A 1 34 ? -3.034  0.377   11.377  1.00 16.67 ? 34   PHE A CD2 1 
ATOM   266  C CE1 . PHE A 1 34 ? -5.062  -0.817  12.861  1.00 14.67 ? 34   PHE A CE1 1 
ATOM   267  C CE2 . PHE A 1 34 ? -2.755  -0.156  12.640  1.00 15.14 ? 34   PHE A CE2 1 
ATOM   268  C CZ  . PHE A 1 34 ? -3.768  -0.754  13.381  1.00 16.46 ? 34   PHE A CZ  1 
ATOM   269  N N   . GLU A 1 35 ? -5.099  0.309   6.132   1.00 14.11 ? 35   GLU A N   1 
ATOM   270  C CA  . GLU A 1 35 ? -5.595  0.891   4.884   1.00 14.88 ? 35   GLU A CA  1 
ATOM   271  C C   . GLU A 1 35 ? -6.621  -0.029  4.227   1.00 16.50 ? 35   GLU A C   1 
ATOM   272  O O   . GLU A 1 35 ? -7.700  0.412   3.815   1.00 15.92 ? 35   GLU A O   1 
ATOM   273  C CB  . GLU A 1 35 ? -4.447  1.115   3.886   1.00 13.77 ? 35   GLU A CB  1 
ATOM   274  C CG  . GLU A 1 35 ? -3.519  2.293   4.185   1.00 13.93 ? 35   GLU A CG  1 
ATOM   275  C CD  . GLU A 1 35 ? -4.187  3.641   3.979   1.00 17.10 ? 35   GLU A CD  1 
ATOM   276  O OE1 . GLU A 1 35 ? -5.264  3.682   3.353   1.00 18.10 ? 35   GLU A OE1 1 
ATOM   277  O OE2 . GLU A 1 35 ? -3.628  4.660   4.436   1.00 17.92 ? 35   GLU A OE2 1 
ATOM   278  N N   . SER A 1 36 ? -6.285  -1.313  4.146   1.00 13.91 ? 36   SER A N   1 
ATOM   279  C CA  . SER A 1 36 ? -7.146  -2.290  3.481   1.00 16.87 ? 36   SER A CA  1 
ATOM   280  C C   . SER A 1 36 ? -7.504  -3.541  4.289   1.00 18.76 ? 36   SER A C   1 
ATOM   281  O O   . SER A 1 36 ? -8.212  -4.418  3.782   1.00 18.09 ? 36   SER A O   1 
ATOM   282  C CB  . SER A 1 36 ? -6.454  -2.757  2.210   1.00 14.75 ? 36   SER A CB  1 
ATOM   283  O OG  . SER A 1 36 ? -5.355  -3.589  2.553   1.00 12.75 ? 36   SER A OG  1 
ATOM   284  N N   . ASN A 1 37 ? -7.009  -3.628  5.519   1.00 17.30 ? 37   ASN A N   1 
ATOM   285  C CA  . ASN A 1 37 ? -7.229  -4.793  6.377   1.00 18.23 ? 37   ASN A CA  1 
ATOM   286  C C   . ASN A 1 37 ? -6.702  -6.057  5.684   1.00 18.13 ? 37   ASN A C   1 
ATOM   287  O O   . ASN A 1 37 ? -7.282  -7.141  5.804   1.00 16.41 ? 37   ASN A O   1 
ATOM   288  C CB  . ASN A 1 37 ? -8.715  -4.949  6.727   1.00 22.59 ? 37   ASN A CB  1 
ATOM   289  C CG  . ASN A 1 37 ? -8.944  -5.921  7.877   1.00 24.12 ? 37   ASN A CG  1 
ATOM   290  O OD1 . ASN A 1 37 ? -8.256  -5.868  8.899   1.00 25.84 ? 37   ASN A OD1 1 
ATOM   291  N ND2 . ASN A 1 37 ? -9.922  -6.806  7.720   1.00 26.97 ? 37   ASN A ND2 1 
ATOM   292  N N   . PHE A 1 38 ? -5.600  -5.890  4.953   1.00 14.58 ? 38   PHE A N   1 
ATOM   293  C CA  . PHE A 1 38 ? -4.922  -6.974  4.249   1.00 15.48 ? 38   PHE A CA  1 
ATOM   294  C C   . PHE A 1 38 ? -5.679  -7.566  3.061   1.00 14.70 ? 38   PHE A C   1 
ATOM   295  O O   . PHE A 1 38 ? -5.300  -8.616  2.555   1.00 16.49 ? 38   PHE A O   1 
ATOM   296  C CB  . PHE A 1 38 ? -4.589  -8.109  5.222   1.00 15.82 ? 38   PHE A CB  1 
ATOM   297  C CG  . PHE A 1 38 ? -3.683  -7.711  6.360   1.00 16.38 ? 38   PHE A CG  1 
ATOM   298  C CD1 . PHE A 1 38 ? -2.662  -6.781  6.173   1.00 16.64 ? 38   PHE A CD1 1 
ATOM   299  C CD2 . PHE A 1 38 ? -3.801  -8.334  7.601   1.00 17.43 ? 38   PHE A CD2 1 
ATOM   300  C CE1 . PHE A 1 38 ? -1.767  -6.482  7.203   1.00 17.70 ? 38   PHE A CE1 1 
ATOM   301  C CE2 . PHE A 1 38 ? -2.910  -8.039  8.641   1.00 17.70 ? 38   PHE A CE2 1 
ATOM   302  C CZ  . PHE A 1 38 ? -1.891  -7.114  8.437   1.00 18.03 ? 38   PHE A CZ  1 
ATOM   303  N N   . ASN A 1 39 ? -6.731  -6.888  2.615   1.00 14.85 ? 39   ASN A N   1 
ATOM   304  C CA  . ASN A 1 39 ? -7.557  -7.359  1.502   1.00 15.08 ? 39   ASN A CA  1 
ATOM   305  C C   . ASN A 1 39 ? -7.165  -6.681  0.185   1.00 14.21 ? 39   ASN A C   1 
ATOM   306  O O   . ASN A 1 39 ? -7.356  -5.478  0.023   1.00 13.05 ? 39   ASN A O   1 
ATOM   307  C CB  . ASN A 1 39 ? -9.034  -7.078  1.829   1.00 13.85 ? 39   ASN A CB  1 
ATOM   308  C CG  . ASN A 1 39 ? -9.993  -7.622  0.783   1.00 14.61 ? 39   ASN A CG  1 
ATOM   309  O OD1 . ASN A 1 39 ? -9.597  -8.334  -0.139  1.00 17.55 ? 39   ASN A OD1 1 
ATOM   310  N ND2 . ASN A 1 39 ? -11.274 -7.293  0.933   1.00 17.18 ? 39   ASN A ND2 1 
ATOM   311  N N   . THR A 1 40 ? -6.623  -7.458  -0.752  1.00 13.71 ? 40   THR A N   1 
ATOM   312  C CA  . THR A 1 40 ? -6.205  -6.925  -2.050  1.00 14.29 ? 40   THR A CA  1 
ATOM   313  C C   . THR A 1 40 ? -7.365  -6.347  -2.875  1.00 15.00 ? 40   THR A C   1 
ATOM   314  O O   . THR A 1 40 ? -7.147  -5.550  -3.782  1.00 16.09 ? 40   THR A O   1 
ATOM   315  C CB  . THR A 1 40 ? -5.529  -8.014  -2.919  1.00 14.65 ? 40   THR A CB  1 
ATOM   316  O OG1 . THR A 1 40 ? -6.491  -9.019  -3.261  1.00 16.95 ? 40   THR A OG1 1 
ATOM   317  C CG2 . THR A 1 40 ? -4.369  -8.663  -2.166  1.00 15.26 ? 40   THR A CG2 1 
ATOM   318  N N   . GLN A 1 41 ? -8.592  -6.742  -2.557  1.00 15.57 ? 41   GLN A N   1 
ATOM   319  C CA  . GLN A 1 41 ? -9.748  -6.272  -3.320  1.00 15.60 ? 41   GLN A CA  1 
ATOM   320  C C   . GLN A 1 41 ? -10.425 -5.023  -2.777  1.00 15.19 ? 41   GLN A C   1 
ATOM   321  O O   . GLN A 1 41 ? -11.422 -4.558  -3.337  1.00 15.74 ? 41   GLN A O   1 
ATOM   322  C CB  . GLN A 1 41 ? -10.785 -7.382  -3.420  1.00 15.65 ? 41   GLN A CB  1 
ATOM   323  C CG  . GLN A 1 41 ? -10.240 -8.688  -3.956  1.00 16.94 ? 41   GLN A CG  1 
ATOM   324  C CD  . GLN A 1 41 ? -11.341 -9.634  -4.370  1.00 15.76 ? 41   GLN A CD  1 
ATOM   325  O OE1 . GLN A 1 41 ? -12.113 -9.335  -5.278  1.00 16.22 ? 41   GLN A OE1 1 
ATOM   326  N NE2 . GLN A 1 41 ? -11.425 -10.779 -3.706  1.00 19.14 ? 41   GLN A NE2 1 
ATOM   327  N N   . ALA A 1 42 ? -9.879  -4.468  -1.701  1.00 13.75 ? 42   ALA A N   1 
ATOM   328  C CA  . ALA A 1 42 ? -10.475 -3.291  -1.088  1.00 15.06 ? 42   ALA A CA  1 
ATOM   329  C C   . ALA A 1 42 ? -10.498 -2.061  -1.988  1.00 14.76 ? 42   ALA A C   1 
ATOM   330  O O   . ALA A 1 42 ? -9.497  -1.716  -2.619  1.00 13.48 ? 42   ALA A O   1 
ATOM   331  C CB  . ALA A 1 42 ? -9.750  -2.960  0.216   1.00 15.73 ? 42   ALA A CB  1 
ATOM   332  N N   . THR A 1 43 ? -11.661 -1.417  -2.048  1.00 13.96 ? 43   THR A N   1 
ATOM   333  C CA  . THR A 1 43 ? -11.834 -0.192  -2.819  1.00 15.14 ? 43   THR A CA  1 
ATOM   334  C C   . THR A 1 43 ? -12.583 0.801   -1.944  1.00 16.65 ? 43   THR A C   1 
ATOM   335  O O   . THR A 1 43 ? -13.400 0.407   -1.106  1.00 16.07 ? 43   THR A O   1 
ATOM   336  C CB  . THR A 1 43 ? -12.661 -0.398  -4.108  1.00 14.74 ? 43   THR A CB  1 
ATOM   337  O OG1 . THR A 1 43 ? -13.954 -0.918  -3.775  1.00 14.33 ? 43   THR A OG1 1 
ATOM   338  C CG2 . THR A 1 43 ? -11.948 -1.340  -5.065  1.00 13.74 ? 43   THR A CG2 1 
ATOM   339  N N   . ASN A 1 44 ? -12.295 2.085   -2.132  1.00 18.32 ? 44   ASN A N   1 
ATOM   340  C CA  . ASN A 1 44 ? -12.958 3.152   -1.385  1.00 19.72 ? 44   ASN A CA  1 
ATOM   341  C C   . ASN A 1 44 ? -13.015 4.428   -2.206  1.00 19.34 ? 44   ASN A C   1 
ATOM   342  O O   . ASN A 1 44 ? -11.994 4.904   -2.701  1.00 15.00 ? 44   ASN A O   1 
ATOM   343  C CB  . ASN A 1 44 ? -12.235 3.438   -0.067  1.00 24.25 ? 44   ASN A CB  1 
ATOM   344  C CG  . ASN A 1 44 ? -12.444 2.347   0.959   1.00 28.16 ? 44   ASN A CG  1 
ATOM   345  O OD1 . ASN A 1 44 ? -11.691 1.374   1.013   1.00 31.79 ? 44   ASN A OD1 1 
ATOM   346  N ND2 . ASN A 1 44 ? -13.483 2.495   1.772   1.00 30.27 ? 44   ASN A ND2 1 
ATOM   347  N N   . ARG A 1 45 ? -14.213 4.981   -2.355  1.00 21.59 ? 45   ARG A N   1 
ATOM   348  C CA  . ARG A 1 45 ? -14.378 6.203   -3.128  1.00 23.11 ? 45   ARG A CA  1 
ATOM   349  C C   . ARG A 1 45 ? -14.226 7.414   -2.221  1.00 24.06 ? 45   ARG A C   1 
ATOM   350  O O   . ARG A 1 45 ? -14.655 7.397   -1.065  1.00 24.48 ? 45   ARG A O   1 
ATOM   351  C CB  . ARG A 1 45 ? -15.752 6.229   -3.805  1.00 26.17 ? 45   ARG A CB  1 
ATOM   352  C CG  . ARG A 1 45 ? -16.059 7.552   -4.505  1.00 31.13 ? 45   ARG A CG  1 
ATOM   353  C CD  . ARG A 1 45 ? -15.775 7.532   -6.000  1.00 33.75 ? 45   ARG A CD  1 
ATOM   354  N NE  . ARG A 1 45 ? -16.944 7.091   -6.756  1.00 38.23 ? 45   ARG A NE  1 
ATOM   355  C CZ  . ARG A 1 45 ? -17.127 7.318   -8.054  1.00 39.06 ? 45   ARG A CZ  1 
ATOM   356  N NH1 . ARG A 1 45 ? -16.217 7.987   -8.755  1.00 39.82 ? 45   ARG A NH1 1 
ATOM   357  N NH2 . ARG A 1 45 ? -18.221 6.876   -8.654  1.00 38.56 ? 45   ARG A NH2 1 
ATOM   358  N N   . ASN A 1 46 ? -13.611 8.461   -2.761  1.00 23.79 ? 46   ASN A N   1 
ATOM   359  C CA  . ASN A 1 46 ? -13.377 9.703   -2.034  1.00 25.15 ? 46   ASN A CA  1 
ATOM   360  C C   . ASN A 1 46 ? -14.307 10.788  -2.584  1.00 25.89 ? 46   ASN A C   1 
ATOM   361  O O   . ASN A 1 46 ? -14.865 10.640  -3.678  1.00 25.63 ? 46   ASN A O   1 
ATOM   362  C CB  . ASN A 1 46 ? -11.910 10.112  -2.194  1.00 24.99 ? 46   ASN A CB  1 
ATOM   363  C CG  . ASN A 1 46 ? -10.951 9.038   -1.701  1.00 24.94 ? 46   ASN A CG  1 
ATOM   364  O OD1 . ASN A 1 46 ? -10.003 8.663   -2.393  1.00 26.94 ? 46   ASN A OD1 1 
ATOM   365  N ND2 . ASN A 1 46 ? -11.196 8.539   -0.501  1.00 23.42 ? 46   ASN A ND2 1 
ATOM   366  N N   . THR A 1 47 ? -14.473 11.873  -1.833  1.00 27.78 ? 47   THR A N   1 
ATOM   367  C CA  . THR A 1 47 ? -15.365 12.955  -2.249  1.00 29.74 ? 47   THR A CA  1 
ATOM   368  C C   . THR A 1 47 ? -14.941 13.661  -3.531  1.00 28.86 ? 47   THR A C   1 
ATOM   369  O O   . THR A 1 47 ? -15.786 14.176  -4.264  1.00 30.21 ? 47   THR A O   1 
ATOM   370  C CB  . THR A 1 47 ? -15.516 14.027  -1.145  1.00 32.58 ? 47   THR A CB  1 
ATOM   371  O OG1 . THR A 1 47 ? -14.251 14.661  -0.916  1.00 35.23 ? 47   THR A OG1 1 
ATOM   372  C CG2 . THR A 1 47 ? -16.011 13.396  0.146   1.00 33.67 ? 47   THR A CG2 1 
ATOM   373  N N   . ASP A 1 48 ? -13.639 13.692  -3.803  1.00 26.64 ? 48   ASP A N   1 
ATOM   374  C CA  . ASP A 1 48 ? -13.157 14.353  -5.006  1.00 26.16 ? 48   ASP A CA  1 
ATOM   375  C C   . ASP A 1 48 ? -13.421 13.528  -6.267  1.00 24.17 ? 48   ASP A C   1 
ATOM   376  O O   . ASP A 1 48 ? -13.065 13.936  -7.371  1.00 24.23 ? 48   ASP A O   1 
ATOM   377  C CB  . ASP A 1 48 ? -11.661 14.692  -4.872  1.00 27.34 ? 48   ASP A CB  1 
ATOM   378  C CG  . ASP A 1 48 ? -10.769 13.464  -4.812  1.00 29.42 ? 48   ASP A CG  1 
ATOM   379  O OD1 . ASP A 1 48 ? -11.278 12.341  -4.612  1.00 29.07 ? 48   ASP A OD1 1 
ATOM   380  O OD2 . ASP A 1 48 ? -9.539  13.635  -4.956  1.00 30.18 ? 48   ASP A OD2 1 
ATOM   381  N N   . GLY A 1 49 ? -14.066 12.376  -6.097  1.00 22.52 ? 49   GLY A N   1 
ATOM   382  C CA  . GLY A 1 49 ? -14.381 11.525  -7.232  1.00 19.63 ? 49   GLY A CA  1 
ATOM   383  C C   . GLY A 1 49 ? -13.365 10.430  -7.512  1.00 20.49 ? 49   GLY A C   1 
ATOM   384  O O   . GLY A 1 49 ? -13.590 9.566   -8.369  1.00 20.26 ? 49   GLY A O   1 
ATOM   385  N N   . SER A 1 50 ? -12.243 10.459  -6.800  1.00 17.69 ? 50   SER A N   1 
ATOM   386  C CA  . SER A 1 50 ? -11.215 9.448   -6.997  1.00 15.87 ? 50   SER A CA  1 
ATOM   387  C C   . SER A 1 50 ? -11.529 8.231   -6.135  1.00 15.33 ? 50   SER A C   1 
ATOM   388  O O   . SER A 1 50 ? -12.361 8.290   -5.226  1.00 14.22 ? 50   SER A O   1 
ATOM   389  C CB  . SER A 1 50 ? -9.832  9.998   -6.633  1.00 13.91 ? 50   SER A CB  1 
ATOM   390  O OG  . SER A 1 50 ? -9.716  10.250  -5.242  1.00 13.36 ? 50   SER A OG  1 
ATOM   391  N N   . THR A 1 51 ? -10.868 7.122   -6.435  1.00 14.21 ? 51   THR A N   1 
ATOM   392  C CA  . THR A 1 51 ? -11.071 5.900   -5.673  1.00 13.86 ? 51   THR A CA  1 
ATOM   393  C C   . THR A 1 51 ? -9.701  5.365   -5.269  1.00 13.51 ? 51   THR A C   1 
ATOM   394  O O   . THR A 1 51 ? -8.726  5.554   -5.988  1.00 12.30 ? 51   THR A O   1 
ATOM   395  C CB  . THR A 1 51 ? -11.835 4.859   -6.525  1.00 14.30 ? 51   THR A CB  1 
ATOM   396  O OG1 . THR A 1 51 ? -13.079 5.431   -6.957  1.00 11.55 ? 51   THR A OG1 1 
ATOM   397  C CG2 . THR A 1 51 ? -12.120 3.587   -5.720  1.00 12.10 ? 51   THR A CG2 1 
ATOM   398  N N   . ASP A 1 52 ? -9.633  4.722   -4.107  1.00 12.98 ? 52   ASP A N   1 
ATOM   399  C CA  . ASP A 1 52 ? -8.395  4.135   -3.603  1.00 13.61 ? 52   ASP A CA  1 
ATOM   400  C C   . ASP A 1 52 ? -8.496  2.636   -3.854  1.00 15.13 ? 52   ASP A C   1 
ATOM   401  O O   . ASP A 1 52 ? -9.538  2.027   -3.593  1.00 14.13 ? 52   ASP A O   1 
ATOM   402  C CB  . ASP A 1 52 ? -8.229  4.418   -2.105  1.00 13.78 ? 52   ASP A CB  1 
ATOM   403  C CG  . ASP A 1 52 ? -8.150  5.899   -1.802  1.00 19.55 ? 52   ASP A CG  1 
ATOM   404  O OD1 . ASP A 1 52 ? -7.450  6.621   -2.544  1.00 18.27 ? 52   ASP A OD1 1 
ATOM   405  O OD2 . ASP A 1 52 ? -8.782  6.339   -0.817  1.00 24.78 ? 52   ASP A OD2 1 
ATOM   406  N N   . TYR A 1 53 ? -7.406  2.048   -4.344  1.00 14.98 ? 53   TYR A N   1 
ATOM   407  C CA  . TYR A 1 53 ? -7.394  0.636   -4.705  1.00 14.93 ? 53   TYR A CA  1 
ATOM   408  C C   . TYR A 1 53 ? -6.326  -0.268  -4.100  1.00 15.27 ? 53   TYR A C   1 
ATOM   409  O O   . TYR A 1 53 ? -5.164  0.113   -3.960  1.00 12.91 ? 53   TYR A O   1 
ATOM   410  C CB  . TYR A 1 53 ? -7.257  0.497   -6.221  1.00 13.35 ? 53   TYR A CB  1 
ATOM   411  C CG  . TYR A 1 53 ? -8.362  1.103   -7.029  1.00 14.10 ? 53   TYR A CG  1 
ATOM   412  C CD1 . TYR A 1 53 ? -8.391  2.468   -7.293  1.00 13.52 ? 53   TYR A CD1 1 
ATOM   413  C CD2 . TYR A 1 53 ? -9.387  0.309   -7.537  1.00 15.15 ? 53   TYR A CD2 1 
ATOM   414  C CE1 . TYR A 1 53 ? -9.416  3.032   -8.045  1.00 14.32 ? 53   TYR A CE1 1 
ATOM   415  C CE2 . TYR A 1 53 ? -10.415 0.860   -8.289  1.00 15.01 ? 53   TYR A CE2 1 
ATOM   416  C CZ  . TYR A 1 53 ? -10.423 2.225   -8.538  1.00 15.12 ? 53   TYR A CZ  1 
ATOM   417  O OH  . TYR A 1 53 ? -11.439 2.782   -9.274  1.00 17.78 ? 53   TYR A OH  1 
ATOM   418  N N   . GLY A 1 54 ? -6.745  -1.487  -3.775  1.00 16.03 ? 54   GLY A N   1 
ATOM   419  C CA  . GLY A 1 54 ? -5.831  -2.486  -3.267  1.00 14.43 ? 54   GLY A CA  1 
ATOM   420  C C   . GLY A 1 54 ? -5.384  -2.492  -1.826  1.00 15.57 ? 54   GLY A C   1 
ATOM   421  O O   . GLY A 1 54 ? -5.835  -1.721  -0.975  1.00 13.73 ? 54   GLY A O   1 
ATOM   422  N N   . ILE A 1 55 ? -4.463  -3.407  -1.572  1.00 14.06 ? 55   ILE A N   1 
ATOM   423  C CA  . ILE A 1 55 ? -3.906  -3.609  -0.257  1.00 17.02 ? 55   ILE A CA  1 
ATOM   424  C C   . ILE A 1 55 ? -3.321  -2.327  0.340   1.00 17.09 ? 55   ILE A C   1 
ATOM   425  O O   . ILE A 1 55 ? -3.377  -2.134  1.555   1.00 16.79 ? 55   ILE A O   1 
ATOM   426  C CB  . ILE A 1 55 ? -2.852  -4.735  -0.318  1.00 18.38 ? 55   ILE A CB  1 
ATOM   427  C CG1 . ILE A 1 55 ? -2.593  -5.276  1.085   1.00 19.85 ? 55   ILE A CG1 1 
ATOM   428  C CG2 . ILE A 1 55 ? -1.589  -4.228  -1.004  1.00 19.52 ? 55   ILE A CG2 1 
ATOM   429  C CD1 . ILE A 1 55 ? -2.111  -6.712  1.089   1.00 22.22 ? 55   ILE A CD1 1 
ATOM   430  N N   . LEU A 1 56 ? -2.779  -1.448  -0.503  1.00 15.27 ? 56   LEU A N   1 
ATOM   431  C CA  . LEU A 1 56 ? -2.207  -0.201  -0.010  1.00 16.56 ? 56   LEU A CA  1 
ATOM   432  C C   . LEU A 1 56 ? -3.024  1.029   -0.374  1.00 16.53 ? 56   LEU A C   1 
ATOM   433  O O   . LEU A 1 56 ? -2.557  2.155   -0.229  1.00 17.43 ? 56   LEU A O   1 
ATOM   434  C CB  . LEU A 1 56 ? -0.769  -0.023  -0.498  1.00 16.89 ? 56   LEU A CB  1 
ATOM   435  C CG  . LEU A 1 56 ? 0.298   -0.918  0.139   1.00 17.79 ? 56   LEU A CG  1 
ATOM   436  C CD1 . LEU A 1 56 ? 1.654   -0.596  -0.462  1.00 18.94 ? 56   LEU A CD1 1 
ATOM   437  C CD2 . LEU A 1 56 ? 0.327   -0.712  1.650   1.00 18.97 ? 56   LEU A CD2 1 
ATOM   438  N N   . GLN A 1 57 ? -4.245  0.809   -0.855  1.00 16.42 ? 57   GLN A N   1 
ATOM   439  C CA  . GLN A 1 57 ? -5.153  1.902   -1.198  1.00 14.83 ? 57   GLN A CA  1 
ATOM   440  C C   . GLN A 1 57 ? -4.516  3.034   -1.999  1.00 16.61 ? 57   GLN A C   1 
ATOM   441  O O   . GLN A 1 57 ? -4.486  4.184   -1.557  1.00 15.59 ? 57   GLN A O   1 
ATOM   442  C CB  . GLN A 1 57 ? -5.767  2.460   0.088   1.00 15.58 ? 57   GLN A CB  1 
ATOM   443  C CG  . GLN A 1 57 ? -6.706  1.487   0.771   1.00 14.46 ? 57   GLN A CG  1 
ATOM   444  C CD  . GLN A 1 57 ? -7.990  1.293   -0.014  1.00 16.46 ? 57   GLN A CD  1 
ATOM   445  O OE1 . GLN A 1 57 ? -8.915  2.103   0.075   1.00 17.88 ? 57   GLN A OE1 1 
ATOM   446  N NE2 . GLN A 1 57 ? -8.044  0.230   -0.804  1.00 17.21 ? 57   GLN A NE2 1 
ATOM   447  N N   . ILE A 1 58 ? -4.028  2.698   -3.185  1.00 15.05 ? 58   ILE A N   1 
ATOM   448  C CA  . ILE A 1 58 ? -3.389  3.660   -4.067  1.00 18.16 ? 58   ILE A CA  1 
ATOM   449  C C   . ILE A 1 58 ? -4.485  4.452   -4.786  1.00 17.85 ? 58   ILE A C   1 
ATOM   450  O O   . ILE A 1 58 ? -5.412  3.871   -5.347  1.00 16.57 ? 58   ILE A O   1 
ATOM   451  C CB  . ILE A 1 58 ? -2.448  2.907   -5.041  1.00 20.66 ? 58   ILE A CB  1 
ATOM   452  C CG1 . ILE A 1 58 ? -1.382  2.170   -4.214  1.00 21.35 ? 58   ILE A CG1 1 
ATOM   453  C CG2 . ILE A 1 58 ? -1.805  3.869   -6.028  1.00 20.73 ? 58   ILE A CG2 1 
ATOM   454  C CD1 . ILE A 1 58 ? -0.372  1.373   -5.016  1.00 17.96 ? 58   ILE A CD1 1 
ATOM   455  N N   . ASN A 1 59 ? -4.372  5.780   -4.746  1.00 17.93 ? 59   ASN A N   1 
ATOM   456  C CA  . ASN A 1 59 ? -5.363  6.696   -5.319  1.00 16.07 ? 59   ASN A CA  1 
ATOM   457  C C   . ASN A 1 59 ? -5.362  6.894   -6.847  1.00 17.35 ? 59   ASN A C   1 
ATOM   458  O O   . ASN A 1 59 ? -4.308  7.026   -7.475  1.00 17.35 ? 59   ASN A O   1 
ATOM   459  C CB  . ASN A 1 59 ? -5.242  8.047   -4.594  1.00 13.46 ? 59   ASN A CB  1 
ATOM   460  C CG  . ASN A 1 59 ? -6.288  9.044   -5.030  1.00 12.13 ? 59   ASN A CG  1 
ATOM   461  O OD1 . ASN A 1 59 ? -6.109  9.752   -6.016  0.40 7.45  ? 59   ASN A OD1 1 
ATOM   462  N ND2 . ASN A 1 59 ? -7.399  9.093   -4.305  0.40 7.45  ? 59   ASN A ND2 1 
ATOM   463  N N   . SER A 1 60 ? -6.563  6.934   -7.430  1.00 17.05 ? 60   SER A N   1 
ATOM   464  C CA  . SER A 1 60 ? -6.730  7.079   -8.880  1.00 18.46 ? 60   SER A CA  1 
ATOM   465  C C   . SER A 1 60 ? -6.484  8.483   -9.443  1.00 19.12 ? 60   SER A C   1 
ATOM   466  O O   . SER A 1 60 ? -6.419  8.658   -10.657 1.00 21.11 ? 60   SER A O   1 
ATOM   467  C CB  . SER A 1 60 ? -8.134  6.616   -9.302  1.00 19.09 ? 60   SER A CB  1 
ATOM   468  O OG  . SER A 1 60 ? -9.150  7.490   -8.824  1.00 18.96 ? 60   SER A OG  1 
ATOM   469  N N   . ARG A 1 61 ? -6.350  9.478   -8.575  1.00 21.30 ? 61   ARG A N   1 
ATOM   470  C CA  . ARG A 1 61 ? -6.119  10.843  -9.036  1.00 26.13 ? 61   ARG A CA  1 
ATOM   471  C C   . ARG A 1 61 ? -4.750  10.977  -9.714  1.00 24.56 ? 61   ARG A C   1 
ATOM   472  O O   . ARG A 1 61 ? -4.638  11.608  -10.760 1.00 24.04 ? 61   ARG A O   1 
ATOM   473  C CB  . ARG A 1 61 ? -6.221  11.825  -7.862  1.00 26.98 ? 61   ARG A CB  1 
ATOM   474  C CG  . ARG A 1 61 ? -6.790  13.193  -8.217  1.00 35.02 ? 61   ARG A CG  1 
ATOM   475  C CD  . ARG A 1 61 ? -5.903  13.956  -9.187  1.00 40.32 ? 61   ARG A CD  1 
ATOM   476  N NE  . ARG A 1 61 ? -6.383  15.320  -9.408  1.00 45.17 ? 61   ARG A NE  1 
ATOM   477  C CZ  . ARG A 1 61 ? -6.476  16.248  -8.457  1.00 47.58 ? 61   ARG A CZ  1 
ATOM   478  N NH1 . ARG A 1 61 ? -6.126  15.963  -7.209  1.00 49.19 ? 61   ARG A NH1 1 
ATOM   479  N NH2 . ARG A 1 61 ? -6.919  17.464  -8.753  1.00 48.62 ? 61   ARG A NH2 1 
ATOM   480  N N   . TRP A 1 62 ? -3.712  10.381  -9.133  1.00 25.04 ? 62   TRP A N   1 
ATOM   481  C CA  . TRP A 1 62 ? -2.381  10.485  -9.738  1.00 25.92 ? 62   TRP A CA  1 
ATOM   482  C C   . TRP A 1 62 ? -1.599  9.197   -9.931  1.00 23.27 ? 62   TRP A C   1 
ATOM   483  O O   . TRP A 1 62 ? -0.563  9.210   -10.589 1.00 24.15 ? 62   TRP A O   1 
ATOM   484  C CB  . TRP A 1 62 ? -1.492  11.449  -8.942  1.00 28.99 ? 62   TRP A CB  1 
ATOM   485  C CG  . TRP A 1 62 ? -2.121  12.021  -7.722  1.00 32.83 ? 62   TRP A CG  1 
ATOM   486  C CD1 . TRP A 1 62 ? -2.534  11.340  -6.611  1.00 34.74 ? 62   TRP A CD1 1 
ATOM   487  C CD2 . TRP A 1 62 ? -2.429  13.399  -7.488  1.00 35.09 ? 62   TRP A CD2 1 
ATOM   488  N NE1 . TRP A 1 62 ? -3.084  12.211  -5.698  1.00 37.03 ? 62   TRP A NE1 1 
ATOM   489  C CE2 . TRP A 1 62 ? -3.032  13.482  -6.211  1.00 36.13 ? 62   TRP A CE2 1 
ATOM   490  C CE3 . TRP A 1 62 ? -2.257  14.573  -8.233  1.00 36.45 ? 62   TRP A CE3 1 
ATOM   491  C CZ2 . TRP A 1 62 ? -3.465  14.695  -5.662  1.00 37.65 ? 62   TRP A CZ2 1 
ATOM   492  C CZ3 . TRP A 1 62 ? -2.687  15.784  -7.687  1.00 37.05 ? 62   TRP A CZ3 1 
ATOM   493  C CH2 . TRP A 1 62 ? -3.285  15.832  -6.413  1.00 38.74 ? 62   TRP A CH2 1 
ATOM   494  N N   . TRP A 1 63 ? -2.078  8.079   -9.398  1.00 20.37 ? 63   TRP A N   1 
ATOM   495  C CA  . TRP A 1 63 ? -1.296  6.855   -9.517  1.00 18.23 ? 63   TRP A CA  1 
ATOM   496  C C   . TRP A 1 63 ? -1.726  5.780   -10.504 1.00 16.77 ? 63   TRP A C   1 
ATOM   497  O O   . TRP A 1 63 ? -0.876  5.163   -11.140 1.00 17.56 ? 63   TRP A O   1 
ATOM   498  C CB  . TRP A 1 63 ? -1.110  6.257   -8.123  1.00 16.92 ? 63   TRP A CB  1 
ATOM   499  C CG  . TRP A 1 63 ? -0.523  7.256   -7.167  1.00 16.25 ? 63   TRP A CG  1 
ATOM   500  C CD1 . TRP A 1 63 ? -1.158  7.861   -6.120  1.00 16.67 ? 63   TRP A CD1 1 
ATOM   501  C CD2 . TRP A 1 63 ? 0.799   7.816   -7.214  1.00 15.26 ? 63   TRP A CD2 1 
ATOM   502  N NE1 . TRP A 1 63 ? -0.316  8.763   -5.513  1.00 15.62 ? 63   TRP A NE1 1 
ATOM   503  C CE2 . TRP A 1 63 ? 0.891   8.757   -6.164  1.00 16.16 ? 63   TRP A CE2 1 
ATOM   504  C CE3 . TRP A 1 63 ? 1.913   7.614   -8.043  1.00 16.22 ? 63   TRP A CE3 1 
ATOM   505  C CZ2 . TRP A 1 63 ? 2.058   9.500   -5.919  1.00 13.01 ? 63   TRP A CZ2 1 
ATOM   506  C CZ3 . TRP A 1 63 ? 3.073   8.354   -7.799  1.00 14.63 ? 63   TRP A CZ3 1 
ATOM   507  C CH2 . TRP A 1 63 ? 3.132   9.284   -6.745  1.00 14.79 ? 63   TRP A CH2 1 
ATOM   508  N N   . CYS A 1 64 ? -3.025  5.534   -10.632 1.00 16.43 ? 64   CYS A N   1 
ATOM   509  C CA  . CYS A 1 64 ? -3.503  4.517   -11.573 1.00 18.00 ? 64   CYS A CA  1 
ATOM   510  C C   . CYS A 1 64 ? -4.726  5.028   -12.315 1.00 18.56 ? 64   CYS A C   1 
ATOM   511  O O   . CYS A 1 64 ? -5.405  5.944   -11.849 1.00 18.46 ? 64   CYS A O   1 
ATOM   512  C CB  . CYS A 1 64 ? -3.864  3.222   -10.836 1.00 19.39 ? 64   CYS A CB  1 
ATOM   513  S SG  . CYS A 1 64 ? -5.221  3.440   -9.640  1.00 17.14 ? 64   CYS A SG  1 
ATOM   514  N N   . ASN A 1 65 ? -5.006  4.427   -13.466 1.00 18.68 ? 65   ASN A N   1 
ATOM   515  C CA  . ASN A 1 65 ? -6.154  4.823   -14.274 1.00 19.92 ? 65   ASN A CA  1 
ATOM   516  C C   . ASN A 1 65 ? -7.372  3.908   -14.093 1.00 17.15 ? 65   ASN A C   1 
ATOM   517  O O   . ASN A 1 65 ? -7.272  2.704   -14.310 1.00 17.27 ? 65   ASN A O   1 
ATOM   518  C CB  . ASN A 1 65 ? -5.758  4.834   -15.753 1.00 20.73 ? 65   ASN A CB  1 
ATOM   519  C CG  . ASN A 1 65 ? -6.943  5.053   -16.667 1.00 24.58 ? 65   ASN A CG  1 
ATOM   520  O OD1 . ASN A 1 65 ? -7.668  6.038   -16.528 1.00 27.46 ? 65   ASN A OD1 1 
ATOM   521  N ND2 . ASN A 1 65 ? -7.151  4.135   -17.607 1.00 27.11 ? 65   ASN A ND2 1 
ATOM   522  N N   . ASP A 1 66 ? -8.518  4.476   -13.710 1.00 18.67 ? 66   ASP A N   1 
ATOM   523  C CA  . ASP A 1 66 ? -9.733  3.669   -13.552 1.00 17.59 ? 66   ASP A CA  1 
ATOM   524  C C   . ASP A 1 66 ? -10.829 4.095   -14.530 1.00 18.00 ? 66   ASP A C   1 
ATOM   525  O O   . ASP A 1 66 ? -11.966 3.618   -14.470 1.00 16.99 ? 66   ASP A O   1 
ATOM   526  C CB  . ASP A 1 66 ? -10.255 3.698   -12.104 1.00 18.86 ? 66   ASP A CB  1 
ATOM   527  C CG  . ASP A 1 66 ? -10.711 5.074   -11.649 1.00 17.73 ? 66   ASP A CG  1 
ATOM   528  O OD1 . ASP A 1 66 ? -10.723 6.023   -12.461 1.00 18.15 ? 66   ASP A OD1 1 
ATOM   529  O OD2 . ASP A 1 66 ? -11.070 5.196   -10.458 1.00 16.83 ? 66   ASP A OD2 1 
ATOM   530  N N   . GLY A 1 67 ? -10.469 5.001   -15.433 1.00 16.78 ? 67   GLY A N   1 
ATOM   531  C CA  . GLY A 1 67 ? -11.391 5.467   -16.452 1.00 16.91 ? 67   GLY A CA  1 
ATOM   532  C C   . GLY A 1 67 ? -12.563 6.320   -16.023 1.00 18.61 ? 67   GLY A C   1 
ATOM   533  O O   . GLY A 1 67 ? -13.463 6.561   -16.825 1.00 19.60 ? 67   GLY A O   1 
ATOM   534  N N   . ARG A 1 68 ? -12.572 6.784   -14.778 1.00 18.32 ? 68   ARG A N   1 
ATOM   535  C CA  . ARG A 1 68 ? -13.679 7.606   -14.315 1.00 19.91 ? 68   ARG A CA  1 
ATOM   536  C C   . ARG A 1 68 ? -13.235 8.733   -13.398 1.00 21.76 ? 68   ARG A C   1 
ATOM   537  O O   . ARG A 1 68 ? -14.066 9.374   -12.757 1.00 20.57 ? 68   ARG A O   1 
ATOM   538  C CB  . ARG A 1 68 ? -14.710 6.748   -13.588 1.00 20.39 ? 68   ARG A CB  1 
ATOM   539  C CG  . ARG A 1 68 ? -14.269 6.264   -12.227 1.00 21.04 ? 68   ARG A CG  1 
ATOM   540  C CD  . ARG A 1 68 ? -15.397 5.514   -11.546 1.00 22.37 ? 68   ARG A CD  1 
ATOM   541  N NE  . ARG A 1 68 ? -15.104 5.240   -10.145 1.00 23.43 ? 68   ARG A NE  1 
ATOM   542  C CZ  . ARG A 1 68 ? -15.887 4.518   -9.353  1.00 22.81 ? 68   ARG A CZ  1 
ATOM   543  N NH1 . ARG A 1 68 ? -17.005 3.998   -9.838  1.00 22.06 ? 68   ARG A NH1 1 
ATOM   544  N NH2 . ARG A 1 68 ? -15.560 4.329   -8.080  1.00 21.05 ? 68   ARG A NH2 1 
ATOM   545  N N   . THR A 1 69 ? -11.930 8.974   -13.338 1.00 24.28 ? 69   THR A N   1 
ATOM   546  C CA  . THR A 1 69 ? -11.392 10.031  -12.489 1.00 26.83 ? 69   THR A CA  1 
ATOM   547  C C   . THR A 1 69 ? -10.880 11.177  -13.353 1.00 29.82 ? 69   THR A C   1 
ATOM   548  O O   . THR A 1 69 ? -9.987  10.994  -14.184 1.00 30.48 ? 69   THR A O   1 
ATOM   549  C CB  . THR A 1 69 ? -10.245 9.504   -11.598 1.00 25.57 ? 69   THR A CB  1 
ATOM   550  O OG1 . THR A 1 69 ? -10.711 8.377   -10.847 1.00 24.39 ? 69   THR A OG1 1 
ATOM   551  C CG2 . THR A 1 69 ? -9.772  10.590  -10.624 1.00 25.11 ? 69   THR A CG2 1 
ATOM   552  N N   . PRO A 1 70 ? -11.448 12.379  -13.168 1.00 32.75 ? 70   PRO A N   1 
ATOM   553  C CA  . PRO A 1 70 ? -11.069 13.576  -13.925 1.00 33.71 ? 70   PRO A CA  1 
ATOM   554  C C   . PRO A 1 70 ? -9.560  13.719  -14.101 1.00 33.60 ? 70   PRO A C   1 
ATOM   555  O O   . PRO A 1 70 ? -8.888  14.306  -13.253 1.00 34.31 ? 70   PRO A O   1 
ATOM   556  C CB  . PRO A 1 70 ? -11.663 14.706  -13.090 1.00 34.57 ? 70   PRO A CB  1 
ATOM   557  C CG  . PRO A 1 70 ? -12.902 14.078  -12.530 1.00 35.78 ? 70   PRO A CG  1 
ATOM   558  C CD  . PRO A 1 70 ? -12.407 12.716  -12.099 1.00 33.60 ? 70   PRO A CD  1 
ATOM   559  N N   . SER B 2 1  ? -6.553  13.741  -14.368 1.00 40.79 ? 72   SER B N   1 
ATOM   560  C CA  . SER B 2 1  ? -6.143  12.451  -13.829 1.00 39.84 ? 72   SER B CA  1 
ATOM   561  C C   . SER B 2 1  ? -4.811  11.996  -14.400 1.00 39.43 ? 72   SER B C   1 
ATOM   562  O O   . SER B 2 1  ? -4.657  11.849  -15.612 1.00 39.01 ? 72   SER B O   1 
ATOM   563  C CB  . SER B 2 1  ? -7.194  11.384  -14.125 1.00 41.57 ? 72   SER B CB  1 
ATOM   564  O OG  . SER B 2 1  ? -6.707  10.095  -13.780 1.00 43.90 ? 72   SER B OG  1 
ATOM   565  N N   . ARG B 2 2  ? -3.848  11.772  -13.518 1.00 38.45 ? 73   ARG B N   1 
ATOM   566  C CA  . ARG B 2 2  ? -2.538  11.319  -13.939 1.00 36.70 ? 73   ARG B CA  1 
ATOM   567  C C   . ARG B 2 2  ? -2.417  9.839   -13.636 1.00 34.52 ? 73   ARG B C   1 
ATOM   568  O O   . ARG B 2 2  ? -3.040  9.326   -12.708 1.00 36.89 ? 73   ARG B O   1 
ATOM   569  C CB  . ARG B 2 2  ? -1.444  12.109  -13.215 1.00 38.85 ? 73   ARG B CB  1 
ATOM   570  C CG  . ARG B 2 2  ? -1.416  13.581  -13.594 1.00 42.69 ? 73   ARG B CG  1 
ATOM   571  C CD  . ARG B 2 2  ? -0.242  14.294  -12.959 1.00 46.85 ? 73   ARG B CD  1 
ATOM   572  N NE  . ARG B 2 2  ? -0.382  14.425  -11.513 1.00 50.31 ? 73   ARG B NE  1 
ATOM   573  C CZ  . ARG B 2 2  ? 0.599   14.818  -10.705 1.00 52.61 ? 73   ARG B CZ  1 
ATOM   574  N NH1 . ARG B 2 2  ? 1.790   15.114  -11.208 1.00 53.57 ? 73   ARG B NH1 1 
ATOM   575  N NH2 . ARG B 2 2  ? 0.393   14.919  -9.397  1.00 53.36 ? 73   ARG B NH2 1 
ATOM   576  N N   . ASN B 2 3  ? -1.622  9.149   -14.433 1.00 31.40 ? 74   ASN B N   1 
ATOM   577  C CA  . ASN B 2 3  ? -1.427  7.724   -14.261 1.00 28.60 ? 74   ASN B CA  1 
ATOM   578  C C   . ASN B 2 3  ? 0.080   7.534   -14.153 1.00 26.65 ? 74   ASN B C   1 
ATOM   579  O O   . ASN B 2 3  ? 0.714   6.981   -15.048 1.00 26.65 ? 74   ASN B O   1 
ATOM   580  C CB  . ASN B 2 3  ? -2.010  6.996   -15.478 1.00 28.00 ? 74   ASN B CB  1 
ATOM   581  C CG  . ASN B 2 3  ? -1.869  5.495   -15.393 1.00 27.40 ? 74   ASN B CG  1 
ATOM   582  O OD1 . ASN B 2 3  ? -1.789  4.925   -14.306 1.00 28.60 ? 74   ASN B OD1 1 
ATOM   583  N ND2 . ASN B 2 3  ? -1.853  4.842   -16.550 1.00 28.19 ? 74   ASN B ND2 1 
ATOM   584  N N   . LEU B 2 4  ? 0.638   8.012   -13.040 1.00 25.83 ? 75   LEU B N   1 
ATOM   585  C CA  . LEU B 2 4  ? 2.077   7.952   -12.788 1.00 25.91 ? 75   LEU B CA  1 
ATOM   586  C C   . LEU B 2 4  ? 2.658   6.553   -12.686 1.00 25.57 ? 75   LEU B C   1 
ATOM   587  O O   . LEU B 2 4  ? 3.834   6.341   -12.990 1.00 26.14 ? 75   LEU B O   1 
ATOM   588  C CB  . LEU B 2 4  ? 2.408   8.740   -11.524 1.00 25.24 ? 75   LEU B CB  1 
ATOM   589  C CG  . LEU B 2 4  ? 1.999   10.212  -11.569 1.00 27.03 ? 75   LEU B CG  1 
ATOM   590  C CD1 . LEU B 2 4  ? 2.147   10.804  -10.180 1.00 28.78 ? 75   LEU B CD1 1 
ATOM   591  C CD2 . LEU B 2 4  ? 2.843   10.973  -12.591 1.00 26.42 ? 75   LEU B CD2 1 
ATOM   592  N N   . CYS B 2 5  ? 1.852   5.594   -12.249 1.00 23.00 ? 76   CYS B N   1 
ATOM   593  C CA  . CYS B 2 5  ? 2.341   4.226   -12.148 1.00 21.97 ? 76   CYS B CA  1 
ATOM   594  C C   . CYS B 2 5  ? 2.103   3.478   -13.454 1.00 22.57 ? 76   CYS B C   1 
ATOM   595  O O   . CYS B 2 5  ? 2.527   2.332   -13.609 1.00 21.14 ? 76   CYS B O   1 
ATOM   596  C CB  . CYS B 2 5  ? 1.684   3.509   -10.965 1.00 21.24 ? 76   CYS B CB  1 
ATOM   597  S SG  . CYS B 2 5  ? 2.398   4.043   -9.374  1.00 19.39 ? 76   CYS B SG  1 
ATOM   598  N N   . ASN B 2 6  ? 1.438   4.151   -14.394 1.00 22.99 ? 77   ASN B N   1 
ATOM   599  C CA  . ASN B 2 6  ? 1.147   3.591   -15.718 1.00 24.29 ? 77   ASN B CA  1 
ATOM   600  C C   . ASN B 2 6  ? 0.464   2.233   -15.694 1.00 22.08 ? 77   ASN B C   1 
ATOM   601  O O   . ASN B 2 6  ? 0.913   1.300   -16.353 1.00 18.51 ? 77   ASN B O   1 
ATOM   602  C CB  . ASN B 2 6  ? 2.437   3.486   -16.544 1.00 27.90 ? 77   ASN B CB  1 
ATOM   603  C CG  . ASN B 2 6  ? 2.750   4.759   -17.315 1.00 33.28 ? 77   ASN B CG  1 
ATOM   604  O OD1 . ASN B 2 6  ? 2.065   5.094   -18.287 1.00 35.59 ? 77   ASN B OD1 1 
ATOM   605  N ND2 . ASN B 2 6  ? 3.787   5.475   -16.885 1.00 35.35 ? 77   ASN B ND2 1 
ATOM   606  N N   . ILE B 2 7  ? -0.624  2.121   -14.942 1.00 20.89 ? 78   ILE B N   1 
ATOM   607  C CA  . ILE B 2 7  ? -1.342  0.859   -14.867 1.00 20.36 ? 78   ILE B CA  1 
ATOM   608  C C   . ILE B 2 7  ? -2.806  1.018   -14.514 1.00 19.74 ? 78   ILE B C   1 
ATOM   609  O O   . ILE B 2 7  ? -3.191  1.959   -13.820 1.00 19.76 ? 78   ILE B O   1 
ATOM   610  C CB  . ILE B 2 7  ? -0.715  -0.096  -13.836 1.00 21.20 ? 78   ILE B CB  1 
ATOM   611  C CG1 . ILE B 2 7  ? -0.056  0.699   -12.710 1.00 24.65 ? 78   ILE B CG1 1 
ATOM   612  C CG2 . ILE B 2 7  ? 0.262   -1.026  -14.527 1.00 24.95 ? 78   ILE B CG2 1 
ATOM   613  C CD1 . ILE B 2 7  ? -1.020  1.429   -11.822 1.00 21.45 ? 78   ILE B CD1 1 
ATOM   614  N N   . PRO B 2 8  ? -3.648  0.098   -15.002 1.00 18.14 ? 79   PRO B N   1 
ATOM   615  C CA  . PRO B 2 8  ? -5.075  0.194   -14.687 1.00 17.51 ? 79   PRO B CA  1 
ATOM   616  C C   . PRO B 2 8  ? -5.236  -0.091  -13.200 1.00 16.96 ? 79   PRO B C   1 
ATOM   617  O O   . PRO B 2 8  ? -4.595  -0.998  -12.666 1.00 18.71 ? 79   PRO B O   1 
ATOM   618  C CB  . PRO B 2 8  ? -5.704  -0.878  -15.582 1.00 16.25 ? 79   PRO B CB  1 
ATOM   619  C CG  . PRO B 2 8  ? -4.610  -1.888  -15.731 1.00 18.40 ? 79   PRO B CG  1 
ATOM   620  C CD  . PRO B 2 8  ? -3.366  -1.043  -15.892 1.00 16.33 ? 79   PRO B CD  1 
ATOM   621  N N   . CYS B 2 9  ? -6.072  0.690   -12.528 1.00 16.30 ? 80   CYS B N   1 
ATOM   622  C CA  . CYS B 2 9  ? -6.281  0.508   -11.096 1.00 15.71 ? 80   CYS B CA  1 
ATOM   623  C C   . CYS B 2 9  ? -6.702  -0.910  -10.745 1.00 13.87 ? 80   CYS B C   1 
ATOM   624  O O   . CYS B 2 9  ? -6.370  -1.419  -9.674  1.00 15.65 ? 80   CYS B O   1 
ATOM   625  C CB  . CYS B 2 9  ? -7.340  1.483   -10.586 1.00 14.74 ? 80   CYS B CB  1 
ATOM   626  S SG  . CYS B 2 9  ? -6.899  3.237   -10.764 1.00 17.32 ? 80   CYS B SG  1 
ATOM   627  N N   . SER B 2 10 ? -7.439  -1.547  -11.645 1.00 14.46 ? 81   SER B N   1 
ATOM   628  C CA  . SER B 2 10 ? -7.901  -2.908  -11.407 1.00 16.26 ? 81   SER B CA  1 
ATOM   629  C C   . SER B 2 10 ? -6.718  -3.843  -11.157 1.00 16.12 ? 81   SER B C   1 
ATOM   630  O O   . SER B 2 10 ? -6.840  -4.827  -10.428 1.00 16.78 ? 81   SER B O   1 
ATOM   631  C CB  . SER B 2 10 ? -8.729  -3.401  -12.602 1.00 15.46 ? 81   SER B CB  1 
ATOM   632  O OG  . SER B 2 10 ? -7.952  -3.459  -13.783 1.00 15.46 ? 81   SER B OG  1 
ATOM   633  N N   . ALA B 2 11 ? -5.574  -3.520  -11.751 1.00 16.10 ? 82   ALA B N   1 
ATOM   634  C CA  . ALA B 2 11 ? -4.369  -4.327  -11.592 1.00 17.17 ? 82   ALA B CA  1 
ATOM   635  C C   . ALA B 2 11 ? -3.847  -4.308  -10.152 1.00 18.16 ? 82   ALA B C   1 
ATOM   636  O O   . ALA B 2 11 ? -3.024  -5.136  -9.778  1.00 21.00 ? 82   ALA B O   1 
ATOM   637  C CB  . ALA B 2 11 ? -3.286  -3.824  -12.532 1.00 19.38 ? 82   ALA B CB  1 
ATOM   638  N N   . LEU B 2 12 ? -4.320  -3.356  -9.356  1.00 18.04 ? 83   LEU B N   1 
ATOM   639  C CA  . LEU B 2 12 ? -3.888  -3.233  -7.966  1.00 19.32 ? 83   LEU B CA  1 
ATOM   640  C C   . LEU B 2 12 ? -4.763  -4.041  -7.011  1.00 20.03 ? 83   LEU B C   1 
ATOM   641  O O   . LEU B 2 12 ? -4.569  -3.989  -5.795  1.00 20.21 ? 83   LEU B O   1 
ATOM   642  C CB  . LEU B 2 12 ? -3.902  -1.760  -7.540  1.00 19.53 ? 83   LEU B CB  1 
ATOM   643  C CG  . LEU B 2 12 ? -3.045  -0.790  -8.362  1.00 18.04 ? 83   LEU B CG  1 
ATOM   644  C CD1 . LEU B 2 12 ? -3.276  0.643   -7.888  1.00 17.34 ? 83   LEU B CD1 1 
ATOM   645  C CD2 . LEU B 2 12 ? -1.576  -1.182  -8.234  1.00 20.39 ? 83   LEU B CD2 1 
ATOM   646  N N   . LEU B 2 13 ? -5.712  -4.791  -7.565  1.00 20.41 ? 84   LEU B N   1 
ATOM   647  C CA  . LEU B 2 13 ? -6.629  -5.600  -6.765  1.00 21.79 ? 84   LEU B CA  1 
ATOM   648  C C   . LEU B 2 13 ? -6.303  -7.091  -6.835  1.00 22.84 ? 84   LEU B C   1 
ATOM   649  O O   . LEU B 2 13 ? -6.958  -7.917  -6.195  1.00 22.80 ? 84   LEU B O   1 
ATOM   650  C CB  . LEU B 2 13 ? -8.063  -5.376  -7.248  1.00 20.92 ? 84   LEU B CB  1 
ATOM   651  C CG  . LEU B 2 13 ? -8.509  -3.916  -7.300  1.00 19.60 ? 84   LEU B CG  1 
ATOM   652  C CD1 . LEU B 2 13 ? -9.896  -3.827  -7.910  1.00 23.50 ? 84   LEU B CD1 1 
ATOM   653  C CD2 . LEU B 2 13 ? -8.497  -3.329  -5.894  1.00 21.61 ? 84   LEU B CD2 1 
ATOM   654  N N   . SER B 2 14 ? -5.288  -7.424  -7.622  1.00 23.36 ? 85   SER B N   1 
ATOM   655  C CA  . SER B 2 14 ? -4.856  -8.804  -7.811  1.00 23.59 ? 85   SER B CA  1 
ATOM   656  C C   . SER B 2 14 ? -4.303  -9.449  -6.540  1.00 23.83 ? 85   SER B C   1 
ATOM   657  O O   . SER B 2 14 ? -3.812  -8.761  -5.641  1.00 22.66 ? 85   SER B O   1 
ATOM   658  C CB  . SER B 2 14 ? -3.792  -8.850  -8.913  1.00 24.14 ? 85   SER B CB  1 
ATOM   659  O OG  . SER B 2 14 ? -3.251  -10.150 -9.061  1.00 24.36 ? 85   SER B OG  1 
ATOM   660  N N   . SER B 2 15 ? -4.396  -10.774 -6.467  1.00 22.92 ? 86   SER B N   1 
ATOM   661  C CA  . SER B 2 15 ? -3.877  -11.513 -5.322  1.00 24.56 ? 86   SER B CA  1 
ATOM   662  C C   . SER B 2 15 ? -2.343  -11.428 -5.343  1.00 24.63 ? 86   SER B C   1 
ATOM   663  O O   . SER B 2 15 ? -1.676  -11.712 -4.346  1.00 25.04 ? 86   SER B O   1 
ATOM   664  C CB  . SER B 2 15 ? -4.332  -12.973 -5.387  1.00 26.75 ? 86   SER B CB  1 
ATOM   665  O OG  . SER B 2 15 ? -3.901  -13.587 -6.592  1.00 29.00 ? 86   SER B OG  1 
ATOM   666  N N   . ASP B 2 16 ? -1.795  -11.039 -6.494  1.00 23.31 ? 87   ASP B N   1 
ATOM   667  C CA  . ASP B 2 16 ? -0.354  -10.868 -6.668  1.00 23.85 ? 87   ASP B CA  1 
ATOM   668  C C   . ASP B 2 16 ? -0.090  -9.384  -6.412  1.00 23.64 ? 87   ASP B C   1 
ATOM   669  O O   . ASP B 2 16 ? -0.496  -8.527  -7.201  1.00 24.40 ? 87   ASP B O   1 
ATOM   670  C CB  . ASP B 2 16 ? 0.055   -11.260 -8.095  1.00 25.66 ? 87   ASP B CB  1 
ATOM   671  C CG  . ASP B 2 16 ? 1.474   -10.826 -8.452  1.00 27.85 ? 87   ASP B CG  1 
ATOM   672  O OD1 . ASP B 2 16 ? 2.267   -10.508 -7.537  1.00 25.11 ? 87   ASP B OD1 1 
ATOM   673  O OD2 . ASP B 2 16 ? 1.795   -10.810 -9.659  1.00 31.49 ? 87   ASP B OD2 1 
ATOM   674  N N   . ILE B 2 17 ? 0.593   -9.085  -5.314  1.00 22.53 ? 88   ILE B N   1 
ATOM   675  C CA  . ILE B 2 17 ? 0.852   -7.700  -4.934  1.00 21.94 ? 88   ILE B CA  1 
ATOM   676  C C   . ILE B 2 17 ? 2.005   -7.017  -5.649  1.00 22.30 ? 88   ILE B C   1 
ATOM   677  O O   . ILE B 2 17 ? 2.378   -5.900  -5.292  1.00 22.53 ? 88   ILE B O   1 
ATOM   678  C CB  . ILE B 2 17 ? 1.109   -7.586  -3.417  1.00 20.72 ? 88   ILE B CB  1 
ATOM   679  C CG1 . ILE B 2 17 ? 2.438   -8.264  -3.053  1.00 19.12 ? 88   ILE B CG1 1 
ATOM   680  C CG2 . ILE B 2 17 ? -0.043  -8.225  -2.655  1.00 22.82 ? 88   ILE B CG2 1 
ATOM   681  C CD1 . ILE B 2 17 ? 2.866   -8.042  -1.618  1.00 15.45 ? 88   ILE B CD1 1 
ATOM   682  N N   . THR B 2 18 ? 2.564   -7.673  -6.657  1.00 21.18 ? 89   THR B N   1 
ATOM   683  C CA  . THR B 2 18 ? 3.688   -7.100  -7.385  1.00 21.75 ? 89   THR B CA  1 
ATOM   684  C C   . THR B 2 18 ? 3.391   -5.694  -7.892  1.00 20.73 ? 89   THR B C   1 
ATOM   685  O O   . THR B 2 18 ? 4.201   -4.782  -7.734  1.00 20.79 ? 89   THR B O   1 
ATOM   686  C CB  . THR B 2 18 ? 4.073   -7.977  -8.581  1.00 22.58 ? 89   THR B CB  1 
ATOM   687  O OG1 . THR B 2 18 ? 4.364   -9.302  -8.121  1.00 25.71 ? 89   THR B OG1 1 
ATOM   688  C CG2 . THR B 2 18 ? 5.297   -7.407  -9.280  1.00 23.69 ? 89   THR B CG2 1 
ATOM   689  N N   . ALA B 2 19 ? 2.218   -5.531  -8.493  1.00 18.92 ? 90   ALA B N   1 
ATOM   690  C CA  . ALA B 2 19 ? 1.796   -4.251  -9.042  1.00 19.72 ? 90   ALA B CA  1 
ATOM   691  C C   . ALA B 2 19 ? 1.700   -3.170  -7.973  1.00 17.63 ? 90   ALA B C   1 
ATOM   692  O O   . ALA B 2 19 ? 2.211   -2.067  -8.152  1.00 18.31 ? 90   ALA B O   1 
ATOM   693  C CB  . ALA B 2 19 ? 0.448   -4.411  -9.745  1.00 20.45 ? 90   ALA B CB  1 
ATOM   694  N N   . SER B 2 20 ? 1.031   -3.487  -6.871  1.00 16.83 ? 91   SER B N   1 
ATOM   695  C CA  . SER B 2 20 ? 0.873   -2.543  -5.772  1.00 15.82 ? 91   SER B CA  1 
ATOM   696  C C   . SER B 2 20 ? 2.225   -2.158  -5.176  1.00 16.49 ? 91   SER B C   1 
ATOM   697  O O   . SER B 2 20 ? 2.495   -0.982  -4.930  1.00 17.14 ? 91   SER B O   1 
ATOM   698  C CB  . SER B 2 20 ? -0.019  -3.148  -4.690  1.00 16.32 ? 91   SER B CB  1 
ATOM   699  O OG  . SER B 2 20 ? -1.344  -3.290  -5.165  1.00 15.88 ? 91   SER B OG  1 
ATOM   700  N N   . VAL B 2 21 ? 3.070   -3.156  -4.939  1.00 16.47 ? 92   VAL B N   1 
ATOM   701  C CA  . VAL B 2 21 ? 4.391   -2.912  -4.380  1.00 17.53 ? 92   VAL B CA  1 
ATOM   702  C C   . VAL B 2 21 ? 5.221   -1.973  -5.264  1.00 18.25 ? 92   VAL B C   1 
ATOM   703  O O   . VAL B 2 21 ? 5.818   -1.016  -4.768  1.00 18.10 ? 92   VAL B O   1 
ATOM   704  C CB  . VAL B 2 21 ? 5.154   -4.242  -4.174  1.00 19.84 ? 92   VAL B CB  1 
ATOM   705  C CG1 . VAL B 2 21 ? 6.633   -3.964  -3.867  1.00 20.33 ? 92   VAL B CG1 1 
ATOM   706  C CG2 . VAL B 2 21 ? 4.521   -5.020  -3.027  1.00 19.23 ? 92   VAL B CG2 1 
ATOM   707  N N   . ASN B 2 22 ? 5.253   -2.230  -6.569  1.00 19.14 ? 93   ASN B N   1 
ATOM   708  C CA  . ASN B 2 22 ? 6.032   -1.379  -7.467  1.00 20.98 ? 93   ASN B CA  1 
ATOM   709  C C   . ASN B 2 22 ? 5.544   0.059   -7.481  1.00 20.34 ? 93   ASN B C   1 
ATOM   710  O O   . ASN B 2 22 ? 6.354   0.995   -7.528  1.00 21.07 ? 93   ASN B O   1 
ATOM   711  C CB  . ASN B 2 22 ? 6.018   -1.924  -8.894  1.00 24.16 ? 93   ASN B CB  1 
ATOM   712  C CG  . ASN B 2 22 ? 6.984   -3.069  -9.082  1.00 27.73 ? 93   ASN B CG  1 
ATOM   713  O OD1 . ASN B 2 22 ? 8.013   -3.139  -8.410  1.00 29.78 ? 93   ASN B OD1 1 
ATOM   714  N ND2 . ASN B 2 22 ? 6.670   -3.968  -10.010 1.00 30.36 ? 93   ASN B ND2 1 
ATOM   715  N N   . CYS B 2 23 ? 4.228   0.236   -7.438  1.00 16.37 ? 94   CYS B N   1 
ATOM   716  C CA  . CYS B 2 23 ? 3.637   1.570   -7.440  1.00 16.24 ? 94   CYS B CA  1 
ATOM   717  C C   . CYS B 2 23 ? 3.861   2.265   -6.101  1.00 15.15 ? 94   CYS B C   1 
ATOM   718  O O   . CYS B 2 23 ? 4.097   3.471   -6.054  1.00 16.34 ? 94   CYS B O   1 
ATOM   719  C CB  . CYS B 2 23 ? 2.144   1.482   -7.757  1.00 15.66 ? 94   CYS B CB  1 
ATOM   720  S SG  . CYS B 2 23 ? 1.299   3.083   -7.965  1.00 19.18 ? 94   CYS B SG  1 
ATOM   721  N N   . ALA B 2 24 ? 3.797   1.501   -5.014  1.00 15.78 ? 95   ALA B N   1 
ATOM   722  C CA  . ALA B 2 24 ? 4.018   2.054   -3.682  1.00 12.40 ? 95   ALA B CA  1 
ATOM   723  C C   . ALA B 2 24 ? 5.462   2.542   -3.558  1.00 15.60 ? 95   ALA B C   1 
ATOM   724  O O   . ALA B 2 24 ? 5.744   3.513   -2.847  1.00 14.32 ? 95   ALA B O   1 
ATOM   725  C CB  . ALA B 2 24 ? 3.728   0.993   -2.615  1.00 12.76 ? 95   ALA B CB  1 
ATOM   726  N N   . LYS B 2 25 ? 6.383   1.869   -4.246  1.00 15.92 ? 96   LYS B N   1 
ATOM   727  C CA  . LYS B 2 25 ? 7.790   2.267   -4.198  1.00 15.86 ? 96   LYS B CA  1 
ATOM   728  C C   . LYS B 2 25 ? 7.958   3.624   -4.859  1.00 17.71 ? 96   LYS B C   1 
ATOM   729  O O   . LYS B 2 25 ? 8.815   4.418   -4.468  1.00 14.84 ? 96   LYS B O   1 
ATOM   730  C CB  . LYS B 2 25 ? 8.675   1.240   -4.912  1.00 18.84 ? 96   LYS B CB  1 
ATOM   731  C CG  . LYS B 2 25 ? 8.901   -0.047  -4.138  1.00 15.18 ? 96   LYS B CG  1 
ATOM   732  C CD  . LYS B 2 25 ? 9.810   -0.976  -4.917  1.00 19.72 ? 96   LYS B CD  1 
ATOM   733  C CE  . LYS B 2 25 ? 10.198  -2.194  -4.089  1.00 21.55 ? 96   LYS B CE  1 
ATOM   734  N NZ  . LYS B 2 25 ? 10.913  -3.204  -4.911  1.00 21.51 ? 96   LYS B NZ  1 
ATOM   735  N N   . LYS B 2 26 ? 7.134   3.885   -5.868  1.00 17.05 ? 97   LYS B N   1 
ATOM   736  C CA  . LYS B 2 26 ? 7.185   5.152   -6.580  1.00 19.35 ? 97   LYS B CA  1 
ATOM   737  C C   . LYS B 2 26 ? 6.571   6.258   -5.718  1.00 19.59 ? 97   LYS B C   1 
ATOM   738  O O   . LYS B 2 26 ? 7.074   7.385   -5.674  1.00 20.26 ? 97   LYS B O   1 
ATOM   739  C CB  . LYS B 2 26 ? 6.430   5.025   -7.905  1.00 22.06 ? 97   LYS B CB  1 
ATOM   740  C CG  . LYS B 2 26 ? 6.338   6.311   -8.705  1.00 27.76 ? 97   LYS B CG  1 
ATOM   741  C CD  . LYS B 2 26 ? 5.796   6.062   -10.106 1.00 31.15 ? 97   LYS B CD  1 
ATOM   742  C CE  . LYS B 2 26 ? 6.810   5.330   -10.990 1.00 35.37 ? 97   LYS B CE  1 
ATOM   743  N NZ  . LYS B 2 26 ? 7.128   3.944   -10.529 1.00 37.80 ? 97   LYS B NZ  1 
ATOM   744  N N   . ILE B 2 27 ? 5.483   5.922   -5.034  1.00 16.30 ? 98   ILE B N   1 
ATOM   745  C CA  . ILE B 2 27 ? 4.785   6.860   -4.168  1.00 15.31 ? 98   ILE B CA  1 
ATOM   746  C C   . ILE B 2 27 ? 5.639   7.304   -2.983  1.00 16.60 ? 98   ILE B C   1 
ATOM   747  O O   . ILE B 2 27 ? 5.736   8.498   -2.689  1.00 16.93 ? 98   ILE B O   1 
ATOM   748  C CB  . ILE B 2 27 ? 3.492   6.231   -3.607  1.00 14.26 ? 98   ILE B CB  1 
ATOM   749  C CG1 . ILE B 2 27 ? 2.545   5.856   -4.753  1.00 13.64 ? 98   ILE B CG1 1 
ATOM   750  C CG2 . ILE B 2 27 ? 2.817   7.201   -2.647  1.00 14.63 ? 98   ILE B CG2 1 
ATOM   751  C CD1 . ILE B 2 27 ? 1.290   5.144   -4.285  1.00 11.86 ? 98   ILE B CD1 1 
ATOM   752  N N   . VAL B 2 28 ? 6.246   6.339   -2.298  1.00 16.37 ? 99   VAL B N   1 
ATOM   753  C CA  . VAL B 2 28 ? 7.057   6.639   -1.118  1.00 17.05 ? 99   VAL B CA  1 
ATOM   754  C C   . VAL B 2 28 ? 8.334   7.406   -1.446  1.00 20.17 ? 99   VAL B C   1 
ATOM   755  O O   . VAL B 2 28 ? 8.940   8.022   -0.566  1.00 21.79 ? 99   VAL B O   1 
ATOM   756  C CB  . VAL B 2 28 ? 7.405   5.334   -0.340  1.00 14.12 ? 99   VAL B CB  1 
ATOM   757  C CG1 . VAL B 2 28 ? 8.477   4.543   -1.075  1.00 16.23 ? 99   VAL B CG1 1 
ATOM   758  C CG2 . VAL B 2 28 ? 7.835   5.669   1.076   1.00 15.56 ? 99   VAL B CG2 1 
ATOM   759  N N   . SER B 2 29 ? 8.745   7.374   -2.711  1.00 21.22 ? 100  SER B N   1 
ATOM   760  C CA  . SER B 2 29 ? 9.943   8.094   -3.127  1.00 26.30 ? 100  SER B CA  1 
ATOM   761  C C   . SER B 2 29 ? 9.561   9.502   -3.570  1.00 28.64 ? 100  SER B C   1 
ATOM   762  O O   . SER B 2 29 ? 10.418  10.369  -3.724  1.00 29.83 ? 100  SER B O   1 
ATOM   763  C CB  . SER B 2 29 ? 10.615  7.374   -4.295  1.00 26.65 ? 100  SER B CB  1 
ATOM   764  O OG  . SER B 2 29 ? 10.911  6.031   -3.967  1.00 30.52 ? 100  SER B OG  1 
ATOM   765  N N   . ASP B 2 30 ? 8.263   9.716   -3.763  1.00 31.65 ? 101  ASP B N   1 
ATOM   766  C CA  . ASP B 2 30 ? 7.730   10.993  -4.232  1.00 34.84 ? 101  ASP B CA  1 
ATOM   767  C C   . ASP B 2 30 ? 8.197   12.238  -3.479  1.00 35.65 ? 101  ASP B C   1 
ATOM   768  O O   . ASP B 2 30 ? 8.593   13.225  -4.103  1.00 38.13 ? 101  ASP B O   1 
ATOM   769  C CB  . ASP B 2 30 ? 6.196   10.943  -4.237  1.00 36.66 ? 101  ASP B CB  1 
ATOM   770  C CG  . ASP B 2 30 ? 5.580   12.054  -5.067  1.00 39.26 ? 101  ASP B CG  1 
ATOM   771  O OD1 . ASP B 2 30 ? 5.903   12.143  -6.272  1.00 40.04 ? 101  ASP B OD1 1 
ATOM   772  O OD2 . ASP B 2 30 ? 4.773   12.835  -4.516  1.00 39.70 ? 101  ASP B OD2 1 
ATOM   773  N N   . GLY B 2 31 ? 8.148   12.211  -2.151  1.00 33.76 ? 102  GLY B N   1 
ATOM   774  C CA  . GLY B 2 31 ? 8.581   13.379  -1.403  1.00 32.56 ? 102  GLY B CA  1 
ATOM   775  C C   . GLY B 2 31 ? 8.157   13.407  0.054   1.00 30.03 ? 102  GLY B C   1 
ATOM   776  O O   . GLY B 2 31 ? 8.965   13.719  0.929   1.00 31.79 ? 102  GLY B O   1 
ATOM   777  N N   . ASN B 2 32 ? 6.892   13.095  0.318   1.00 27.92 ? 103  ASN B N   1 
ATOM   778  C CA  . ASN B 2 32 ? 6.387   13.085  1.687   1.00 25.83 ? 103  ASN B CA  1 
ATOM   779  C C   . ASN B 2 32 ? 6.494   11.699  2.308   1.00 22.63 ? 103  ASN B C   1 
ATOM   780  O O   . ASN B 2 32 ? 5.931   11.440  3.369   1.00 20.65 ? 103  ASN B O   1 
ATOM   781  C CB  . ASN B 2 32 ? 4.938   13.562  1.724   1.00 28.86 ? 103  ASN B CB  1 
ATOM   782  C CG  . ASN B 2 32 ? 4.808   15.029  1.376   1.00 33.14 ? 103  ASN B CG  1 
ATOM   783  O OD1 . ASN B 2 32 ? 5.414   15.888  2.022   1.00 34.45 ? 103  ASN B OD1 1 
ATOM   784  N ND2 . ASN B 2 32 ? 4.018   15.326  0.351   1.00 35.71 ? 103  ASN B ND2 1 
ATOM   785  N N   . GLY B 2 33 ? 7.231   10.819  1.639   1.00 17.80 ? 104  GLY B N   1 
ATOM   786  C CA  . GLY B 2 33 ? 7.416   9.473   2.141   1.00 17.42 ? 104  GLY B CA  1 
ATOM   787  C C   . GLY B 2 33 ? 6.109   8.745   2.394   1.00 15.39 ? 104  GLY B C   1 
ATOM   788  O O   . GLY B 2 33 ? 5.167   8.857   1.611   1.00 16.00 ? 104  GLY B O   1 
ATOM   789  N N   . MET B 2 34 ? 6.054   8.007   3.497   1.00 14.26 ? 105  MET B N   1 
ATOM   790  C CA  . MET B 2 34 ? 4.863   7.245   3.853   1.00 14.17 ? 105  MET B CA  1 
ATOM   791  C C   . MET B 2 34 ? 3.716   8.081   4.403   1.00 13.05 ? 105  MET B C   1 
ATOM   792  O O   . MET B 2 34 ? 2.627   7.561   4.652   1.00 12.81 ? 105  MET B O   1 
ATOM   793  C CB  . MET B 2 34 ? 5.223   6.133   4.838   1.00 12.58 ? 105  MET B CB  1 
ATOM   794  C CG  . MET B 2 34 ? 5.910   4.954   4.162   1.00 13.67 ? 105  MET B CG  1 
ATOM   795  S SD  . MET B 2 34 ? 5.907   3.439   5.149   1.00 16.54 ? 105  MET B SD  1 
ATOM   796  C CE  . MET B 2 34 ? 4.213   2.831   4.840   1.00 13.66 ? 105  MET B CE  1 
ATOM   797  N N   . ASN B 2 35 ? 3.956   9.374   4.597   1.00 14.33 ? 106  ASN B N   1 
ATOM   798  C CA  . ASN B 2 35 ? 2.905   10.257  5.083   1.00 14.12 ? 106  ASN B CA  1 
ATOM   799  C C   . ASN B 2 35 ? 1.807   10.339  4.016   1.00 14.32 ? 106  ASN B C   1 
ATOM   800  O O   . ASN B 2 35 ? 0.717   10.853  4.270   1.00 14.20 ? 106  ASN B O   1 
ATOM   801  C CB  . ASN B 2 35 ? 3.480   11.652  5.383   1.00 14.47 ? 106  ASN B CB  1 
ATOM   802  C CG  . ASN B 2 35 ? 4.386   11.659  6.604   1.00 14.66 ? 106  ASN B CG  1 
ATOM   803  O OD1 . ASN B 2 35 ? 3.938   11.396  7.721   1.00 14.89 ? 106  ASN B OD1 1 
ATOM   804  N ND2 . ASN B 2 35 ? 5.668   11.952  6.395   1.00 12.77 ? 106  ASN B ND2 1 
ATOM   805  N N   . ALA B 2 36 ? 2.102   9.826   2.821   1.00 13.65 ? 107  ALA B N   1 
ATOM   806  C CA  . ALA B 2 36 ? 1.141   9.826   1.717   1.00 16.57 ? 107  ALA B CA  1 
ATOM   807  C C   . ALA B 2 36 ? -0.016  8.876   2.024   1.00 16.20 ? 107  ALA B C   1 
ATOM   808  O O   . ALA B 2 36 ? -1.067  8.932   1.388   1.00 17.54 ? 107  ALA B O   1 
ATOM   809  C CB  . ALA B 2 36 ? 1.830   9.409   0.421   1.00 16.96 ? 107  ALA B CB  1 
ATOM   810  N N   . TRP B 2 37 ? 0.190   8.002   3.001   1.00 14.15 ? 108  TRP B N   1 
ATOM   811  C CA  . TRP B 2 37 ? -0.834  7.051   3.408   1.00 13.02 ? 108  TRP B CA  1 
ATOM   812  C C   . TRP B 2 37 ? -1.434  7.523   4.724   1.00 13.59 ? 108  TRP B C   1 
ATOM   813  O O   . TRP B 2 37 ? -0.795  7.449   5.778   1.00 13.96 ? 108  TRP B O   1 
ATOM   814  C CB  . TRP B 2 37 ? -0.229  5.654   3.560   1.00 12.58 ? 108  TRP B CB  1 
ATOM   815  C CG  . TRP B 2 37 ? -0.063  4.927   2.243   1.00 10.56 ? 108  TRP B CG  1 
ATOM   816  C CD1 . TRP B 2 37 ? -1.031  4.265   1.539   1.00 12.46 ? 108  TRP B CD1 1 
ATOM   817  C CD2 . TRP B 2 37 ? 1.147   4.780   1.493   1.00 10.99 ? 108  TRP B CD2 1 
ATOM   818  N NE1 . TRP B 2 37 ? -0.496  3.709   0.402   1.00 12.67 ? 108  TRP B NE1 1 
ATOM   819  C CE2 . TRP B 2 37 ? 0.840   4.010   0.349   1.00 12.98 ? 108  TRP B CE2 1 
ATOM   820  C CE3 . TRP B 2 37 ? 2.465   5.224   1.676   1.00 13.75 ? 108  TRP B CE3 1 
ATOM   821  C CZ2 . TRP B 2 37 ? 1.803   3.674   -0.608  1.00 13.53 ? 108  TRP B CZ2 1 
ATOM   822  C CZ3 . TRP B 2 37 ? 3.424   4.886   0.719   1.00 10.91 ? 108  TRP B CZ3 1 
ATOM   823  C CH2 . TRP B 2 37 ? 3.084   4.119   -0.405  1.00 9.67  ? 108  TRP B CH2 1 
ATOM   824  N N   . VAL B 2 38 ? -2.666  8.020   4.647   1.00 12.23 ? 109  VAL B N   1 
ATOM   825  C CA  . VAL B 2 38 ? -3.369  8.547   5.811   1.00 12.76 ? 109  VAL B CA  1 
ATOM   826  C C   . VAL B 2 38 ? -3.404  7.630   7.026   1.00 11.88 ? 109  VAL B C   1 
ATOM   827  O O   . VAL B 2 38 ? -3.202  8.080   8.148   1.00 13.85 ? 109  VAL B O   1 
ATOM   828  C CB  . VAL B 2 38 ? -4.831  8.933   5.454   1.00 11.45 ? 109  VAL B CB  1 
ATOM   829  C CG1 . VAL B 2 38 ? -5.482  9.650   6.632   0.48 10.37 ? 109  VAL B CG1 1 
ATOM   830  C CG2 . VAL B 2 38 ? -4.848  9.826   4.220   0.48 8.43  ? 109  VAL B CG2 1 
ATOM   831  N N   . ALA B 2 39 ? -3.662  6.347   6.810   1.00 12.25 ? 110  ALA B N   1 
ATOM   832  C CA  . ALA B 2 39 ? -3.740  5.403   7.917   1.00 13.29 ? 110  ALA B CA  1 
ATOM   833  C C   . ALA B 2 39 ? -2.380  5.169   8.568   1.00 14.45 ? 110  ALA B C   1 
ATOM   834  O O   . ALA B 2 39 ? -2.292  4.967   9.778   1.00 14.68 ? 110  ALA B O   1 
ATOM   835  C CB  . ALA B 2 39 ? -4.323  4.080   7.430   1.00 13.51 ? 110  ALA B CB  1 
ATOM   836  N N   . TRP B 2 40 ? -1.323  5.172   7.761   1.00 13.75 ? 111  TRP B N   1 
ATOM   837  C CA  . TRP B 2 40 ? 0.017   4.980   8.296   1.00 13.46 ? 111  TRP B CA  1 
ATOM   838  C C   . TRP B 2 40 ? 0.327   6.140   9.238   1.00 14.56 ? 111  TRP B C   1 
ATOM   839  O O   . TRP B 2 40 ? 0.719   5.944   10.390  1.00 12.92 ? 111  TRP B O   1 
ATOM   840  C CB  . TRP B 2 40 ? 1.065   4.960   7.177   1.00 13.27 ? 111  TRP B CB  1 
ATOM   841  C CG  . TRP B 2 40 ? 2.462   4.815   7.717   1.00 13.41 ? 111  TRP B CG  1 
ATOM   842  C CD1 . TRP B 2 40 ? 3.038   3.677   8.206   1.00 13.94 ? 111  TRP B CD1 1 
ATOM   843  C CD2 . TRP B 2 40 ? 3.417   5.868   7.924   1.00 14.50 ? 111  TRP B CD2 1 
ATOM   844  N NE1 . TRP B 2 40 ? 4.291   3.955   8.709   1.00 14.37 ? 111  TRP B NE1 1 
ATOM   845  C CE2 . TRP B 2 40 ? 4.547   5.291   8.549   1.00 12.83 ? 111  TRP B CE2 1 
ATOM   846  C CE3 . TRP B 2 40 ? 3.426   7.244   7.644   1.00 12.57 ? 111  TRP B CE3 1 
ATOM   847  C CZ2 . TRP B 2 40 ? 5.674   6.042   8.901   1.00 16.75 ? 111  TRP B CZ2 1 
ATOM   848  C CZ3 . TRP B 2 40 ? 4.546   7.990   7.991   1.00 13.93 ? 111  TRP B CZ3 1 
ATOM   849  C CH2 . TRP B 2 40 ? 5.657   7.385   8.615   1.00 16.43 ? 111  TRP B CH2 1 
ATOM   850  N N   . ARG B 2 41 ? 0.145   7.352   8.725   1.00 16.27 ? 112  ARG B N   1 
ATOM   851  C CA  . ARG B 2 41 ? 0.409   8.570   9.476   1.00 17.63 ? 112  ARG B CA  1 
ATOM   852  C C   . ARG B 2 41 ? -0.425  8.702   10.753  1.00 17.87 ? 112  ARG B C   1 
ATOM   853  O O   . ARG B 2 41 ? 0.059   9.224   11.758  1.00 16.45 ? 112  ARG B O   1 
ATOM   854  C CB  . ARG B 2 41 ? 0.168   9.782   8.569   1.00 21.06 ? 112  ARG B CB  1 
ATOM   855  C CG  . ARG B 2 41 ? 0.472   11.124  9.201   1.00 27.72 ? 112  ARG B CG  1 
ATOM   856  C CD  . ARG B 2 41 ? 0.323   12.243  8.174   1.00 30.58 ? 112  ARG B CD  1 
ATOM   857  N NE  . ARG B 2 41 ? -0.986  12.219  7.523   1.00 32.97 ? 112  ARG B NE  1 
ATOM   858  C CZ  . ARG B 2 41 ? -2.147  12.389  8.151   1.00 35.66 ? 112  ARG B CZ  1 
ATOM   859  N NH1 . ARG B 2 41 ? -2.178  12.603  9.464   1.00 35.92 ? 112  ARG B NH1 1 
ATOM   860  N NH2 . ARG B 2 41 ? -3.283  12.349  7.465   1.00 36.77 ? 112  ARG B NH2 1 
ATOM   861  N N   . ASN B 2 42 ? -1.668  8.227   10.724  1.00 15.88 ? 113  ASN B N   1 
ATOM   862  C CA  . ASN B 2 42 ? -2.526  8.338   11.901  1.00 17.61 ? 113  ASN B CA  1 
ATOM   863  C C   . ASN B 2 42 ? -2.533  7.133   12.835  1.00 18.12 ? 113  ASN B C   1 
ATOM   864  O O   . ASN B 2 42 ? -2.879  7.263   14.012  1.00 19.11 ? 113  ASN B O   1 
ATOM   865  C CB  . ASN B 2 42 ? -3.976  8.648   11.485  1.00 18.53 ? 113  ASN B CB  1 
ATOM   866  C CG  . ASN B 2 42 ? -4.134  10.039  10.892  1.00 20.21 ? 113  ASN B CG  1 
ATOM   867  O OD1 . ASN B 2 42 ? -3.431  10.972  11.283  1.00 22.21 ? 113  ASN B OD1 1 
ATOM   868  N ND2 . ASN B 2 42 ? -5.069  10.189  9.961   1.00 19.28 ? 113  ASN B ND2 1 
ATOM   869  N N   . ARG B 2 43 ? -2.138  5.965   12.335  1.00 16.96 ? 114  ARG B N   1 
ATOM   870  C CA  . ARG B 2 43 ? -2.179  4.772   13.174  1.00 16.48 ? 114  ARG B CA  1 
ATOM   871  C C   . ARG B 2 43 ? -0.893  3.955   13.291  1.00 17.30 ? 114  ARG B C   1 
ATOM   872  O O   . ARG B 2 43 ? -0.813  3.049   14.123  1.00 15.38 ? 114  ARG B O   1 
ATOM   873  C CB  . ARG B 2 43 ? -3.318  3.886   12.679  1.00 17.05 ? 114  ARG B CB  1 
ATOM   874  C CG  . ARG B 2 43 ? -4.579  4.702   12.400  1.00 17.24 ? 114  ARG B CG  1 
ATOM   875  C CD  . ARG B 2 43 ? -5.733  3.853   11.951  1.00 19.48 ? 114  ARG B CD  1 
ATOM   876  N NE  . ARG B 2 43 ? -6.176  2.919   12.981  1.00 18.41 ? 114  ARG B NE  1 
ATOM   877  C CZ  . ARG B 2 43 ? -7.247  2.145   12.847  1.00 20.04 ? 114  ARG B CZ  1 
ATOM   878  N NH1 . ARG B 2 43 ? -7.972  2.205   11.731  1.00 19.48 ? 114  ARG B NH1 1 
ATOM   879  N NH2 . ARG B 2 43 ? -7.591  1.307   13.814  1.00 19.36 ? 114  ARG B NH2 1 
ATOM   880  N N   . CYS B 2 44 ? 0.109   4.277   12.475  1.00 14.85 ? 115  CYS B N   1 
ATOM   881  C CA  . CYS B 2 44 ? 1.372   3.542   12.501  1.00 15.12 ? 115  CYS B CA  1 
ATOM   882  C C   . CYS B 2 44 ? 2.553   4.398   12.917  1.00 16.03 ? 115  CYS B C   1 
ATOM   883  O O   . CYS B 2 44 ? 3.353   3.999   13.767  1.00 13.37 ? 115  CYS B O   1 
ATOM   884  C CB  . CYS B 2 44 ? 1.656   2.944   11.125  1.00 12.82 ? 115  CYS B CB  1 
ATOM   885  S SG  . CYS B 2 44 ? 0.327   1.853   10.554  1.00 13.40 ? 115  CYS B SG  1 
ATOM   886  N N   . LYS B 2 45 ? 2.657   5.574   12.308  1.00 16.17 ? 116  LYS B N   1 
ATOM   887  C CA  . LYS B 2 45 ? 3.744   6.501   12.589  1.00 17.65 ? 116  LYS B CA  1 
ATOM   888  C C   . LYS B 2 45 ? 3.901   6.744   14.082  1.00 18.61 ? 116  LYS B C   1 
ATOM   889  O O   . LYS B 2 45 ? 2.927   7.032   14.776  1.00 18.60 ? 116  LYS B O   1 
ATOM   890  C CB  . LYS B 2 45 ? 3.491   7.833   11.874  1.00 16.61 ? 116  LYS B CB  1 
ATOM   891  C CG  . LYS B 2 45 ? 4.660   8.809   11.928  1.00 17.25 ? 116  LYS B CG  1 
ATOM   892  C CD  . LYS B 2 45 ? 4.356   10.071  11.123  1.00 20.11 ? 116  LYS B CD  1 
ATOM   893  C CE  . LYS B 2 45 ? 5.561   11.009  11.085  1.00 19.84 ? 116  LYS B CE  1 
ATOM   894  N NZ  . LYS B 2 45 ? 5.286   12.252  10.316  1.00 20.64 ? 116  LYS B NZ  1 
ATOM   895  N N   . GLY B 2 46 ? 5.130   6.612   14.571  1.00 20.95 ? 117  GLY B N   1 
ATOM   896  C CA  . GLY B 2 46 ? 5.397   6.842   15.981  1.00 22.87 ? 117  GLY B CA  1 
ATOM   897  C C   . GLY B 2 46 ? 4.983   5.736   16.935  1.00 24.31 ? 117  GLY B C   1 
ATOM   898  O O   . GLY B 2 46 ? 4.986   5.938   18.150  1.00 25.73 ? 117  GLY B O   1 
ATOM   899  N N   . THR B 2 47 ? 4.625   4.572   16.403  1.00 23.82 ? 118  THR B N   1 
ATOM   900  C CA  . THR B 2 47 ? 4.223   3.450   17.245  1.00 22.41 ? 118  THR B CA  1 
ATOM   901  C C   . THR B 2 47 ? 5.256   2.343   17.083  1.00 22.90 ? 118  THR B C   1 
ATOM   902  O O   . THR B 2 47 ? 6.123   2.425   16.219  1.00 20.25 ? 118  THR B O   1 
ATOM   903  C CB  . THR B 2 47 ? 2.833   2.900   16.841  1.00 23.86 ? 118  THR B CB  1 
ATOM   904  O OG1 . THR B 2 47 ? 2.933   2.193   15.599  1.00 22.72 ? 118  THR B OG1 1 
ATOM   905  C CG2 . THR B 2 47 ? 1.830   4.039   16.689  1.00 22.70 ? 118  THR B CG2 1 
ATOM   906  N N   . ASP B 2 48 ? 5.179   1.312   17.915  1.00 23.75 ? 119  ASP B N   1 
ATOM   907  C CA  . ASP B 2 48 ? 6.129   0.215   17.791  1.00 26.10 ? 119  ASP B CA  1 
ATOM   908  C C   . ASP B 2 48 ? 5.681   -0.659  16.624  1.00 24.38 ? 119  ASP B C   1 
ATOM   909  O O   . ASP B 2 48 ? 4.970   -1.648  16.808  1.00 24.33 ? 119  ASP B O   1 
ATOM   910  C CB  . ASP B 2 48 ? 6.189   -0.600  19.091  1.00 30.82 ? 119  ASP B CB  1 
ATOM   911  C CG  . ASP B 2 48 ? 7.152   -1.783  19.001  1.00 34.37 ? 119  ASP B CG  1 
ATOM   912  O OD1 . ASP B 2 48 ? 8.199   -1.665  18.322  1.00 34.76 ? 119  ASP B OD1 1 
ATOM   913  O OD2 . ASP B 2 48 ? 6.863   -2.828  19.626  1.00 38.63 ? 119  ASP B OD2 1 
ATOM   914  N N   . VAL B 2 49 ? 6.093   -0.274  15.418  1.00 23.69 ? 120  VAL B N   1 
ATOM   915  C CA  . VAL B 2 49 ? 5.724   -1.006  14.211  1.00 22.53 ? 120  VAL B CA  1 
ATOM   916  C C   . VAL B 2 49 ? 6.381   -2.379  14.085  1.00 23.99 ? 120  VAL B C   1 
ATOM   917  O O   . VAL B 2 49 ? 5.925   -3.208  13.298  1.00 21.50 ? 120  VAL B O   1 
ATOM   918  C CB  . VAL B 2 49 ? 6.041   -0.186  12.932  1.00 22.10 ? 120  VAL B CB  1 
ATOM   919  C CG1 . VAL B 2 49 ? 5.116   1.017   12.843  1.00 20.38 ? 120  VAL B CG1 1 
ATOM   920  C CG2 . VAL B 2 49 ? 7.488   0.268   12.948  1.00 23.37 ? 120  VAL B CG2 1 
ATOM   921  N N   . GLN B 2 50 ? 7.438   -2.626  14.857  1.00 22.76 ? 121  GLN B N   1 
ATOM   922  C CA  . GLN B 2 50 ? 8.129   -3.914  14.809  1.00 25.18 ? 121  GLN B CA  1 
ATOM   923  C C   . GLN B 2 50 ? 7.157   -5.005  15.245  1.00 23.67 ? 121  GLN B C   1 
ATOM   924  O O   . GLN B 2 50 ? 7.278   -6.168  14.849  1.00 22.21 ? 121  GLN B O   1 
ATOM   925  C CB  . GLN B 2 50 ? 9.356   -3.899  15.737  1.00 28.57 ? 121  GLN B CB  1 
ATOM   926  C CG  . GLN B 2 50 ? 10.359  -5.042  15.513  1.00 35.64 ? 121  GLN B CG  1 
ATOM   927  C CD  . GLN B 2 50 ? 9.837   -6.409  15.939  1.00 39.86 ? 121  GLN B CD  1 
ATOM   928  O OE1 . GLN B 2 50 ? 9.442   -6.605  17.094  1.00 43.46 ? 121  GLN B OE1 1 
ATOM   929  N NE2 . GLN B 2 50 ? 9.842   -7.363  15.009  1.00 39.60 ? 121  GLN B NE2 1 
ATOM   930  N N   . ALA B 2 51 ? 6.187   -4.611  16.060  1.00 22.12 ? 122  ALA B N   1 
ATOM   931  C CA  . ALA B 2 51 ? 5.176   -5.525  16.567  1.00 22.29 ? 122  ALA B CA  1 
ATOM   932  C C   . ALA B 2 51 ? 4.412   -6.240  15.448  1.00 22.60 ? 122  ALA B C   1 
ATOM   933  O O   . ALA B 2 51 ? 3.955   -7.370  15.625  1.00 21.46 ? 122  ALA B O   1 
ATOM   934  C CB  . ALA B 2 51 ? 4.199   -4.764  17.456  1.00 21.09 ? 122  ALA B CB  1 
ATOM   935  N N   . TRP B 2 52 ? 4.275   -5.589  14.294  1.00 21.44 ? 123  TRP B N   1 
ATOM   936  C CA  . TRP B 2 52 ? 3.541   -6.192  13.184  1.00 22.54 ? 123  TRP B CA  1 
ATOM   937  C C   . TRP B 2 52 ? 4.220   -7.365  12.481  1.00 23.05 ? 123  TRP B C   1 
ATOM   938  O O   . TRP B 2 52 ? 3.576   -8.092  11.724  1.00 23.59 ? 123  TRP B O   1 
ATOM   939  C CB  . TRP B 2 52 ? 3.155   -5.116  12.167  1.00 22.31 ? 123  TRP B CB  1 
ATOM   940  C CG  . TRP B 2 52 ? 2.114   -4.189  12.713  1.00 21.78 ? 123  TRP B CG  1 
ATOM   941  C CD1 . TRP B 2 52 ? 2.319   -2.968  13.294  1.00 23.02 ? 123  TRP B CD1 1 
ATOM   942  C CD2 . TRP B 2 52 ? 0.704   -4.440  12.792  1.00 22.05 ? 123  TRP B CD2 1 
ATOM   943  N NE1 . TRP B 2 52 ? 1.122   -2.444  13.728  1.00 20.57 ? 123  TRP B NE1 1 
ATOM   944  C CE2 . TRP B 2 52 ? 0.117   -3.328  13.433  1.00 22.23 ? 123  TRP B CE2 1 
ATOM   945  C CE3 . TRP B 2 52 ? -0.119  -5.500  12.384  1.00 22.51 ? 123  TRP B CE3 1 
ATOM   946  C CZ2 . TRP B 2 52 ? -1.261  -3.244  13.677  1.00 23.41 ? 123  TRP B CZ2 1 
ATOM   947  C CZ3 . TRP B 2 52 ? -1.487  -5.417  12.627  1.00 23.32 ? 123  TRP B CZ3 1 
ATOM   948  C CH2 . TRP B 2 52 ? -2.043  -4.296  13.268  1.00 24.66 ? 123  TRP B CH2 1 
ATOM   949  N N   . ILE B 2 53 ? 5.509   -7.564  12.727  1.00 23.82 ? 124  ILE B N   1 
ATOM   950  C CA  . ILE B 2 53 ? 6.204   -8.685  12.105  1.00 26.70 ? 124  ILE B CA  1 
ATOM   951  C C   . ILE B 2 53 ? 6.706   -9.672  13.151  1.00 27.44 ? 124  ILE B C   1 
ATOM   952  O O   . ILE B 2 53 ? 7.284   -10.705 12.821  1.00 28.26 ? 124  ILE B O   1 
ATOM   953  C CB  . ILE B 2 53 ? 7.385   -8.214  11.221  1.00 26.39 ? 124  ILE B CB  1 
ATOM   954  C CG1 . ILE B 2 53 ? 8.322   -7.309  12.017  1.00 26.86 ? 124  ILE B CG1 1 
ATOM   955  C CG2 . ILE B 2 53 ? 6.849   -7.490  9.995   1.00 26.71 ? 124  ILE B CG2 1 
ATOM   956  C CD1 . ILE B 2 53 ? 9.527   -6.841  11.222  1.00 29.53 ? 124  ILE B CD1 1 
ATOM   957  N N   . ARG B 2 54 ? 6.471   -9.352  14.417  1.00 29.31 ? 125  ARG B N   1 
ATOM   958  C CA  . ARG B 2 54 ? 6.889   -10.218 15.509  1.00 32.36 ? 125  ARG B CA  1 
ATOM   959  C C   . ARG B 2 54 ? 6.264   -11.605 15.364  1.00 32.40 ? 125  ARG B C   1 
ATOM   960  O O   . ARG B 2 54 ? 5.143   -11.746 14.868  1.00 31.87 ? 125  ARG B O   1 
ATOM   961  C CB  . ARG B 2 54 ? 6.496   -9.583  16.848  1.00 34.57 ? 125  ARG B CB  1 
ATOM   962  C CG  . ARG B 2 54 ? 6.412   -10.549 18.013  1.00 39.69 ? 125  ARG B CG  1 
ATOM   963  C CD  . ARG B 2 54 ? 6.484   -9.804  19.336  1.00 43.97 ? 125  ARG B CD  1 
ATOM   964  N NE  . ARG B 2 54 ? 7.835   -9.304  19.587  1.00 47.21 ? 125  ARG B NE  1 
ATOM   965  C CZ  . ARG B 2 54 ? 8.206   -8.666  20.691  1.00 48.54 ? 125  ARG B CZ  1 
ATOM   966  N NH1 . ARG B 2 54 ? 7.323   -8.445  21.656  1.00 49.92 ? 125  ARG B NH1 1 
ATOM   967  N NH2 . ARG B 2 54 ? 9.462   -8.258  20.837  1.00 48.62 ? 125  ARG B NH2 1 
ATOM   968  N N   . GLY B 2 55 ? 7.001   -12.629 15.782  1.00 31.78 ? 126  GLY B N   1 
ATOM   969  C CA  . GLY B 2 55 ? 6.496   -13.987 15.690  1.00 30.62 ? 126  GLY B CA  1 
ATOM   970  C C   . GLY B 2 55 ? 6.497   -14.561 14.287  1.00 30.09 ? 126  GLY B C   1 
ATOM   971  O O   . GLY B 2 55 ? 6.185   -15.737 14.097  1.00 31.03 ? 126  GLY B O   1 
ATOM   972  N N   . CYS B 2 56 ? 6.846   -13.741 13.300  1.00 28.77 ? 127  CYS B N   1 
ATOM   973  C CA  . CYS B 2 56 ? 6.884   -14.205 11.917  1.00 29.76 ? 127  CYS B CA  1 
ATOM   974  C C   . CYS B 2 56 ? 8.249   -14.769 11.549  1.00 31.11 ? 127  CYS B C   1 
ATOM   975  O O   . CYS B 2 56 ? 9.270   -14.391 12.117  1.00 31.20 ? 127  CYS B O   1 
ATOM   976  C CB  . CYS B 2 56 ? 6.566   -13.072 10.947  1.00 27.22 ? 127  CYS B CB  1 
ATOM   977  S SG  . CYS B 2 56 ? 4.931   -12.293 11.092  1.00 24.75 ? 127  CYS B SG  1 
ATOM   978  N N   . ARG B 2 57 ? 8.262   -15.671 10.577  1.00 33.54 ? 128  ARG B N   1 
ATOM   979  C CA  . ARG B 2 57 ? 9.507   -16.270 10.131  1.00 36.44 ? 128  ARG B CA  1 
ATOM   980  C C   . ARG B 2 57 ? 9.983   -15.542 8.881   1.00 37.19 ? 128  ARG B C   1 
ATOM   981  O O   . ARG B 2 57 ? 9.624   -15.906 7.766   1.00 38.39 ? 128  ARG B O   1 
ATOM   982  C CB  . ARG B 2 57 ? 9.284   -17.754 9.849   1.00 37.91 ? 128  ARG B CB  1 
ATOM   983  C CG  . ARG B 2 57 ? 10.540  -18.541 9.553   1.00 41.06 ? 128  ARG B CG  1 
ATOM   984  C CD  . ARG B 2 57 ? 10.377  -19.961 10.063  1.00 44.50 ? 128  ARG B CD  1 
ATOM   985  N NE  . ARG B 2 57 ? 9.074   -20.515 9.714   1.00 46.83 ? 128  ARG B NE  1 
ATOM   986  C CZ  . ARG B 2 57 ? 8.555   -21.610 10.258  1.00 48.52 ? 128  ARG B CZ  1 
ATOM   987  N NH1 . ARG B 2 57 ? 9.230   -22.279 11.186  1.00 49.28 ? 128  ARG B NH1 1 
ATOM   988  N NH2 . ARG B 2 57 ? 7.356   -22.036 9.877   1.00 48.12 ? 128  ARG B NH2 1 
ATOM   989  N N   . LEU B 2 58 ? 10.783  -14.498 9.083   1.00 39.15 ? 129  LEU B N   1 
ATOM   990  C CA  . LEU B 2 58 ? 11.312  -13.695 7.984   1.00 41.11 ? 129  LEU B CA  1 
ATOM   991  C C   . LEU B 2 58 ? 12.739  -14.072 7.612   1.00 42.12 ? 129  LEU B C   1 
ATOM   992  O O   . LEU B 2 58 ? 13.009  -14.177 6.396   1.00 43.34 ? 129  LEU B O   1 
ATOM   993  C CB  . LEU B 2 58 ? 11.263  -12.204 8.338   1.00 40.61 ? 129  LEU B CB  1 
ATOM   994  C CG  . LEU B 2 58 ? 9.922   -11.481 8.194   1.00 42.23 ? 129  LEU B CG  1 
ATOM   995  C CD1 . LEU B 2 58 ? 9.482   -11.487 6.738   1.00 40.02 ? 129  LEU B CD1 1 
ATOM   996  C CD2 . LEU B 2 58 ? 8.887   -12.150 9.067   1.00 42.00 ? 129  LEU B CD2 1 
ATOM   997  O OXT . LEU B 2 58 ? 13.569  -14.235 8.533   1.00 42.83 ? 129  LEU B OXT 1 
HETATM 998  O O   . HOH C 3 .  ? -9.075  -12.786 -4.706  1.00 36.79 ? 2001 HOH A O   1 
HETATM 999  O O   . HOH C 3 .  ? -10.320 -10.690 -1.260  1.00 15.46 ? 2002 HOH A O   1 
HETATM 1000 O O   . HOH C 3 .  ? -4.217  -15.844 2.820   1.00 38.09 ? 2003 HOH A O   1 
HETATM 1001 O O   . HOH C 3 .  ? -8.316  -14.706 0.835   1.00 36.94 ? 2004 HOH A O   1 
HETATM 1002 O O   . HOH C 3 .  ? -0.101  -14.257 10.296  1.00 37.91 ? 2005 HOH A O   1 
HETATM 1003 O O   . HOH C 3 .  ? 0.177   -15.664 7.662   1.00 31.85 ? 2006 HOH A O   1 
HETATM 1004 O O   . HOH C 3 .  ? 3.750   -14.825 1.553   1.00 28.59 ? 2007 HOH A O   1 
HETATM 1005 O O   . HOH C 3 .  ? -1.934  -16.894 6.048   1.00 35.02 ? 2008 HOH A O   1 
HETATM 1006 O O   . HOH C 3 .  ? 12.918  -6.396  1.540   1.00 25.10 ? 2009 HOH A O   1 
HETATM 1007 O O   . HOH C 3 .  ? 3.120   -11.166 -5.070  1.00 29.15 ? 2010 HOH A O   1 
HETATM 1008 O O   . HOH C 3 .  ? 15.177  -3.327  1.063   1.00 48.91 ? 2011 HOH A O   1 
HETATM 1009 O O   . HOH C 3 .  ? -17.304 9.450   -15.136 1.00 40.64 ? 2012 HOH A O   1 
HETATM 1010 O O   . HOH C 3 .  ? 12.938  7.167   6.091   1.00 25.09 ? 2013 HOH A O   1 
HETATM 1011 O O   . HOH C 3 .  ? 13.408  8.675   3.846   1.00 37.95 ? 2014 HOH A O   1 
HETATM 1012 O O   . HOH C 3 .  ? 15.535  3.410   9.479   1.00 37.58 ? 2015 HOH A O   1 
HETATM 1013 O O   . HOH C 3 .  ? 10.798  9.768   3.816   1.00 20.57 ? 2016 HOH A O   1 
HETATM 1014 O O   . HOH C 3 .  ? 9.640   -3.537  11.667  1.00 25.98 ? 2017 HOH A O   1 
HETATM 1015 O O   . HOH C 3 .  ? 7.288   4.848   12.069  1.00 38.96 ? 2018 HOH A O   1 
HETATM 1016 O O   . HOH C 3 .  ? 10.022  2.492   12.327  1.00 30.06 ? 2019 HOH A O   1 
HETATM 1017 O O   . HOH C 3 .  ? -4.259  6.663   2.745   1.00 28.69 ? 2020 HOH A O   1 
HETATM 1018 O O   . HOH C 3 .  ? -11.300 -4.833  3.240   1.00 18.55 ? 2021 HOH A O   1 
HETATM 1019 O O   . HOH C 3 .  ? -13.779 -3.446  -3.048  1.00 17.77 ? 2022 HOH A O   1 
HETATM 1020 O O   . HOH C 3 .  ? -16.576 3.139   -0.981  1.00 31.28 ? 2023 HOH A O   1 
HETATM 1021 O O   . HOH C 3 .  ? -12.878 6.688   -9.145  1.00 12.15 ? 2024 HOH A O   1 
HETATM 1022 O O   . HOH C 3 .  ? -17.155 9.616   -11.571 1.00 47.83 ? 2025 HOH A O   1 
HETATM 1023 O O   . HOH C 3 .  ? -7.050  12.638  -4.835  1.00 35.71 ? 2026 HOH A O   1 
HETATM 1024 O O   . HOH C 3 .  ? -8.232  16.056  -4.427  1.00 27.10 ? 2027 HOH A O   1 
HETATM 1025 O O   . HOH C 3 .  ? -8.956  4.456   1.611   1.00 32.43 ? 2028 HOH A O   1 
HETATM 1026 O O   . HOH C 3 .  ? -2.635  -1.097  -3.392  1.00 21.23 ? 2029 HOH A O   1 
HETATM 1027 O O   . HOH C 3 .  ? -3.423  -4.995  -3.642  1.00 38.26 ? 2030 HOH A O   1 
HETATM 1028 O O   . HOH C 3 .  ? -3.764  6.051   0.182   1.00 37.56 ? 2031 HOH A O   1 
HETATM 1029 O O   . HOH C 3 .  ? -2.510  6.746   -3.165  1.00 19.82 ? 2032 HOH A O   1 
HETATM 1030 O O   . HOH C 3 .  ? -8.053  7.426   -13.211 1.00 22.64 ? 2033 HOH A O   1 
HETATM 1031 O O   . HOH C 3 .  ? -9.822  8.462   -15.539 1.00 38.24 ? 2034 HOH A O   1 
HETATM 1032 O O   . HOH C 3 .  ? -7.062  1.189   -18.155 1.00 39.81 ? 2035 HOH A O   1 
HETATM 1033 O O   . HOH C 3 .  ? -9.773  3.634   -18.803 1.00 22.19 ? 2036 HOH A O   1 
HETATM 1034 O O   . HOH C 3 .  ? -18.738 4.685   -12.415 1.00 26.26 ? 2037 HOH A O   1 
HETATM 1035 O O   . HOH D 3 .  ? -0.494  2.262   18.432  1.00 31.65 ? 2001 HOH B O   1 
HETATM 1036 O O   . HOH D 3 .  ? -0.083  4.605   -19.471 1.00 44.15 ? 2002 HOH B O   1 
HETATM 1037 O O   . HOH D 3 .  ? -7.419  -7.626  -10.820 1.00 45.45 ? 2003 HOH B O   1 
HETATM 1038 O O   . HOH D 3 .  ? -9.144  -3.257  -16.104 1.00 23.51 ? 2004 HOH B O   1 
HETATM 1039 O O   . HOH D 3 .  ? -1.655  -6.864  -11.133 1.00 29.70 ? 2005 HOH B O   1 
HETATM 1040 O O   . HOH D 3 .  ? -1.225  -5.609  -7.052  1.00 15.31 ? 2006 HOH B O   1 
HETATM 1041 O O   . HOH D 3 .  ? -2.358  -6.577  -5.153  1.00 25.49 ? 2007 HOH B O   1 
HETATM 1042 O O   . HOH D 3 .  ? -0.860  -13.896 -2.886  1.00 32.09 ? 2008 HOH B O   1 
HETATM 1043 O O   . HOH D 3 .  ? 1.596   -12.193 -3.456  1.00 33.34 ? 2009 HOH B O   1 
HETATM 1044 O O   . HOH D 3 .  ? 0.382   -7.547  -9.483  1.00 24.76 ? 2010 HOH B O   1 
HETATM 1045 O O   . HOH D 3 .  ? 8.614   1.162   -8.968  1.00 34.21 ? 2011 HOH B O   1 
HETATM 1046 O O   . HOH D 3 .  ? 13.276  -2.231  -5.513  1.00 38.63 ? 2012 HOH B O   1 
HETATM 1047 O O   . HOH D 3 .  ? 5.017   10.208  -0.747  1.00 24.83 ? 2013 HOH B O   1 
HETATM 1048 O O   . HOH D 3 .  ? 10.699  9.895   0.379   1.00 23.54 ? 2014 HOH B O   1 
HETATM 1049 O O   . HOH D 3 .  ? -1.794  11.995  5.157   1.00 41.84 ? 2015 HOH B O   1 
HETATM 1050 O O   . HOH D 3 .  ? -1.366  6.393   -0.809  1.00 41.56 ? 2016 HOH B O   1 
HETATM 1051 O O   . HOH D 3 .  ? 0.288   7.343   14.812  1.00 23.33 ? 2017 HOH B O   1 
HETATM 1052 O O   . HOH D 3 .  ? -2.303  1.807   16.218  1.00 26.22 ? 2018 HOH B O   1 
HETATM 1053 O O   . HOH D 3 .  ? -4.784  2.363   15.771  1.00 23.29 ? 2019 HOH B O   1 
HETATM 1054 O O   . HOH D 3 .  ? -9.502  -0.658  12.860  1.00 21.82 ? 2020 HOH B O   1 
HETATM 1055 O O   . HOH D 3 .  ? 3.542   13.379  12.508  1.00 31.26 ? 2021 HOH B O   1 
HETATM 1056 O O   . HOH D 3 .  ? 3.462   1.721   19.895  1.00 37.12 ? 2022 HOH B O   1 
HETATM 1057 O O   . HOH D 3 .  ? 7.560   -5.743  19.048  1.00 25.46 ? 2023 HOH B O   1 
HETATM 1058 O O   . HOH D 3 .  ? 9.935   -11.750 12.917  1.00 33.32 ? 2024 HOH B O   1 
HETATM 1059 O O   . HOH D 3 .  ? 10.852  -5.674  20.701  1.00 50.87 ? 2025 HOH B O   1 
HETATM 1060 O O   . HOH D 3 .  ? 12.271  -14.904 11.200  1.00 34.11 ? 2026 HOH B O   1 
HETATM 1061 O O   . HOH D 3 .  ? 5.631   -16.970 9.952   1.00 34.10 ? 2027 HOH B O   1 
HETATM 1062 O O   . HOH D 3 .  ? 12.596  -21.171 11.243  1.00 37.49 ? 2028 HOH B O   1 
# 
